data_6IEP
#
_entry.id   6IEP
#
_cell.length_a   88.580
_cell.length_b   124.420
_cell.length_c   125.310
_cell.angle_alpha   90.00
_cell.angle_beta   90.00
_cell.angle_gamma   90.00
#
_symmetry.space_group_name_H-M   'P 21 21 21'
#
loop_
_entity.id
_entity.type
_entity.pdbx_description
1 polymer 'Glyceraldehyde-3-phosphate dehydrogenase'
2 water water
#
_entity_poly.entity_id   1
_entity_poly.type   'polypeptide(L)'
_entity_poly.pdbx_seq_one_letter_code
;MVVKVGINGFGRIGRLAFRRIQNVEGVEVTRINDLTDPNMLAHLLKYDTTQGRFDGTVEVKEGGFEVNGQFVKVSAEREP
ANIDWATDGVEIVLEATGFFASKEKAEQHIHENGAKKVVITAPGGNDVKTVVFNTNHDILDGTETVISGASCTTNCLAPM
AKALQDNFGVKQGLMTTIHAYTGDQMILDGPHRGGDLRRARAGAANIVPNSTGAAKAIGLVIPELNGKLDGAAQRVPVPT
GSVTELVATLEKDVTVEEVNAAMKAAANDSYGYTEDPIVSSDIVGISYGSLFDATQTKVQTVDGNQLVKVVSWYDNEMSY
TSQLVRTLEYFAKIAKLEHHHHHH
;
_entity_poly.pdbx_strand_id   A,B,C,D
#
# COMPACT_ATOMS: atom_id res chain seq x y z
N VAL A 2 -23.87 -37.27 2.40
CA VAL A 2 -23.12 -36.19 1.69
C VAL A 2 -23.99 -34.95 1.50
N VAL A 3 -23.79 -33.94 2.34
CA VAL A 3 -24.55 -32.70 2.28
C VAL A 3 -24.31 -31.93 0.97
N LYS A 4 -25.33 -31.87 0.12
CA LYS A 4 -25.26 -31.17 -1.18
C LYS A 4 -25.56 -29.68 -1.04
N VAL A 5 -24.58 -28.84 -1.34
CA VAL A 5 -24.77 -27.39 -1.21
C VAL A 5 -24.96 -26.62 -2.53
N GLY A 6 -25.75 -25.56 -2.44
CA GLY A 6 -25.98 -24.69 -3.59
C GLY A 6 -25.56 -23.28 -3.19
N ILE A 7 -24.77 -22.61 -4.03
CA ILE A 7 -24.34 -21.25 -3.71
C ILE A 7 -24.95 -20.19 -4.61
N ASN A 8 -25.65 -19.25 -3.99
CA ASN A 8 -26.25 -18.17 -4.75
C ASN A 8 -25.41 -16.93 -4.45
N GLY A 9 -24.71 -16.47 -5.48
CA GLY A 9 -23.84 -15.31 -5.35
C GLY A 9 -22.40 -15.82 -5.26
N PHE A 10 -21.65 -15.66 -6.33
CA PHE A 10 -20.27 -16.12 -6.36
C PHE A 10 -19.28 -14.97 -6.21
N GLY A 11 -19.47 -14.18 -5.15
CA GLY A 11 -18.59 -13.06 -4.84
C GLY A 11 -17.48 -13.57 -3.94
N ARG A 12 -16.85 -12.70 -3.15
CA ARG A 12 -15.76 -13.14 -2.27
C ARG A 12 -16.19 -14.30 -1.35
N ILE A 13 -17.31 -14.15 -0.66
CA ILE A 13 -17.77 -15.19 0.24
C ILE A 13 -18.10 -16.47 -0.54
N GLY A 14 -18.96 -16.33 -1.55
CA GLY A 14 -19.36 -17.46 -2.36
C GLY A 14 -18.21 -18.31 -2.85
N ARG A 15 -17.21 -17.65 -3.43
CA ARG A 15 -16.03 -18.33 -3.95
C ARG A 15 -15.21 -18.98 -2.83
N LEU A 16 -15.01 -18.28 -1.73
CA LEU A 16 -14.22 -18.83 -0.64
C LEU A 16 -14.99 -19.97 0.03
N ALA A 17 -16.33 -19.87 0.02
CA ALA A 17 -17.17 -20.91 0.59
C ALA A 17 -16.94 -22.17 -0.27
N PHE A 18 -16.96 -21.98 -1.59
CA PHE A 18 -16.75 -23.10 -2.50
C PHE A 18 -15.38 -23.72 -2.23
N ARG A 19 -14.37 -22.86 -2.09
CA ARG A 19 -13.01 -23.32 -1.82
C ARG A 19 -12.91 -24.14 -0.53
N ARG A 20 -13.45 -23.61 0.58
CA ARG A 20 -13.43 -24.30 1.87
C ARG A 20 -14.06 -25.67 1.76
N ILE A 21 -15.24 -25.71 1.15
CA ILE A 21 -15.97 -26.95 0.98
C ILE A 21 -15.09 -28.06 0.38
N GLN A 22 -14.10 -27.69 -0.43
CA GLN A 22 -13.23 -28.67 -1.06
C GLN A 22 -12.40 -29.46 -0.04
N ASN A 23 -12.21 -28.89 1.14
CA ASN A 23 -11.43 -29.54 2.19
C ASN A 23 -12.32 -29.98 3.33
N VAL A 24 -13.62 -30.08 3.06
CA VAL A 24 -14.57 -30.52 4.06
C VAL A 24 -15.25 -31.76 3.51
N GLU A 25 -14.85 -32.91 4.03
CA GLU A 25 -15.40 -34.18 3.58
C GLU A 25 -16.86 -34.31 4.01
N GLY A 26 -17.70 -34.71 3.06
CA GLY A 26 -19.11 -34.86 3.36
C GLY A 26 -19.94 -33.74 2.79
N VAL A 27 -19.28 -32.68 2.34
CA VAL A 27 -19.98 -31.54 1.76
C VAL A 27 -19.45 -31.24 0.36
N GLU A 28 -20.37 -31.01 -0.58
CA GLU A 28 -20.00 -30.69 -1.94
C GLU A 28 -20.95 -29.61 -2.44
N VAL A 29 -20.47 -28.77 -3.35
CA VAL A 29 -21.31 -27.75 -3.94
C VAL A 29 -21.67 -28.32 -5.29
N THR A 30 -22.94 -28.42 -5.62
CA THR A 30 -23.30 -28.98 -6.92
C THR A 30 -23.88 -27.93 -7.85
N ARG A 31 -24.13 -26.74 -7.32
CA ARG A 31 -24.63 -25.67 -8.17
C ARG A 31 -24.28 -24.28 -7.66
N ILE A 32 -24.01 -23.40 -8.62
CA ILE A 32 -23.67 -22.01 -8.33
C ILE A 32 -24.61 -21.17 -9.19
N ASN A 33 -25.24 -20.18 -8.58
CA ASN A 33 -26.12 -19.30 -9.33
C ASN A 33 -25.54 -17.89 -9.21
N ASP A 34 -25.15 -17.33 -10.35
CA ASP A 34 -24.55 -15.99 -10.41
C ASP A 34 -24.87 -15.42 -11.78
N LEU A 35 -25.08 -14.10 -11.86
CA LEU A 35 -25.40 -13.47 -13.13
C LEU A 35 -24.18 -13.16 -13.99
N THR A 36 -22.99 -13.31 -13.42
CA THR A 36 -21.76 -13.01 -14.15
C THR A 36 -21.36 -14.08 -15.15
N ASP A 37 -20.69 -13.66 -16.22
CA ASP A 37 -20.21 -14.57 -17.25
C ASP A 37 -19.39 -15.68 -16.59
N PRO A 38 -19.76 -16.94 -16.83
CA PRO A 38 -19.03 -18.07 -16.23
C PRO A 38 -17.51 -17.95 -16.37
N ASN A 39 -17.05 -17.43 -17.50
CA ASN A 39 -15.63 -17.29 -17.75
C ASN A 39 -14.97 -16.34 -16.76
N MET A 40 -15.67 -15.25 -16.43
CA MET A 40 -15.17 -14.27 -15.47
C MET A 40 -15.07 -14.96 -14.11
N LEU A 41 -16.14 -15.64 -13.72
CA LEU A 41 -16.19 -16.34 -12.44
C LEU A 41 -15.11 -17.43 -12.34
N ALA A 42 -14.93 -18.19 -13.41
CA ALA A 42 -13.93 -19.25 -13.41
C ALA A 42 -12.55 -18.67 -13.15
N HIS A 43 -12.26 -17.57 -13.83
CA HIS A 43 -10.98 -16.90 -13.69
C HIS A 43 -10.76 -16.45 -12.25
N LEU A 44 -11.79 -15.84 -11.65
CA LEU A 44 -11.72 -15.37 -10.27
C LEU A 44 -11.60 -16.51 -9.25
N LEU A 45 -12.04 -17.71 -9.62
CA LEU A 45 -11.92 -18.83 -8.70
C LEU A 45 -10.49 -19.37 -8.78
N LYS A 46 -9.92 -19.37 -9.99
CA LYS A 46 -8.57 -19.87 -10.22
C LYS A 46 -7.51 -19.00 -9.58
N TYR A 47 -7.61 -17.69 -9.81
CA TYR A 47 -6.65 -16.73 -9.32
C TYR A 47 -7.26 -15.79 -8.29
N ASP A 48 -6.65 -15.74 -7.12
CA ASP A 48 -7.13 -14.93 -6.01
C ASP A 48 -5.97 -14.20 -5.35
N THR A 49 -6.02 -12.88 -5.39
CA THR A 49 -4.97 -12.03 -4.83
C THR A 49 -4.61 -12.28 -3.36
N THR A 50 -5.62 -12.35 -2.50
CA THR A 50 -5.35 -12.53 -1.08
C THR A 50 -5.40 -13.97 -0.58
N GLN A 51 -6.21 -14.81 -1.21
CA GLN A 51 -6.31 -16.18 -0.74
C GLN A 51 -5.51 -17.20 -1.56
N GLY A 52 -4.77 -16.73 -2.56
CA GLY A 52 -3.94 -17.62 -3.37
C GLY A 52 -4.58 -18.36 -4.55
N ARG A 53 -3.75 -19.09 -5.29
CA ARG A 53 -4.23 -19.85 -6.44
C ARG A 53 -5.16 -20.96 -5.97
N PHE A 54 -6.19 -21.23 -6.76
CA PHE A 54 -7.10 -22.30 -6.39
C PHE A 54 -6.31 -23.59 -6.28
N ASP A 55 -6.67 -24.43 -5.32
CA ASP A 55 -5.96 -25.69 -5.14
C ASP A 55 -6.55 -26.77 -6.06
N GLY A 56 -6.15 -26.77 -7.33
CA GLY A 56 -6.64 -27.75 -8.26
C GLY A 56 -6.91 -27.24 -9.68
N THR A 57 -7.95 -27.78 -10.32
CA THR A 57 -8.27 -27.39 -11.69
C THR A 57 -9.65 -26.78 -11.82
N VAL A 58 -9.77 -25.79 -12.70
CA VAL A 58 -11.04 -25.15 -12.95
C VAL A 58 -11.22 -24.94 -14.45
N GLU A 59 -12.26 -25.56 -15.02
CA GLU A 59 -12.54 -25.46 -16.44
C GLU A 59 -13.99 -25.06 -16.69
N VAL A 60 -14.20 -24.23 -17.72
CA VAL A 60 -15.54 -23.81 -18.08
C VAL A 60 -16.09 -24.83 -19.08
N LYS A 61 -17.10 -25.58 -18.64
CA LYS A 61 -17.75 -26.59 -19.49
C LYS A 61 -19.18 -26.15 -19.72
N GLU A 62 -19.87 -26.84 -20.61
CA GLU A 62 -21.27 -26.51 -20.91
C GLU A 62 -22.09 -26.67 -19.64
N GLY A 63 -22.88 -25.66 -19.32
CA GLY A 63 -23.72 -25.72 -18.14
C GLY A 63 -23.02 -25.35 -16.84
N GLY A 64 -21.69 -25.23 -16.85
CA GLY A 64 -21.01 -24.86 -15.61
C GLY A 64 -19.50 -25.05 -15.58
N PHE A 65 -19.01 -25.52 -14.44
CA PHE A 65 -17.59 -25.75 -14.26
C PHE A 65 -17.30 -27.21 -14.00
N GLU A 66 -16.04 -27.57 -14.19
CA GLU A 66 -15.55 -28.91 -13.90
C GLU A 66 -14.35 -28.60 -13.01
N VAL A 67 -14.54 -28.79 -11.71
CA VAL A 67 -13.49 -28.49 -10.74
C VAL A 67 -12.98 -29.77 -10.13
N ASN A 68 -11.70 -30.05 -10.34
CA ASN A 68 -11.10 -31.26 -9.81
C ASN A 68 -11.91 -32.51 -10.16
N GLY A 69 -12.17 -32.71 -11.45
CA GLY A 69 -12.91 -33.89 -11.89
C GLY A 69 -14.39 -33.90 -11.57
N GLN A 70 -14.86 -32.92 -10.82
CA GLN A 70 -16.27 -32.85 -10.47
C GLN A 70 -16.98 -31.72 -11.20
N PHE A 71 -18.21 -31.98 -11.61
CA PHE A 71 -19.00 -30.99 -12.33
C PHE A 71 -19.84 -30.16 -11.37
N VAL A 72 -19.99 -28.88 -11.70
CA VAL A 72 -20.78 -27.95 -10.91
C VAL A 72 -21.60 -27.15 -11.91
N LYS A 73 -22.92 -27.22 -11.80
CA LYS A 73 -23.78 -26.47 -12.70
C LYS A 73 -23.70 -24.99 -12.31
N VAL A 74 -23.58 -24.13 -13.32
CA VAL A 74 -23.53 -22.70 -13.07
C VAL A 74 -24.68 -22.04 -13.81
N SER A 75 -25.67 -21.58 -13.05
CA SER A 75 -26.83 -20.92 -13.62
C SER A 75 -26.80 -19.43 -13.33
N ALA A 76 -27.55 -18.67 -14.12
CA ALA A 76 -27.61 -17.22 -13.95
C ALA A 76 -29.05 -16.70 -13.84
N GLU A 77 -29.79 -17.22 -12.86
CA GLU A 77 -31.19 -16.82 -12.62
C GLU A 77 -31.27 -15.59 -11.74
N ARG A 78 -32.08 -14.61 -12.18
CA ARG A 78 -32.26 -13.37 -11.43
C ARG A 78 -33.17 -13.60 -10.22
N GLU A 79 -34.12 -14.53 -10.34
CA GLU A 79 -35.05 -14.81 -9.26
C GLU A 79 -34.82 -16.14 -8.55
N PRO A 80 -34.63 -16.09 -7.22
CA PRO A 80 -34.39 -17.29 -6.40
C PRO A 80 -35.43 -18.39 -6.62
N ALA A 81 -36.70 -18.00 -6.75
CA ALA A 81 -37.76 -18.96 -6.96
C ALA A 81 -37.54 -19.70 -8.28
N ASN A 82 -36.78 -19.08 -9.19
CA ASN A 82 -36.49 -19.65 -10.49
C ASN A 82 -35.27 -20.57 -10.52
N ILE A 83 -34.70 -20.85 -9.35
CA ILE A 83 -33.54 -21.72 -9.28
C ILE A 83 -34.01 -23.09 -8.81
N ASP A 84 -33.96 -24.06 -9.71
CA ASP A 84 -34.37 -25.43 -9.37
C ASP A 84 -33.20 -26.19 -8.74
N TRP A 85 -32.93 -25.87 -7.47
CA TRP A 85 -31.83 -26.49 -6.73
C TRP A 85 -31.95 -28.01 -6.64
N ALA A 86 -33.20 -28.49 -6.65
CA ALA A 86 -33.48 -29.92 -6.53
C ALA A 86 -32.93 -30.74 -7.70
N THR A 87 -33.12 -30.24 -8.92
CA THR A 87 -32.64 -30.96 -10.11
C THR A 87 -31.15 -31.28 -10.01
N ASP A 88 -30.44 -30.56 -9.14
CA ASP A 88 -29.02 -30.78 -8.95
C ASP A 88 -28.73 -31.40 -7.60
N GLY A 89 -29.81 -31.80 -6.92
CA GLY A 89 -29.68 -32.43 -5.62
C GLY A 89 -29.36 -31.50 -4.47
N VAL A 90 -29.47 -30.19 -4.68
CA VAL A 90 -29.16 -29.26 -3.60
C VAL A 90 -30.22 -29.27 -2.52
N GLU A 91 -29.80 -29.58 -1.30
CA GLU A 91 -30.72 -29.62 -0.16
C GLU A 91 -30.56 -28.35 0.69
N ILE A 92 -29.40 -27.71 0.61
CA ILE A 92 -29.18 -26.49 1.38
C ILE A 92 -28.46 -25.39 0.60
N VAL A 93 -29.07 -24.21 0.58
CA VAL A 93 -28.52 -23.06 -0.14
C VAL A 93 -27.82 -22.03 0.74
N LEU A 94 -26.66 -21.56 0.26
CA LEU A 94 -25.90 -20.53 0.95
C LEU A 94 -26.21 -19.23 0.21
N GLU A 95 -27.08 -18.42 0.80
CA GLU A 95 -27.48 -17.14 0.23
C GLU A 95 -26.36 -16.13 0.41
N ALA A 96 -25.44 -16.07 -0.55
CA ALA A 96 -24.28 -15.19 -0.45
C ALA A 96 -24.24 -13.98 -1.39
N THR A 97 -25.41 -13.52 -1.84
CA THR A 97 -25.43 -12.36 -2.72
C THR A 97 -25.51 -11.09 -1.87
N GLY A 98 -26.01 -11.23 -0.65
CA GLY A 98 -26.15 -10.09 0.21
C GLY A 98 -27.38 -9.30 -0.20
N PHE A 99 -28.04 -9.73 -1.28
CA PHE A 99 -29.24 -9.06 -1.77
C PHE A 99 -30.49 -9.52 -1.02
N PHE A 100 -30.40 -10.66 -0.35
CA PHE A 100 -31.54 -11.19 0.36
C PHE A 100 -31.21 -11.36 1.84
N ALA A 101 -31.87 -10.59 2.70
CA ALA A 101 -31.63 -10.66 4.12
C ALA A 101 -32.91 -10.80 4.92
N SER A 102 -33.98 -11.30 4.29
CA SER A 102 -35.24 -11.48 5.00
C SER A 102 -35.73 -12.91 4.90
N LYS A 103 -36.51 -13.37 5.87
CA LYS A 103 -37.02 -14.72 5.82
C LYS A 103 -37.86 -14.91 4.56
N GLU A 104 -38.65 -13.89 4.23
CA GLU A 104 -39.50 -13.93 3.05
C GLU A 104 -38.69 -14.09 1.76
N LYS A 105 -37.78 -13.16 1.52
CA LYS A 105 -36.95 -13.20 0.32
C LYS A 105 -36.13 -14.48 0.21
N ALA A 106 -35.55 -14.93 1.31
CA ALA A 106 -34.74 -16.14 1.34
C ALA A 106 -35.53 -17.42 1.12
N GLU A 107 -36.73 -17.50 1.69
CA GLU A 107 -37.56 -18.69 1.54
C GLU A 107 -37.92 -19.00 0.09
N GLN A 108 -37.80 -18.02 -0.79
CA GLN A 108 -38.10 -18.25 -2.19
C GLN A 108 -37.27 -19.45 -2.66
N HIS A 109 -36.02 -19.53 -2.21
CA HIS A 109 -35.16 -20.65 -2.57
C HIS A 109 -35.84 -21.97 -2.21
N ILE A 110 -36.54 -21.96 -1.08
CA ILE A 110 -37.23 -23.15 -0.58
C ILE A 110 -38.62 -23.41 -1.17
N HIS A 111 -38.72 -24.49 -1.91
CA HIS A 111 -39.95 -24.95 -2.53
C HIS A 111 -39.65 -26.38 -3.00
N GLU A 112 -40.54 -26.97 -3.80
CA GLU A 112 -40.33 -28.34 -4.27
C GLU A 112 -39.42 -28.40 -5.49
N ASN A 113 -39.48 -27.39 -6.33
CA ASN A 113 -38.64 -27.37 -7.51
C ASN A 113 -37.19 -27.13 -7.09
N GLY A 114 -36.98 -26.74 -5.82
CA GLY A 114 -35.63 -26.47 -5.39
C GLY A 114 -35.15 -26.80 -3.97
N ALA A 115 -34.74 -25.74 -3.27
CA ALA A 115 -34.15 -25.82 -1.92
C ALA A 115 -35.00 -26.38 -0.79
N LYS A 116 -34.31 -26.79 0.27
CA LYS A 116 -34.92 -27.38 1.46
C LYS A 116 -34.61 -26.47 2.67
N LYS A 117 -33.39 -25.96 2.71
CA LYS A 117 -32.94 -25.05 3.78
C LYS A 117 -32.03 -23.96 3.23
N VAL A 118 -32.02 -22.80 3.89
CA VAL A 118 -31.20 -21.69 3.45
C VAL A 118 -30.42 -21.03 4.59
N VAL A 119 -29.17 -20.69 4.33
CA VAL A 119 -28.32 -20.01 5.31
C VAL A 119 -27.89 -18.69 4.68
N ILE A 120 -28.43 -17.57 5.14
CA ILE A 120 -28.05 -16.29 4.56
C ILE A 120 -26.80 -15.76 5.25
N THR A 121 -25.90 -15.17 4.45
CA THR A 121 -24.64 -14.65 4.95
C THR A 121 -24.79 -13.23 5.46
N ALA A 122 -25.90 -12.96 6.13
CA ALA A 122 -26.12 -11.61 6.63
C ALA A 122 -27.23 -11.56 7.66
N PRO A 123 -27.27 -10.47 8.46
CA PRO A 123 -28.31 -10.32 9.47
C PRO A 123 -29.62 -10.66 8.76
N GLY A 124 -30.23 -11.78 9.14
CA GLY A 124 -31.43 -12.26 8.47
C GLY A 124 -32.84 -11.72 8.65
N GLY A 125 -33.05 -10.69 9.47
CA GLY A 125 -34.41 -10.20 9.65
C GLY A 125 -34.98 -10.58 11.01
N ASN A 126 -36.29 -10.44 11.17
CA ASN A 126 -36.96 -10.73 12.45
C ASN A 126 -37.24 -12.21 12.76
N ASP A 127 -37.75 -12.94 11.77
CA ASP A 127 -38.09 -14.34 11.95
C ASP A 127 -36.92 -15.30 11.62
N VAL A 128 -35.69 -14.83 11.84
CA VAL A 128 -34.52 -15.64 11.52
C VAL A 128 -33.45 -15.69 12.61
N LYS A 129 -33.12 -16.89 13.06
CA LYS A 129 -32.09 -17.06 14.07
C LYS A 129 -30.73 -16.79 13.42
N THR A 130 -29.81 -16.20 14.20
CA THR A 130 -28.49 -15.93 13.67
C THR A 130 -27.47 -16.79 14.41
N VAL A 131 -26.70 -17.58 13.66
CA VAL A 131 -25.76 -18.50 14.25
C VAL A 131 -24.27 -18.30 14.00
N VAL A 132 -23.51 -18.27 15.09
CA VAL A 132 -22.06 -18.16 15.04
C VAL A 132 -21.65 -19.54 15.53
N PHE A 133 -21.11 -20.37 14.63
CA PHE A 133 -20.76 -21.72 15.04
C PHE A 133 -19.86 -21.79 16.27
N ASN A 134 -20.19 -22.75 17.14
CA ASN A 134 -19.49 -23.01 18.41
C ASN A 134 -19.74 -21.97 19.49
N THR A 135 -20.67 -21.05 19.22
CA THR A 135 -21.03 -20.04 20.20
C THR A 135 -22.51 -20.15 20.54
N ASN A 136 -23.36 -20.34 19.54
CA ASN A 136 -24.78 -20.45 19.79
C ASN A 136 -25.50 -21.35 18.80
N HIS A 137 -24.77 -22.23 18.11
CA HIS A 137 -25.43 -23.09 17.14
C HIS A 137 -26.26 -24.17 17.83
N ASP A 138 -26.17 -24.27 19.15
CA ASP A 138 -26.94 -25.28 19.86
C ASP A 138 -28.41 -24.87 19.93
N ILE A 139 -28.73 -23.68 19.43
CA ILE A 139 -30.11 -23.20 19.43
C ILE A 139 -30.91 -23.73 18.26
N LEU A 140 -30.22 -24.40 17.33
CA LEU A 140 -30.89 -24.96 16.16
C LEU A 140 -31.54 -26.30 16.53
N ASP A 141 -32.86 -26.38 16.38
CA ASP A 141 -33.59 -27.60 16.70
C ASP A 141 -33.76 -28.49 15.46
N GLY A 142 -33.48 -27.92 14.30
CA GLY A 142 -33.59 -28.68 13.05
C GLY A 142 -34.78 -28.35 12.19
N THR A 143 -35.83 -27.79 12.81
CA THR A 143 -37.06 -27.45 12.12
C THR A 143 -37.00 -26.13 11.33
N GLU A 144 -36.14 -25.21 11.72
CA GLU A 144 -36.03 -23.93 11.03
C GLU A 144 -35.73 -24.07 9.53
N THR A 145 -36.21 -23.12 8.73
CA THR A 145 -35.99 -23.13 7.29
C THR A 145 -34.84 -22.23 6.87
N VAL A 146 -34.90 -20.99 7.34
CA VAL A 146 -33.89 -19.99 7.03
C VAL A 146 -33.18 -19.54 8.28
N ILE A 147 -31.85 -19.55 8.24
CA ILE A 147 -31.04 -19.11 9.37
C ILE A 147 -30.01 -18.12 8.87
N SER A 148 -29.36 -17.42 9.79
CA SER A 148 -28.33 -16.46 9.44
C SER A 148 -27.01 -16.89 10.04
N GLY A 149 -25.91 -16.65 9.32
CA GLY A 149 -24.61 -17.03 9.81
C GLY A 149 -23.88 -15.82 10.37
N ALA A 150 -24.65 -14.79 10.71
CA ALA A 150 -24.10 -13.56 11.26
C ALA A 150 -23.18 -12.87 10.25
N SER A 151 -22.31 -12.01 10.76
CA SER A 151 -21.39 -11.28 9.91
C SER A 151 -19.96 -11.70 10.22
N CYS A 152 -19.00 -11.16 9.47
CA CYS A 152 -17.61 -11.49 9.68
C CYS A 152 -17.16 -10.94 11.04
N THR A 153 -17.63 -9.74 11.38
CA THR A 153 -17.24 -9.15 12.66
C THR A 153 -17.92 -9.85 13.85
N THR A 154 -19.18 -10.21 13.69
CA THR A 154 -19.90 -10.89 14.77
C THR A 154 -19.23 -12.22 15.08
N ASN A 155 -18.78 -12.93 14.06
CA ASN A 155 -18.14 -14.23 14.26
C ASN A 155 -16.81 -14.12 14.99
N CYS A 156 -16.19 -12.95 14.91
CA CYS A 156 -14.93 -12.71 15.61
C CYS A 156 -15.27 -12.30 17.04
N LEU A 157 -16.18 -11.34 17.17
CA LEU A 157 -16.58 -10.82 18.46
C LEU A 157 -17.29 -11.82 19.38
N ALA A 158 -18.26 -12.55 18.83
CA ALA A 158 -19.06 -13.49 19.63
C ALA A 158 -18.34 -14.40 20.64
N PRO A 159 -17.46 -15.29 20.18
CA PRO A 159 -16.76 -16.17 21.13
C PRO A 159 -15.96 -15.44 22.20
N MET A 160 -15.39 -14.30 21.83
CA MET A 160 -14.58 -13.51 22.76
C MET A 160 -15.45 -12.88 23.84
N ALA A 161 -16.55 -12.25 23.42
CA ALA A 161 -17.45 -11.59 24.37
C ALA A 161 -18.15 -12.60 25.25
N LYS A 162 -18.54 -13.73 24.69
CA LYS A 162 -19.21 -14.77 25.45
C LYS A 162 -18.30 -15.31 26.56
N ALA A 163 -17.02 -15.43 26.29
CA ALA A 163 -16.08 -15.93 27.29
C ALA A 163 -16.02 -14.95 28.46
N LEU A 164 -16.14 -13.66 28.16
CA LEU A 164 -16.11 -12.63 29.20
C LEU A 164 -17.39 -12.72 30.02
N GLN A 165 -18.51 -12.99 29.36
CA GLN A 165 -19.80 -13.10 30.03
C GLN A 165 -19.90 -14.33 30.92
N ASP A 166 -19.47 -15.50 30.41
CA ASP A 166 -19.54 -16.74 31.18
C ASP A 166 -18.60 -16.80 32.38
N ASN A 167 -17.47 -16.13 32.29
CA ASN A 167 -16.50 -16.14 33.36
C ASN A 167 -16.61 -14.97 34.35
N PHE A 168 -16.91 -13.78 33.84
CA PHE A 168 -16.94 -12.60 34.69
C PHE A 168 -18.20 -11.76 34.68
N GLY A 169 -19.01 -11.89 33.63
CA GLY A 169 -20.21 -11.10 33.55
C GLY A 169 -19.84 -9.76 32.93
N VAL A 170 -20.50 -9.41 31.84
CA VAL A 170 -20.21 -8.15 31.16
C VAL A 170 -21.29 -7.11 31.42
N LYS A 171 -20.87 -5.94 31.88
CA LYS A 171 -21.81 -4.87 32.17
C LYS A 171 -22.08 -4.03 30.92
N GLN A 172 -21.02 -3.69 30.19
CA GLN A 172 -21.15 -2.88 28.96
C GLN A 172 -19.78 -2.80 28.31
N GLY A 173 -19.73 -2.44 27.03
CA GLY A 173 -18.44 -2.34 26.37
C GLY A 173 -18.47 -1.73 25.00
N LEU A 174 -17.34 -1.13 24.61
CA LEU A 174 -17.19 -0.51 23.30
C LEU A 174 -16.18 -1.29 22.48
N MET A 175 -16.43 -1.37 21.19
CA MET A 175 -15.58 -2.12 20.30
C MET A 175 -15.06 -1.29 19.11
N THR A 176 -13.80 -1.53 18.76
CA THR A 176 -13.19 -0.90 17.60
C THR A 176 -12.52 -2.02 16.81
N THR A 177 -12.84 -2.10 15.53
CA THR A 177 -12.23 -3.10 14.67
C THR A 177 -11.35 -2.43 13.64
N ILE A 178 -10.05 -2.73 13.67
CA ILE A 178 -9.12 -2.22 12.68
C ILE A 178 -9.29 -3.25 11.57
N HIS A 179 -10.18 -2.92 10.64
CA HIS A 179 -10.61 -3.79 9.55
C HIS A 179 -9.97 -3.57 8.18
N ALA A 180 -9.73 -4.67 7.46
CA ALA A 180 -9.16 -4.56 6.12
C ALA A 180 -10.20 -3.82 5.24
N TYR A 181 -9.76 -3.24 4.14
CA TYR A 181 -10.70 -2.54 3.29
C TYR A 181 -11.50 -3.56 2.50
N THR A 182 -12.69 -3.15 2.04
CA THR A 182 -13.56 -4.06 1.30
C THR A 182 -14.15 -3.47 0.03
N GLY A 183 -14.64 -4.36 -0.83
CA GLY A 183 -15.22 -3.97 -2.10
C GLY A 183 -16.28 -2.92 -2.00
N ASP A 184 -16.66 -2.62 -0.77
CA ASP A 184 -17.68 -1.62 -0.47
C ASP A 184 -17.13 -0.18 -0.61
N GLN A 185 -15.81 -0.05 -0.62
CA GLN A 185 -15.14 1.24 -0.74
C GLN A 185 -14.62 1.57 -2.13
N MET A 186 -14.48 2.85 -2.41
CA MET A 186 -13.96 3.33 -3.70
C MET A 186 -12.44 3.11 -3.77
N ILE A 187 -11.95 2.75 -4.95
CA ILE A 187 -10.51 2.52 -5.14
C ILE A 187 -9.83 3.90 -5.21
N LEU A 188 -10.55 4.89 -5.73
CA LEU A 188 -10.05 6.26 -5.82
C LEU A 188 -11.22 7.19 -5.54
N ASP A 189 -10.96 8.32 -4.89
CA ASP A 189 -12.01 9.28 -4.55
C ASP A 189 -13.07 9.45 -5.65
N GLY A 190 -14.31 9.10 -5.32
CA GLY A 190 -15.39 9.24 -6.27
C GLY A 190 -16.75 9.15 -5.60
N PRO A 191 -17.82 9.51 -6.30
CA PRO A 191 -19.17 9.45 -5.72
C PRO A 191 -19.51 8.02 -5.31
N HIS A 192 -19.80 7.82 -4.03
CA HIS A 192 -20.16 6.51 -3.52
C HIS A 192 -21.66 6.32 -3.71
N ARG A 193 -22.05 5.23 -4.36
CA ARG A 193 -23.44 4.95 -4.64
C ARG A 193 -24.32 4.94 -3.38
N GLY A 194 -23.71 4.69 -2.23
CA GLY A 194 -24.45 4.68 -0.99
C GLY A 194 -24.52 6.04 -0.31
N GLY A 195 -23.80 7.02 -0.87
CA GLY A 195 -23.80 8.34 -0.27
C GLY A 195 -22.84 8.52 0.88
N ASP A 196 -22.17 7.44 1.28
CA ASP A 196 -21.22 7.48 2.39
C ASP A 196 -19.97 8.30 2.02
N LEU A 197 -19.83 9.46 2.66
CA LEU A 197 -18.71 10.34 2.38
C LEU A 197 -17.32 9.76 2.73
N ARG A 198 -17.26 8.76 3.60
CA ARG A 198 -15.96 8.16 3.95
C ARG A 198 -15.66 6.97 3.03
N ARG A 199 -16.66 6.16 2.70
CA ARG A 199 -16.47 5.01 1.80
C ARG A 199 -16.21 5.52 0.39
N ALA A 200 -16.40 6.82 0.20
CA ALA A 200 -16.18 7.48 -1.08
C ALA A 200 -14.69 7.76 -1.29
N ARG A 201 -13.90 7.56 -0.24
CA ARG A 201 -12.47 7.81 -0.31
C ARG A 201 -11.66 6.58 -0.72
N ALA A 202 -10.50 6.84 -1.31
CA ALA A 202 -9.58 5.81 -1.76
C ALA A 202 -9.35 4.83 -0.61
N GLY A 203 -9.95 3.65 -0.71
CA GLY A 203 -9.84 2.64 0.34
C GLY A 203 -8.47 2.10 0.70
N ALA A 204 -7.60 1.94 -0.28
CA ALA A 204 -6.26 1.43 -0.02
C ALA A 204 -5.24 2.52 0.28
N ALA A 205 -5.70 3.75 0.50
CA ALA A 205 -4.76 4.84 0.80
C ALA A 205 -5.17 5.72 1.99
N ASN A 206 -6.08 5.21 2.82
CA ASN A 206 -6.56 5.95 3.98
C ASN A 206 -6.98 5.09 5.15
N ILE A 207 -7.00 5.71 6.33
CA ILE A 207 -7.50 5.06 7.54
C ILE A 207 -8.90 5.65 7.42
N VAL A 208 -9.90 4.79 7.24
CA VAL A 208 -11.25 5.28 7.06
C VAL A 208 -12.26 4.89 8.13
N PRO A 209 -12.66 5.85 8.98
CA PRO A 209 -13.63 5.56 10.04
C PRO A 209 -14.90 4.98 9.43
N ASN A 210 -15.54 4.06 10.12
CA ASN A 210 -16.74 3.46 9.57
C ASN A 210 -17.64 2.80 10.62
N SER A 211 -18.95 2.93 10.42
CA SER A 211 -19.93 2.33 11.33
C SER A 211 -20.04 0.84 11.07
N THR A 212 -20.55 0.11 12.06
CA THR A 212 -20.73 -1.33 11.98
C THR A 212 -21.88 -1.66 12.92
N GLY A 213 -22.47 -2.84 12.76
CA GLY A 213 -23.57 -3.22 13.64
C GLY A 213 -23.34 -4.50 14.42
N ALA A 214 -22.14 -5.06 14.35
CA ALA A 214 -21.84 -6.30 15.04
C ALA A 214 -22.11 -6.19 16.54
N ALA A 215 -21.46 -5.21 17.17
CA ALA A 215 -21.60 -4.99 18.60
C ALA A 215 -23.02 -4.64 19.03
N LYS A 216 -23.77 -4.01 18.12
CA LYS A 216 -25.15 -3.60 18.41
C LYS A 216 -26.16 -4.74 18.37
N ALA A 217 -25.91 -5.74 17.54
CA ALA A 217 -26.82 -6.87 17.39
C ALA A 217 -26.18 -8.18 17.87
N ILE A 218 -25.31 -8.08 18.87
CA ILE A 218 -24.63 -9.24 19.43
C ILE A 218 -25.64 -10.02 20.26
N GLY A 219 -26.71 -9.33 20.66
CA GLY A 219 -27.76 -9.94 21.47
C GLY A 219 -28.50 -11.04 20.73
N LEU A 220 -28.44 -11.01 19.40
CA LEU A 220 -29.09 -12.04 18.58
C LEU A 220 -28.30 -13.34 18.71
N VAL A 221 -27.05 -13.23 19.15
CA VAL A 221 -26.18 -14.38 19.30
C VAL A 221 -26.02 -14.67 20.79
N ILE A 222 -25.91 -13.61 21.56
CA ILE A 222 -25.77 -13.74 23.01
C ILE A 222 -26.81 -12.80 23.60
N PRO A 223 -28.00 -13.34 23.90
CA PRO A 223 -29.10 -12.54 24.47
C PRO A 223 -28.72 -11.70 25.70
N GLU A 224 -27.88 -12.23 26.59
CA GLU A 224 -27.50 -11.49 27.78
C GLU A 224 -26.68 -10.23 27.49
N LEU A 225 -26.13 -10.13 26.29
CA LEU A 225 -25.33 -8.95 25.94
C LEU A 225 -26.14 -7.94 25.17
N ASN A 226 -27.35 -8.33 24.80
CA ASN A 226 -28.26 -7.44 24.06
C ASN A 226 -28.25 -6.01 24.58
N GLY A 227 -27.89 -5.08 23.71
CA GLY A 227 -27.85 -3.68 24.08
C GLY A 227 -26.68 -3.26 24.94
N LYS A 228 -25.84 -4.22 25.33
CA LYS A 228 -24.69 -3.90 26.18
C LYS A 228 -23.42 -3.50 25.42
N LEU A 229 -23.37 -3.79 24.11
CA LEU A 229 -22.18 -3.47 23.32
C LEU A 229 -22.44 -2.55 22.14
N ASP A 230 -21.42 -1.78 21.78
CA ASP A 230 -21.50 -0.86 20.65
C ASP A 230 -20.10 -0.67 20.06
N GLY A 231 -20.02 -0.28 18.79
CA GLY A 231 -18.72 -0.10 18.19
C GLY A 231 -18.69 0.59 16.83
N ALA A 232 -17.49 0.66 16.27
CA ALA A 232 -17.24 1.27 14.97
C ALA A 232 -15.99 0.60 14.45
N ALA A 233 -15.49 1.08 13.31
CA ALA A 233 -14.30 0.50 12.73
C ALA A 233 -13.41 1.54 12.04
N GLN A 234 -12.18 1.14 11.80
CA GLN A 234 -11.22 1.98 11.12
C GLN A 234 -10.75 1.06 10.00
N ARG A 235 -11.13 1.38 8.77
CA ARG A 235 -10.73 0.59 7.62
C ARG A 235 -9.29 1.01 7.31
N VAL A 236 -8.41 0.04 7.06
CA VAL A 236 -7.03 0.36 6.73
C VAL A 236 -6.50 -0.36 5.48
N PRO A 237 -5.44 0.18 4.87
CA PRO A 237 -4.81 -0.36 3.67
C PRO A 237 -4.21 -1.77 3.73
N VAL A 238 -5.07 -2.73 4.01
CA VAL A 238 -4.71 -4.14 4.08
C VAL A 238 -5.90 -4.84 3.42
N PRO A 239 -5.66 -5.62 2.35
CA PRO A 239 -6.67 -6.36 1.58
C PRO A 239 -7.54 -7.40 2.31
N THR A 240 -7.04 -7.93 3.43
CA THR A 240 -7.78 -8.86 4.29
C THR A 240 -7.03 -8.94 5.59
N GLY A 241 -7.76 -9.28 6.64
CA GLY A 241 -7.14 -9.38 7.95
C GLY A 241 -7.67 -8.23 8.76
N SER A 242 -8.12 -8.55 9.97
CA SER A 242 -8.68 -7.55 10.85
C SER A 242 -8.42 -7.92 12.29
N VAL A 243 -8.66 -6.96 13.17
CA VAL A 243 -8.48 -7.16 14.60
C VAL A 243 -9.64 -6.43 15.25
N THR A 244 -10.21 -7.03 16.28
CA THR A 244 -11.31 -6.42 16.98
C THR A 244 -10.86 -6.22 18.42
N GLU A 245 -10.91 -4.97 18.87
CA GLU A 245 -10.54 -4.64 20.23
C GLU A 245 -11.83 -4.37 20.96
N LEU A 246 -11.98 -4.94 22.15
CA LEU A 246 -13.17 -4.74 22.95
C LEU A 246 -12.74 -4.21 24.32
N VAL A 247 -13.24 -3.02 24.67
CA VAL A 247 -12.97 -2.41 25.96
C VAL A 247 -14.29 -2.52 26.70
N ALA A 248 -14.29 -3.12 27.88
CA ALA A 248 -15.54 -3.26 28.61
C ALA A 248 -15.38 -3.23 30.13
N THR A 249 -16.53 -3.26 30.82
CA THR A 249 -16.58 -3.28 32.28
C THR A 249 -17.22 -4.62 32.67
N LEU A 250 -16.60 -5.33 33.59
CA LEU A 250 -17.09 -6.63 34.03
C LEU A 250 -17.67 -6.55 35.43
N GLU A 251 -18.36 -7.62 35.84
CA GLU A 251 -18.95 -7.67 37.18
C GLU A 251 -17.91 -8.05 38.23
N LYS A 252 -17.01 -8.95 37.88
CA LYS A 252 -15.96 -9.39 38.79
C LYS A 252 -14.68 -8.65 38.46
N ASP A 253 -13.82 -8.46 39.46
CA ASP A 253 -12.54 -7.82 39.22
C ASP A 253 -11.67 -8.93 38.66
N VAL A 254 -10.76 -8.58 37.76
CA VAL A 254 -9.90 -9.58 37.16
C VAL A 254 -8.46 -9.14 37.05
N THR A 255 -7.64 -10.02 36.49
CA THR A 255 -6.24 -9.73 36.26
C THR A 255 -6.02 -10.09 34.80
N VAL A 256 -4.89 -9.65 34.23
CA VAL A 256 -4.59 -9.98 32.85
C VAL A 256 -4.49 -11.50 32.73
N GLU A 257 -3.96 -12.15 33.77
CA GLU A 257 -3.79 -13.60 33.79
C GLU A 257 -5.11 -14.38 33.74
N GLU A 258 -6.10 -13.92 34.50
CA GLU A 258 -7.39 -14.61 34.52
C GLU A 258 -8.09 -14.53 33.17
N VAL A 259 -8.17 -13.31 32.62
CA VAL A 259 -8.83 -13.11 31.34
C VAL A 259 -8.21 -14.02 30.28
N ASN A 260 -6.87 -14.05 30.22
CA ASN A 260 -6.20 -14.89 29.24
C ASN A 260 -6.48 -16.37 29.49
N ALA A 261 -6.36 -16.81 30.75
CA ALA A 261 -6.59 -18.22 31.09
C ALA A 261 -7.99 -18.63 30.66
N ALA A 262 -8.96 -17.77 30.98
CA ALA A 262 -10.35 -18.03 30.62
C ALA A 262 -10.51 -18.19 29.11
N MET A 263 -9.90 -17.28 28.33
CA MET A 263 -10.00 -17.36 26.89
C MET A 263 -9.45 -18.68 26.39
N LYS A 264 -8.28 -19.06 26.91
CA LYS A 264 -7.64 -20.29 26.50
C LYS A 264 -8.54 -21.48 26.73
N ALA A 265 -9.25 -21.49 27.84
CA ALA A 265 -10.15 -22.59 28.17
C ALA A 265 -11.34 -22.64 27.22
N ALA A 266 -11.69 -21.47 26.69
CA ALA A 266 -12.80 -21.38 25.76
C ALA A 266 -12.38 -21.72 24.34
N ALA A 267 -11.09 -21.98 24.15
CA ALA A 267 -10.59 -22.30 22.81
C ALA A 267 -11.18 -23.58 22.24
N ASN A 268 -11.45 -23.57 20.94
CA ASN A 268 -11.99 -24.73 20.24
C ASN A 268 -11.70 -24.55 18.75
N ASP A 269 -12.37 -25.28 17.88
CA ASP A 269 -12.13 -25.16 16.44
C ASP A 269 -12.51 -23.78 15.86
N SER A 270 -13.46 -23.11 16.50
CA SER A 270 -13.90 -21.81 16.02
C SER A 270 -13.18 -20.67 16.72
N TYR A 271 -12.75 -20.89 17.95
CA TYR A 271 -12.07 -19.85 18.69
C TYR A 271 -10.66 -20.27 19.05
N GLY A 272 -9.67 -19.65 18.39
CA GLY A 272 -8.27 -19.98 18.63
C GLY A 272 -7.62 -19.18 19.73
N TYR A 273 -6.40 -19.56 20.09
CA TYR A 273 -5.68 -18.86 21.15
C TYR A 273 -4.17 -18.82 20.91
N THR A 274 -3.57 -17.64 21.02
CA THR A 274 -2.11 -17.50 20.86
C THR A 274 -1.50 -16.57 21.88
N GLU A 275 -0.17 -16.65 21.95
CA GLU A 275 0.63 -15.82 22.83
C GLU A 275 1.79 -15.36 21.96
N ASP A 276 1.75 -15.73 20.68
CA ASP A 276 2.79 -15.31 19.73
C ASP A 276 2.43 -13.90 19.26
N PRO A 277 3.43 -12.99 19.21
CA PRO A 277 3.23 -11.61 18.76
C PRO A 277 2.99 -11.59 17.25
N ILE A 278 1.89 -12.20 16.82
CA ILE A 278 1.61 -12.23 15.40
C ILE A 278 1.15 -10.87 14.88
N VAL A 279 1.02 -10.78 13.57
CA VAL A 279 0.59 -9.57 12.90
C VAL A 279 -0.53 -9.97 11.90
N SER A 280 -1.18 -8.99 11.28
CA SER A 280 -2.30 -9.29 10.39
C SER A 280 -2.12 -10.34 9.28
N SER A 281 -1.04 -10.26 8.51
CA SER A 281 -0.86 -11.22 7.42
C SER A 281 -0.82 -12.66 7.93
N ASP A 282 -0.43 -12.84 9.19
CA ASP A 282 -0.36 -14.17 9.77
C ASP A 282 -1.72 -14.86 9.90
N ILE A 283 -2.81 -14.08 9.90
CA ILE A 283 -4.12 -14.70 10.02
C ILE A 283 -4.87 -14.85 8.69
N VAL A 284 -4.30 -14.31 7.63
CA VAL A 284 -4.93 -14.42 6.31
C VAL A 284 -5.11 -15.90 5.99
N GLY A 285 -6.35 -16.29 5.69
CA GLY A 285 -6.63 -17.69 5.34
C GLY A 285 -6.79 -18.71 6.45
N ILE A 286 -6.80 -18.29 7.72
CA ILE A 286 -6.95 -19.25 8.83
C ILE A 286 -8.38 -19.79 8.88
N SER A 287 -8.57 -20.84 9.67
CA SER A 287 -9.87 -21.50 9.82
C SER A 287 -10.63 -21.10 11.06
N TYR A 288 -9.92 -20.51 12.03
CA TYR A 288 -10.57 -20.06 13.25
C TYR A 288 -11.53 -18.95 12.82
N GLY A 289 -12.70 -18.89 13.44
CA GLY A 289 -13.63 -17.83 13.12
C GLY A 289 -13.13 -16.60 13.87
N SER A 290 -12.29 -16.84 14.87
CA SER A 290 -11.74 -15.79 15.73
C SER A 290 -10.49 -16.29 16.45
N LEU A 291 -9.46 -15.45 16.55
CA LEU A 291 -8.21 -15.85 17.21
C LEU A 291 -7.78 -14.89 18.31
N PHE A 292 -8.03 -15.29 19.57
CA PHE A 292 -7.69 -14.44 20.71
C PHE A 292 -6.17 -14.21 20.83
N ASP A 293 -5.76 -12.97 21.09
CA ASP A 293 -4.35 -12.61 21.22
C ASP A 293 -4.05 -12.18 22.66
N ALA A 294 -3.43 -13.07 23.43
CA ALA A 294 -3.11 -12.80 24.82
C ALA A 294 -2.10 -11.69 25.07
N THR A 295 -1.28 -11.39 24.07
CA THR A 295 -0.27 -10.35 24.20
C THR A 295 -0.86 -8.94 24.18
N GLN A 296 -2.12 -8.82 23.80
CA GLN A 296 -2.73 -7.49 23.74
C GLN A 296 -3.74 -7.23 24.84
N THR A 297 -3.88 -8.17 25.78
CA THR A 297 -4.83 -8.01 26.87
C THR A 297 -4.42 -6.90 27.83
N LYS A 298 -5.42 -6.22 28.40
CA LYS A 298 -5.18 -5.14 29.35
C LYS A 298 -6.24 -5.14 30.46
N VAL A 299 -5.80 -4.90 31.68
CA VAL A 299 -6.70 -4.82 32.81
C VAL A 299 -6.22 -3.63 33.61
N GLN A 300 -6.89 -2.50 33.42
CA GLN A 300 -6.56 -1.26 34.11
C GLN A 300 -7.41 -1.08 35.37
N THR A 301 -6.74 -0.93 36.50
CA THR A 301 -7.41 -0.71 37.78
C THR A 301 -7.08 0.68 38.28
N VAL A 302 -8.10 1.51 38.43
CA VAL A 302 -7.92 2.87 38.92
C VAL A 302 -8.96 3.11 40.00
N ASP A 303 -8.50 3.35 41.22
CA ASP A 303 -9.39 3.60 42.36
C ASP A 303 -10.43 2.48 42.53
N GLY A 304 -10.00 1.23 42.37
CA GLY A 304 -10.91 0.11 42.54
C GLY A 304 -11.68 -0.30 41.29
N ASN A 305 -11.82 0.63 40.35
CA ASN A 305 -12.55 0.35 39.11
C ASN A 305 -11.66 -0.17 37.98
N GLN A 306 -12.23 -1.06 37.16
CA GLN A 306 -11.47 -1.66 36.06
C GLN A 306 -12.06 -1.54 34.67
N LEU A 307 -11.15 -1.52 33.71
CA LEU A 307 -11.47 -1.49 32.30
C LEU A 307 -10.64 -2.65 31.77
N VAL A 308 -11.30 -3.56 31.07
CA VAL A 308 -10.65 -4.72 30.51
C VAL A 308 -10.66 -4.62 28.99
N LYS A 309 -9.49 -4.81 28.38
CA LYS A 309 -9.35 -4.73 26.94
C LYS A 309 -8.92 -6.08 26.38
N VAL A 310 -9.78 -6.70 25.59
CA VAL A 310 -9.45 -8.00 25.00
C VAL A 310 -9.41 -7.84 23.49
N VAL A 311 -8.51 -8.57 22.84
CA VAL A 311 -8.32 -8.46 21.40
C VAL A 311 -8.33 -9.77 20.66
N SER A 312 -8.96 -9.79 19.49
CA SER A 312 -9.03 -11.01 18.71
C SER A 312 -8.79 -10.74 17.23
N TRP A 313 -8.01 -11.59 16.59
CA TRP A 313 -7.75 -11.43 15.15
C TRP A 313 -8.76 -12.24 14.34
N TYR A 314 -8.78 -11.98 13.02
CA TYR A 314 -9.62 -12.73 12.10
C TYR A 314 -9.49 -12.31 10.66
N ASP A 315 -9.58 -13.28 9.77
CA ASP A 315 -9.51 -12.98 8.35
C ASP A 315 -10.97 -12.72 7.99
N ASN A 316 -11.32 -11.43 7.85
CA ASN A 316 -12.70 -11.06 7.54
C ASN A 316 -13.27 -11.86 6.39
N GLU A 317 -12.40 -12.50 5.62
CA GLU A 317 -12.82 -13.33 4.51
C GLU A 317 -12.88 -14.80 4.88
N MET A 318 -11.71 -15.43 5.05
CA MET A 318 -11.66 -16.85 5.38
C MET A 318 -12.18 -17.27 6.76
N SER A 319 -11.92 -16.49 7.81
CA SER A 319 -12.41 -16.84 9.14
C SER A 319 -13.94 -16.95 9.06
N TYR A 320 -14.55 -15.95 8.45
CA TYR A 320 -16.00 -15.90 8.30
C TYR A 320 -16.50 -17.09 7.48
N THR A 321 -15.82 -17.35 6.37
CA THR A 321 -16.17 -18.44 5.47
C THR A 321 -16.15 -19.79 6.16
N SER A 322 -15.12 -20.03 6.94
CA SER A 322 -15.00 -21.30 7.66
C SER A 322 -16.20 -21.48 8.58
N GLN A 323 -16.59 -20.39 9.23
CA GLN A 323 -17.72 -20.40 10.13
C GLN A 323 -19.01 -20.73 9.37
N LEU A 324 -19.16 -20.16 8.18
CA LEU A 324 -20.34 -20.38 7.36
C LEU A 324 -20.48 -21.83 6.90
N VAL A 325 -19.36 -22.48 6.64
CA VAL A 325 -19.37 -23.87 6.20
C VAL A 325 -19.71 -24.79 7.36
N ARG A 326 -19.14 -24.53 8.53
CA ARG A 326 -19.44 -25.35 9.70
C ARG A 326 -20.95 -25.34 9.95
N THR A 327 -21.55 -24.15 9.89
CA THR A 327 -22.98 -23.98 10.12
C THR A 327 -23.82 -24.66 9.03
N LEU A 328 -23.38 -24.55 7.78
CA LEU A 328 -24.07 -25.20 6.65
C LEU A 328 -24.16 -26.69 6.89
N GLU A 329 -23.01 -27.29 7.19
CA GLU A 329 -22.92 -28.72 7.41
C GLU A 329 -23.77 -29.14 8.59
N TYR A 330 -23.64 -28.43 9.71
CA TYR A 330 -24.38 -28.75 10.92
C TYR A 330 -25.89 -28.60 10.71
N PHE A 331 -26.30 -27.44 10.23
CA PHE A 331 -27.70 -27.16 9.99
C PHE A 331 -28.28 -28.22 9.06
N ALA A 332 -27.54 -28.53 8.00
CA ALA A 332 -27.97 -29.54 7.02
C ALA A 332 -28.20 -30.91 7.63
N LYS A 333 -27.32 -31.32 8.54
CA LYS A 333 -27.44 -32.62 9.17
C LYS A 333 -28.37 -32.69 10.39
N ILE A 334 -28.84 -31.55 10.88
CA ILE A 334 -29.73 -31.53 12.03
C ILE A 334 -31.10 -32.03 11.60
N VAL B 2 -10.80 37.45 -19.44
CA VAL B 2 -11.36 36.44 -18.50
C VAL B 2 -12.19 35.39 -19.26
N VAL B 3 -11.57 34.27 -19.57
CA VAL B 3 -12.24 33.17 -20.29
C VAL B 3 -13.13 32.39 -19.34
N LYS B 4 -14.42 32.40 -19.61
CA LYS B 4 -15.43 31.73 -18.76
C LYS B 4 -15.63 30.30 -19.15
N VAL B 5 -15.35 29.39 -18.22
CA VAL B 5 -15.44 27.96 -18.50
C VAL B 5 -16.61 27.27 -17.81
N GLY B 6 -17.12 26.25 -18.46
CA GLY B 6 -18.23 25.45 -17.93
C GLY B 6 -17.83 24.00 -17.91
N ILE B 7 -17.93 23.36 -16.74
CA ILE B 7 -17.54 21.96 -16.61
C ILE B 7 -18.73 21.03 -16.51
N ASN B 8 -18.70 19.99 -17.34
CA ASN B 8 -19.75 18.98 -17.36
C ASN B 8 -19.10 17.66 -17.03
N GLY B 9 -19.36 17.17 -15.82
CA GLY B 9 -18.78 15.93 -15.35
C GLY B 9 -17.80 16.31 -14.27
N PHE B 10 -18.09 15.93 -13.03
CA PHE B 10 -17.22 16.29 -11.91
C PHE B 10 -16.50 15.10 -11.30
N GLY B 11 -15.77 14.37 -12.13
CA GLY B 11 -15.01 13.22 -11.66
C GLY B 11 -13.63 13.68 -11.26
N ARG B 12 -12.64 12.79 -11.25
CA ARG B 12 -11.28 13.16 -10.88
C ARG B 12 -10.79 14.28 -11.80
N ILE B 13 -10.94 14.11 -13.11
CA ILE B 13 -10.50 15.10 -14.08
C ILE B 13 -11.28 16.42 -13.99
N GLY B 14 -12.60 16.32 -13.80
CA GLY B 14 -13.42 17.51 -13.70
C GLY B 14 -13.10 18.36 -12.48
N ARG B 15 -13.02 17.72 -11.32
CA ARG B 15 -12.71 18.41 -10.08
C ARG B 15 -11.32 19.02 -10.12
N LEU B 16 -10.35 18.27 -10.67
CA LEU B 16 -8.98 18.76 -10.77
C LEU B 16 -8.92 19.92 -11.76
N ALA B 17 -9.74 19.84 -12.80
CA ALA B 17 -9.79 20.91 -13.80
C ALA B 17 -10.16 22.17 -13.03
N PHE B 18 -11.25 22.06 -12.29
CA PHE B 18 -11.75 23.17 -11.49
C PHE B 18 -10.59 23.75 -10.68
N ARG B 19 -10.02 22.93 -9.80
CA ARG B 19 -8.91 23.36 -8.96
C ARG B 19 -7.83 24.11 -9.72
N ARG B 20 -7.32 23.49 -10.78
CA ARG B 20 -6.27 24.09 -11.61
C ARG B 20 -6.62 25.46 -12.18
N ILE B 21 -7.91 25.68 -12.45
CA ILE B 21 -8.37 26.95 -13.00
C ILE B 21 -8.29 28.08 -11.97
N GLN B 22 -8.37 27.72 -10.69
CA GLN B 22 -8.29 28.70 -9.60
C GLN B 22 -6.88 29.27 -9.54
N ASN B 23 -5.94 28.61 -10.21
CA ASN B 23 -4.56 29.08 -10.23
C ASN B 23 -4.16 29.68 -11.56
N VAL B 24 -5.03 29.58 -12.56
CA VAL B 24 -4.75 30.16 -13.87
C VAL B 24 -5.50 31.47 -14.02
N GLU B 25 -4.74 32.53 -14.29
CA GLU B 25 -5.25 33.88 -14.42
C GLU B 25 -6.42 34.14 -15.37
N GLY B 26 -6.18 33.98 -16.67
CA GLY B 26 -7.22 34.26 -17.65
C GLY B 26 -8.47 33.39 -17.63
N VAL B 27 -8.45 32.32 -16.85
CA VAL B 27 -9.60 31.42 -16.82
C VAL B 27 -10.30 31.31 -15.47
N GLU B 28 -11.60 30.99 -15.53
CA GLU B 28 -12.41 30.79 -14.32
C GLU B 28 -13.72 30.08 -14.67
N VAL B 29 -14.11 29.14 -13.82
CA VAL B 29 -15.34 28.37 -14.03
C VAL B 29 -16.56 29.10 -13.48
N THR B 30 -17.59 29.23 -14.31
CA THR B 30 -18.81 29.93 -13.91
C THR B 30 -20.03 29.02 -13.89
N ARG B 31 -19.83 27.74 -14.19
CA ARG B 31 -20.95 26.81 -14.20
C ARG B 31 -20.49 25.36 -14.22
N ILE B 32 -20.99 24.58 -13.28
CA ILE B 32 -20.63 23.17 -13.20
C ILE B 32 -21.90 22.35 -13.33
N ASN B 33 -21.83 21.23 -14.05
CA ASN B 33 -22.99 20.37 -14.23
C ASN B 33 -22.61 18.91 -14.08
N ASP B 34 -23.07 18.29 -13.01
CA ASP B 34 -22.82 16.88 -12.72
C ASP B 34 -24.10 16.29 -12.15
N LEU B 35 -24.31 14.99 -12.36
CA LEU B 35 -25.51 14.34 -11.87
C LEU B 35 -25.49 13.99 -10.37
N THR B 36 -24.32 14.03 -9.76
CA THR B 36 -24.19 13.68 -8.34
C THR B 36 -24.70 14.71 -7.35
N ASP B 37 -25.07 14.24 -6.16
CA ASP B 37 -25.56 15.09 -5.08
C ASP B 37 -24.49 16.13 -4.70
N PRO B 38 -24.83 17.43 -4.81
CA PRO B 38 -23.94 18.55 -4.48
C PRO B 38 -23.15 18.42 -3.17
N ASN B 39 -23.80 17.96 -2.10
CA ASN B 39 -23.08 17.82 -0.84
C ASN B 39 -21.94 16.84 -1.02
N MET B 40 -22.19 15.79 -1.78
CA MET B 40 -21.18 14.77 -2.05
C MET B 40 -20.04 15.40 -2.86
N LEU B 41 -20.40 16.07 -3.96
CA LEU B 41 -19.41 16.73 -4.80
C LEU B 41 -18.61 17.81 -4.06
N ALA B 42 -19.26 18.52 -3.15
CA ALA B 42 -18.60 19.57 -2.37
C ALA B 42 -17.57 18.95 -1.44
N HIS B 43 -17.91 17.80 -0.86
CA HIS B 43 -16.99 17.12 0.04
C HIS B 43 -15.74 16.64 -0.73
N LEU B 44 -15.96 16.00 -1.88
CA LEU B 44 -14.87 15.51 -2.70
C LEU B 44 -13.96 16.61 -3.23
N LEU B 45 -14.50 17.81 -3.37
CA LEU B 45 -13.72 18.94 -3.86
C LEU B 45 -12.88 19.45 -2.71
N LYS B 46 -13.48 19.47 -1.51
CA LYS B 46 -12.76 19.93 -0.32
C LYS B 46 -11.66 18.97 0.11
N TYR B 47 -11.95 17.68 0.06
CA TYR B 47 -10.99 16.66 0.48
C TYR B 47 -10.60 15.71 -0.65
N ASP B 48 -9.31 15.69 -0.95
CA ASP B 48 -8.76 14.86 -2.03
C ASP B 48 -7.58 14.05 -1.47
N THR B 49 -7.66 12.73 -1.59
CA THR B 49 -6.61 11.85 -1.10
C THR B 49 -5.23 12.11 -1.67
N THR B 50 -5.13 12.20 -2.99
CA THR B 50 -3.85 12.41 -3.65
C THR B 50 -3.46 13.87 -3.90
N GLN B 51 -4.45 14.70 -4.25
CA GLN B 51 -4.16 16.10 -4.54
C GLN B 51 -4.20 17.03 -3.32
N GLY B 52 -4.55 16.50 -2.15
CA GLY B 52 -4.58 17.33 -0.96
C GLY B 52 -5.82 18.19 -0.77
N ARG B 53 -5.93 18.83 0.39
CA ARG B 53 -7.07 19.68 0.71
C ARG B 53 -7.24 20.81 -0.29
N PHE B 54 -8.48 21.29 -0.43
CA PHE B 54 -8.74 22.37 -1.37
C PHE B 54 -8.13 23.67 -0.87
N ASP B 55 -7.47 24.37 -1.77
CA ASP B 55 -6.83 25.65 -1.44
C ASP B 55 -7.92 26.72 -1.43
N GLY B 56 -8.58 26.85 -0.28
CA GLY B 56 -9.64 27.83 -0.12
C GLY B 56 -10.75 27.34 0.79
N THR B 57 -12.00 27.58 0.39
CA THR B 57 -13.16 27.15 1.17
C THR B 57 -14.33 26.79 0.25
N VAL B 58 -15.06 25.74 0.60
CA VAL B 58 -16.20 25.32 -0.19
C VAL B 58 -17.42 25.22 0.71
N GLU B 59 -18.49 25.88 0.31
CA GLU B 59 -19.73 25.87 1.07
C GLU B 59 -20.89 25.66 0.12
N VAL B 60 -21.76 24.71 0.44
CA VAL B 60 -22.90 24.45 -0.42
C VAL B 60 -23.95 25.55 -0.28
N LYS B 61 -24.50 25.96 -1.41
CA LYS B 61 -25.54 26.98 -1.45
C LYS B 61 -26.67 26.43 -2.32
N GLU B 62 -27.79 27.14 -2.36
CA GLU B 62 -28.95 26.70 -3.13
C GLU B 62 -28.66 26.39 -4.59
N GLY B 63 -28.10 27.35 -5.31
CA GLY B 63 -27.81 27.14 -6.72
C GLY B 63 -26.56 26.35 -7.02
N GLY B 64 -25.65 26.27 -6.06
CA GLY B 64 -24.42 25.52 -6.28
C GLY B 64 -23.49 25.63 -5.09
N PHE B 65 -22.27 26.10 -5.33
CA PHE B 65 -21.29 26.24 -4.26
C PHE B 65 -20.84 27.69 -4.16
N GLU B 66 -20.07 27.97 -3.12
CA GLU B 66 -19.49 29.27 -2.91
C GLU B 66 -18.04 28.95 -2.58
N VAL B 67 -17.18 29.12 -3.58
CA VAL B 67 -15.76 28.85 -3.42
C VAL B 67 -15.01 30.16 -3.26
N ASN B 68 -14.38 30.33 -2.10
CA ASN B 68 -13.63 31.54 -1.81
C ASN B 68 -14.46 32.79 -2.14
N GLY B 69 -15.49 33.03 -1.34
CA GLY B 69 -16.33 34.19 -1.55
C GLY B 69 -16.77 34.45 -2.98
N GLN B 70 -17.10 33.40 -3.71
CA GLN B 70 -17.55 33.55 -5.09
C GLN B 70 -18.46 32.40 -5.51
N PHE B 71 -19.74 32.71 -5.63
CA PHE B 71 -20.74 31.71 -6.01
C PHE B 71 -20.45 31.05 -7.36
N VAL B 72 -20.63 29.73 -7.40
CA VAL B 72 -20.43 28.97 -8.61
C VAL B 72 -21.69 28.12 -8.78
N LYS B 73 -22.38 28.33 -9.89
CA LYS B 73 -23.61 27.59 -10.16
C LYS B 73 -23.29 26.11 -10.38
N VAL B 74 -24.11 25.24 -9.79
CA VAL B 74 -23.92 23.81 -9.93
C VAL B 74 -25.26 23.17 -10.29
N SER B 75 -25.36 22.69 -11.53
CA SER B 75 -26.59 22.06 -12.00
C SER B 75 -26.40 20.55 -12.10
N ALA B 76 -27.50 19.83 -12.33
CA ALA B 76 -27.48 18.37 -12.46
C ALA B 76 -28.26 17.95 -13.70
N GLU B 77 -28.08 18.68 -14.79
CA GLU B 77 -28.77 18.39 -16.04
C GLU B 77 -28.22 17.11 -16.68
N ARG B 78 -29.13 16.27 -17.16
CA ARG B 78 -28.76 15.00 -17.77
C ARG B 78 -28.38 15.14 -19.25
N GLU B 79 -28.92 16.16 -19.92
CA GLU B 79 -28.63 16.36 -21.34
C GLU B 79 -28.08 17.74 -21.68
N PRO B 80 -27.02 17.77 -22.52
CA PRO B 80 -26.34 18.98 -22.97
C PRO B 80 -27.33 20.01 -23.49
N ALA B 81 -28.43 19.51 -24.04
CA ALA B 81 -29.48 20.34 -24.61
C ALA B 81 -29.94 21.45 -23.65
N ASN B 82 -30.41 21.06 -22.47
CA ASN B 82 -30.92 22.01 -21.49
C ASN B 82 -29.92 22.61 -20.49
N ILE B 83 -28.65 22.66 -20.84
CA ILE B 83 -27.68 23.28 -19.95
C ILE B 83 -27.44 24.68 -20.48
N ASP B 84 -28.14 25.66 -19.90
CA ASP B 84 -28.01 27.04 -20.34
C ASP B 84 -26.69 27.66 -19.89
N TRP B 85 -25.59 27.19 -20.47
CA TRP B 85 -24.28 27.71 -20.13
C TRP B 85 -24.25 29.23 -20.27
N ALA B 86 -24.88 29.71 -21.33
CA ALA B 86 -24.93 31.14 -21.64
C ALA B 86 -25.43 32.03 -20.50
N THR B 87 -26.40 31.55 -19.72
CA THR B 87 -26.94 32.33 -18.62
C THR B 87 -25.81 32.78 -17.70
N ASP B 88 -24.85 31.88 -17.51
CA ASP B 88 -23.70 32.12 -16.64
C ASP B 88 -22.49 32.64 -17.42
N GLY B 89 -22.64 32.79 -18.73
CA GLY B 89 -21.56 33.30 -19.55
C GLY B 89 -20.50 32.29 -19.96
N VAL B 90 -20.85 31.01 -19.97
CA VAL B 90 -19.91 29.97 -20.35
C VAL B 90 -19.71 29.95 -21.86
N GLU B 91 -18.47 30.22 -22.29
CA GLU B 91 -18.13 30.23 -23.70
C GLU B 91 -17.45 28.95 -24.18
N ILE B 92 -16.83 28.22 -23.25
CA ILE B 92 -16.18 26.95 -23.58
C ILE B 92 -16.63 25.92 -22.57
N VAL B 93 -16.87 24.70 -23.05
CA VAL B 93 -17.31 23.64 -22.16
C VAL B 93 -16.31 22.49 -22.12
N LEU B 94 -15.99 22.05 -20.90
CA LEU B 94 -15.08 20.93 -20.71
C LEU B 94 -15.95 19.70 -20.51
N GLU B 95 -16.09 18.90 -21.56
CA GLU B 95 -16.90 17.70 -21.49
C GLU B 95 -16.10 16.52 -20.96
N ALA B 96 -16.31 16.18 -19.68
CA ALA B 96 -15.57 15.09 -19.06
C ALA B 96 -16.41 14.01 -18.38
N THR B 97 -17.62 13.78 -18.89
CA THR B 97 -18.49 12.76 -18.31
C THR B 97 -18.23 11.42 -19.00
N GLY B 98 -17.62 11.49 -20.19
CA GLY B 98 -17.31 10.29 -20.95
C GLY B 98 -18.49 9.76 -21.75
N PHE B 99 -19.64 10.40 -21.60
CA PHE B 99 -20.85 9.99 -22.30
C PHE B 99 -21.16 10.87 -23.50
N PHE B 100 -20.20 11.71 -23.90
CA PHE B 100 -20.38 12.59 -25.05
C PHE B 100 -19.07 12.68 -25.82
N ALA B 101 -18.45 11.51 -26.02
CA ALA B 101 -17.19 11.40 -26.71
C ALA B 101 -17.31 11.48 -28.22
N SER B 102 -18.47 11.86 -28.72
CA SER B 102 -18.66 11.96 -30.16
C SER B 102 -18.87 13.38 -30.63
N LYS B 103 -18.60 13.61 -31.91
CA LYS B 103 -18.77 14.91 -32.52
C LYS B 103 -20.19 15.40 -32.28
N GLU B 104 -21.14 14.50 -32.49
CA GLU B 104 -22.57 14.80 -32.31
C GLU B 104 -22.93 15.13 -30.86
N LYS B 105 -22.79 14.14 -29.99
CA LYS B 105 -23.11 14.32 -28.57
C LYS B 105 -22.56 15.65 -28.05
N ALA B 106 -21.26 15.86 -28.26
CA ALA B 106 -20.59 17.08 -27.83
C ALA B 106 -21.20 18.38 -28.32
N GLU B 107 -21.47 18.47 -29.62
CA GLU B 107 -22.05 19.67 -30.22
C GLU B 107 -23.34 20.14 -29.55
N GLN B 108 -24.02 19.21 -28.86
CA GLN B 108 -25.26 19.54 -28.19
C GLN B 108 -25.10 20.76 -27.27
N HIS B 109 -23.98 20.83 -26.56
CA HIS B 109 -23.70 21.94 -25.66
C HIS B 109 -23.75 23.29 -26.37
N ILE B 110 -23.68 23.27 -27.69
CA ILE B 110 -23.70 24.50 -28.45
C ILE B 110 -25.06 24.89 -29.02
N HIS B 111 -25.69 25.86 -28.35
CA HIS B 111 -26.94 26.47 -28.76
C HIS B 111 -26.88 27.96 -28.39
N GLU B 112 -28.01 28.65 -28.34
CA GLU B 112 -28.03 30.07 -28.00
C GLU B 112 -29.28 30.45 -27.23
N GLY B 114 -26.70 28.60 -24.26
CA GLY B 114 -25.90 27.81 -25.18
C GLY B 114 -24.41 28.14 -25.13
N ALA B 115 -23.55 27.13 -25.26
CA ALA B 115 -22.10 27.32 -25.23
C ALA B 115 -21.58 27.51 -26.63
N LYS B 116 -20.32 27.92 -26.75
CA LYS B 116 -19.72 28.18 -28.06
C LYS B 116 -18.73 27.13 -28.56
N LYS B 117 -17.87 26.65 -27.68
CA LYS B 117 -16.89 25.65 -28.06
C LYS B 117 -16.74 24.57 -26.96
N VAL B 118 -16.42 23.35 -27.38
CA VAL B 118 -16.28 22.25 -26.43
C VAL B 118 -14.98 21.45 -26.55
N VAL B 119 -14.30 21.26 -25.42
CA VAL B 119 -13.07 20.47 -25.37
C VAL B 119 -13.41 19.13 -24.73
N ILE B 120 -13.36 18.07 -25.52
CA ILE B 120 -13.69 16.74 -25.04
C ILE B 120 -12.50 16.04 -24.38
N THR B 121 -12.75 15.26 -23.33
CA THR B 121 -11.69 14.49 -22.69
C THR B 121 -11.45 13.15 -23.41
N ALA B 122 -12.51 12.63 -24.02
CA ALA B 122 -12.41 11.34 -24.69
C ALA B 122 -11.75 11.52 -26.06
N PRO B 123 -11.40 10.42 -26.75
CA PRO B 123 -10.77 10.50 -28.09
C PRO B 123 -11.67 11.08 -29.21
N GLY B 124 -11.03 11.74 -30.17
CA GLY B 124 -11.71 12.46 -31.25
C GLY B 124 -12.52 11.76 -32.33
N GLY B 125 -11.83 11.07 -33.26
CA GLY B 125 -12.50 10.42 -34.39
C GLY B 125 -12.33 11.29 -35.62
N ASN B 126 -13.19 11.08 -36.62
CA ASN B 126 -13.08 11.85 -37.84
C ASN B 126 -13.29 13.33 -37.62
N ASP B 127 -14.39 13.65 -36.96
CA ASP B 127 -14.75 15.02 -36.68
C ASP B 127 -13.81 15.80 -35.75
N VAL B 128 -13.26 15.14 -34.73
CA VAL B 128 -12.53 15.89 -33.72
C VAL B 128 -11.04 15.82 -33.84
N LYS B 129 -10.40 16.98 -33.65
CA LYS B 129 -8.96 17.09 -33.71
C LYS B 129 -8.44 16.78 -32.30
N THR B 130 -7.30 16.13 -32.23
CA THR B 130 -6.68 15.77 -30.96
C THR B 130 -5.52 16.72 -30.69
N VAL B 131 -5.58 17.43 -29.56
CA VAL B 131 -4.55 18.41 -29.22
C VAL B 131 -3.82 18.21 -27.90
N VAL B 132 -2.49 18.16 -27.99
CA VAL B 132 -1.64 18.03 -26.81
C VAL B 132 -0.92 19.37 -26.74
N PHE B 133 -1.44 20.27 -25.90
CA PHE B 133 -0.88 21.61 -25.79
C PHE B 133 0.64 21.68 -25.84
N ASN B 134 1.13 22.69 -26.55
CA ASN B 134 2.55 22.94 -26.75
C ASN B 134 3.22 21.86 -27.59
N THR B 135 2.41 21.02 -28.23
CA THR B 135 2.95 19.98 -29.09
C THR B 135 2.28 20.08 -30.45
N ASN B 136 0.98 20.34 -30.47
CA ASN B 136 0.28 20.47 -31.75
C ASN B 136 -0.98 21.32 -31.68
N HIS B 137 -1.08 22.23 -30.71
CA HIS B 137 -2.26 23.07 -30.62
C HIS B 137 -2.23 24.12 -31.71
N ASP B 138 -1.19 24.07 -32.54
CA ASP B 138 -1.03 25.01 -33.65
C ASP B 138 -1.88 24.57 -34.83
N ILE B 139 -2.39 23.34 -34.80
CA ILE B 139 -3.22 22.83 -35.88
C ILE B 139 -4.60 23.47 -35.83
N LEU B 140 -4.92 24.09 -34.69
CA LEU B 140 -6.22 24.73 -34.50
C LEU B 140 -6.23 26.09 -35.20
N ASP B 141 -7.20 26.29 -36.08
CA ASP B 141 -7.32 27.55 -36.82
C ASP B 141 -8.33 28.52 -36.20
N GLY B 142 -9.41 27.97 -35.62
CA GLY B 142 -10.42 28.80 -35.00
C GLY B 142 -11.84 28.42 -35.37
N THR B 143 -12.00 27.75 -36.51
CA THR B 143 -13.31 27.33 -36.98
C THR B 143 -13.84 26.07 -36.30
N GLU B 144 -13.04 25.49 -35.40
CA GLU B 144 -13.43 24.28 -34.70
C GLU B 144 -14.48 24.56 -33.61
N THR B 145 -15.32 23.57 -33.36
CA THR B 145 -16.35 23.69 -32.33
C THR B 145 -16.06 22.68 -31.24
N VAL B 146 -15.61 21.51 -31.67
CA VAL B 146 -15.29 20.41 -30.76
C VAL B 146 -13.91 19.83 -31.07
N ILE B 147 -13.11 19.68 -30.02
CA ILE B 147 -11.76 19.12 -30.14
C ILE B 147 -11.49 18.22 -28.93
N SER B 148 -10.46 17.40 -29.02
CA SER B 148 -10.10 16.50 -27.93
C SER B 148 -8.78 16.91 -27.28
N GLY B 149 -8.69 16.71 -25.97
CA GLY B 149 -7.48 17.04 -25.23
C GLY B 149 -6.61 15.79 -25.14
N ALA B 150 -6.99 14.77 -25.90
CA ALA B 150 -6.27 13.50 -25.93
C ALA B 150 -6.30 12.82 -24.56
N SER B 151 -5.42 11.85 -24.36
CA SER B 151 -5.38 11.14 -23.09
C SER B 151 -4.24 11.60 -22.18
N CYS B 152 -4.22 11.08 -20.96
CA CYS B 152 -3.19 11.43 -19.99
C CYS B 152 -1.84 10.88 -20.46
N THR B 153 -1.86 9.68 -21.01
CA THR B 153 -0.63 9.06 -21.49
C THR B 153 -0.08 9.79 -22.72
N THR B 154 -0.95 10.18 -23.64
CA THR B 154 -0.53 10.87 -24.85
C THR B 154 0.17 12.18 -24.51
N ASN B 155 -0.39 12.90 -23.53
CA ASN B 155 0.16 14.18 -23.10
C ASN B 155 1.56 14.03 -22.49
N CYS B 156 1.90 12.82 -22.05
CA CYS B 156 3.21 12.57 -21.50
C CYS B 156 4.17 12.19 -22.60
N LEU B 157 3.73 11.27 -23.47
CA LEU B 157 4.54 10.78 -24.58
C LEU B 157 4.83 11.76 -25.72
N ALA B 158 3.85 12.60 -26.07
CA ALA B 158 4.01 13.55 -27.17
C ALA B 158 5.23 14.47 -27.15
N PRO B 159 5.35 15.34 -26.12
CA PRO B 159 6.54 16.21 -26.11
C PRO B 159 7.85 15.45 -26.22
N MET B 160 7.92 14.28 -25.58
CA MET B 160 9.13 13.47 -25.60
C MET B 160 9.40 12.85 -26.97
N ALA B 161 8.38 12.26 -27.58
CA ALA B 161 8.51 11.62 -28.89
C ALA B 161 8.75 12.64 -29.99
N LYS B 162 8.08 13.78 -29.88
CA LYS B 162 8.21 14.84 -30.84
C LYS B 162 9.64 15.35 -30.82
N ALA B 163 10.20 15.45 -29.61
CA ALA B 163 11.58 15.90 -29.46
C ALA B 163 12.54 14.92 -30.11
N LEU B 164 12.29 13.62 -29.95
CA LEU B 164 13.15 12.61 -30.57
C LEU B 164 13.02 12.69 -32.08
N GLN B 165 11.81 12.93 -32.57
CA GLN B 165 11.55 13.03 -34.00
C GLN B 165 12.20 14.25 -34.63
N ASP B 166 11.93 15.41 -34.06
CA ASP B 166 12.47 16.68 -34.56
C ASP B 166 14.00 16.77 -34.61
N ASN B 167 14.66 16.12 -33.66
CA ASN B 167 16.12 16.16 -33.57
C ASN B 167 16.89 15.04 -34.28
N PHE B 168 16.37 13.82 -34.20
CA PHE B 168 17.06 12.68 -34.80
C PHE B 168 16.22 11.87 -35.79
N GLY B 169 14.91 12.04 -35.73
CA GLY B 169 14.02 11.29 -36.60
C GLY B 169 13.83 9.91 -36.00
N VAL B 170 12.58 9.49 -35.84
CA VAL B 170 12.32 8.19 -35.24
C VAL B 170 11.90 7.11 -36.25
N LYS B 171 12.57 5.97 -36.20
CA LYS B 171 12.21 4.88 -37.09
C LYS B 171 10.97 4.18 -36.52
N GLN B 172 11.08 3.71 -35.29
CA GLN B 172 9.98 3.04 -34.61
C GLN B 172 10.30 2.91 -33.13
N GLY B 173 9.33 2.49 -32.34
CA GLY B 173 9.57 2.33 -30.91
C GLY B 173 8.45 1.69 -30.12
N LEU B 174 8.80 1.15 -28.95
CA LEU B 174 7.83 0.51 -28.06
C LEU B 174 7.77 1.24 -26.72
N MET B 175 6.55 1.49 -26.25
CA MET B 175 6.32 2.20 -25.00
C MET B 175 5.76 1.34 -23.86
N THR B 176 6.31 1.54 -22.66
CA THR B 176 5.81 0.85 -21.47
C THR B 176 5.64 1.89 -20.38
N THR B 177 4.41 2.00 -19.86
CA THR B 177 4.12 2.96 -18.81
C THR B 177 3.84 2.25 -17.50
N ILE B 178 4.64 2.56 -16.48
CA ILE B 178 4.42 2.02 -15.16
C ILE B 178 3.42 3.05 -14.64
N HIS B 179 2.16 2.68 -14.70
CA HIS B 179 1.04 3.54 -14.35
C HIS B 179 0.38 3.29 -13.01
N ALA B 180 -0.16 4.35 -12.40
CA ALA B 180 -0.85 4.24 -11.12
C ALA B 180 -2.20 3.58 -11.39
N TYR B 181 -2.77 2.89 -10.41
CA TYR B 181 -4.06 2.27 -10.64
C TYR B 181 -5.09 3.38 -10.79
N THR B 182 -6.14 3.10 -11.54
CA THR B 182 -7.17 4.11 -11.76
C THR B 182 -8.51 3.62 -11.23
N GLY B 183 -9.51 4.50 -11.27
CA GLY B 183 -10.83 4.18 -10.76
C GLY B 183 -11.58 3.11 -11.53
N ASP B 184 -11.03 2.62 -12.65
CA ASP B 184 -11.74 1.61 -13.39
C ASP B 184 -11.23 0.21 -13.06
N GLN B 185 -10.42 0.13 -12.01
CA GLN B 185 -9.89 -1.15 -11.53
C GLN B 185 -10.68 -1.52 -10.29
N MET B 186 -10.76 -2.82 -10.01
CA MET B 186 -11.47 -3.29 -8.83
C MET B 186 -10.61 -3.06 -7.58
N ILE B 187 -11.25 -2.64 -6.49
CA ILE B 187 -10.50 -2.40 -5.26
C ILE B 187 -10.08 -3.77 -4.71
N LEU B 188 -10.91 -4.78 -4.95
CA LEU B 188 -10.64 -6.14 -4.52
C LEU B 188 -11.15 -7.05 -5.64
N ASP B 189 -10.56 -8.22 -5.77
CA ASP B 189 -10.95 -9.19 -6.79
C ASP B 189 -12.46 -9.35 -6.93
N GLY B 190 -12.96 -9.01 -8.12
CA GLY B 190 -14.38 -9.12 -8.39
C GLY B 190 -14.70 -9.04 -9.86
N PRO B 191 -15.99 -9.14 -10.24
CA PRO B 191 -16.36 -9.08 -11.65
C PRO B 191 -16.25 -7.67 -12.21
N HIS B 192 -15.36 -7.51 -13.18
CA HIS B 192 -15.18 -6.21 -13.82
C HIS B 192 -16.27 -6.10 -14.88
N ARG B 193 -17.21 -5.18 -14.68
CA ARG B 193 -18.31 -5.05 -15.63
C ARG B 193 -17.90 -4.83 -17.08
N GLY B 194 -16.61 -4.69 -17.32
CA GLY B 194 -16.12 -4.52 -18.68
C GLY B 194 -15.59 -5.83 -19.22
N GLY B 195 -15.59 -6.87 -18.39
CA GLY B 195 -15.11 -8.17 -18.81
C GLY B 195 -13.59 -8.33 -18.80
N ASP B 196 -12.88 -7.33 -18.31
CA ASP B 196 -11.42 -7.38 -18.27
C ASP B 196 -10.95 -8.25 -17.11
N LEU B 197 -10.31 -9.37 -17.42
CA LEU B 197 -9.85 -10.28 -16.38
C LEU B 197 -8.72 -9.69 -15.54
N ARG B 198 -8.07 -8.64 -16.03
CA ARG B 198 -7.00 -8.03 -15.25
C ARG B 198 -7.48 -6.84 -14.42
N ARG B 199 -8.37 -6.02 -14.96
CA ARG B 199 -8.88 -4.90 -14.20
C ARG B 199 -9.87 -5.41 -13.13
N ALA B 200 -10.10 -6.72 -13.14
CA ALA B 200 -11.01 -7.34 -12.19
C ALA B 200 -10.26 -7.65 -10.90
N ARG B 201 -8.94 -7.64 -10.99
CA ARG B 201 -8.10 -7.93 -9.83
C ARG B 201 -7.87 -6.70 -8.95
N ALA B 202 -7.54 -6.93 -7.69
CA ALA B 202 -7.29 -5.85 -6.73
C ALA B 202 -6.21 -4.92 -7.25
N GLY B 203 -6.61 -3.69 -7.59
CA GLY B 203 -5.69 -2.71 -8.15
C GLY B 203 -4.51 -2.20 -7.32
N ALA B 204 -4.69 -2.11 -6.00
CA ALA B 204 -3.62 -1.62 -5.14
C ALA B 204 -2.85 -2.74 -4.46
N ALA B 205 -3.01 -3.97 -4.97
CA ALA B 205 -2.31 -5.09 -4.39
C ALA B 205 -1.60 -5.90 -5.45
N ASN B 206 -1.56 -5.37 -6.68
CA ASN B 206 -0.93 -6.07 -7.80
C ASN B 206 -0.24 -5.21 -8.84
N ILE B 207 0.61 -5.87 -9.62
CA ILE B 207 1.23 -5.20 -10.75
C ILE B 207 0.28 -5.79 -11.78
N VAL B 208 -0.46 -4.94 -12.48
CA VAL B 208 -1.42 -5.41 -13.45
C VAL B 208 -1.16 -4.95 -14.87
N PRO B 209 -0.88 -5.90 -15.78
CA PRO B 209 -0.61 -5.53 -17.17
C PRO B 209 -1.90 -4.98 -17.75
N ASN B 210 -1.80 -3.98 -18.62
CA ASN B 210 -3.00 -3.45 -19.23
C ASN B 210 -2.71 -2.69 -20.52
N SER B 211 -3.69 -2.69 -21.42
CA SER B 211 -3.54 -2.04 -22.71
C SER B 211 -3.53 -0.51 -22.63
N THR B 212 -3.07 0.12 -23.72
CA THR B 212 -2.96 1.58 -23.82
C THR B 212 -3.39 2.07 -25.21
N GLY B 213 -3.91 3.29 -25.27
CA GLY B 213 -4.34 3.83 -26.55
C GLY B 213 -3.32 4.79 -27.13
N ALA B 214 -2.48 5.36 -26.28
CA ALA B 214 -1.46 6.32 -26.71
C ALA B 214 -0.49 5.71 -27.70
N ALA B 215 -0.52 4.38 -27.82
CA ALA B 215 0.37 3.67 -28.72
C ALA B 215 0.17 4.11 -30.19
N LYS B 216 -1.07 4.05 -30.66
CA LYS B 216 -1.38 4.44 -32.03
C LYS B 216 -1.82 5.90 -32.15
N ALA B 217 -2.71 6.31 -31.25
CA ALA B 217 -3.25 7.67 -31.24
C ALA B 217 -2.17 8.75 -31.32
N ILE B 218 -0.92 8.34 -31.10
CA ILE B 218 0.19 9.27 -31.14
C ILE B 218 0.35 9.86 -32.55
N GLY B 219 -0.18 9.15 -33.54
CA GLY B 219 -0.09 9.61 -34.91
C GLY B 219 -1.04 10.76 -35.20
N LEU B 220 -2.05 10.93 -34.34
CA LEU B 220 -3.02 12.00 -34.49
C LEU B 220 -2.45 13.32 -33.98
N VAL B 221 -1.42 13.24 -33.16
CA VAL B 221 -0.79 14.43 -32.60
C VAL B 221 0.52 14.72 -33.32
N ILE B 222 1.23 13.67 -33.69
CA ILE B 222 2.49 13.82 -34.39
C ILE B 222 2.42 12.93 -35.63
N PRO B 223 1.85 13.46 -36.72
CA PRO B 223 1.67 12.78 -38.01
C PRO B 223 2.84 11.91 -38.51
N GLU B 224 4.06 12.45 -38.44
CA GLU B 224 5.23 11.70 -38.91
C GLU B 224 5.52 10.43 -38.11
N LEU B 225 4.81 10.24 -37.00
CA LEU B 225 5.02 9.05 -36.19
C LEU B 225 3.90 8.04 -36.37
N ASN B 226 2.88 8.43 -37.11
CA ASN B 226 1.74 7.55 -37.38
C ASN B 226 2.16 6.12 -37.69
N GLY B 227 1.76 5.20 -36.82
CA GLY B 227 2.08 3.79 -36.98
C GLY B 227 3.49 3.40 -36.58
N LYS B 228 4.28 4.37 -36.11
CA LYS B 228 5.65 4.08 -35.71
C LYS B 228 5.84 3.64 -34.26
N LEU B 229 4.83 3.87 -33.44
CA LEU B 229 4.93 3.53 -32.02
C LEU B 229 3.82 2.65 -31.48
N ASP B 230 4.20 1.81 -30.53
CA ASP B 230 3.23 0.93 -29.89
C ASP B 230 3.68 0.61 -28.47
N GLY B 231 2.71 0.39 -27.58
CA GLY B 231 3.07 0.10 -26.22
C GLY B 231 1.96 -0.48 -25.38
N ALA B 232 2.25 -0.64 -24.10
CA ALA B 232 1.33 -1.20 -23.12
C ALA B 232 1.65 -0.54 -21.77
N ALA B 233 0.97 -0.98 -20.72
CA ALA B 233 1.19 -0.41 -19.40
C ALA B 233 1.21 -1.45 -18.28
N GLN B 234 1.80 -1.06 -17.16
CA GLN B 234 1.87 -1.91 -15.98
C GLN B 234 1.32 -1.09 -14.81
N ARG B 235 0.05 -1.33 -14.46
CA ARG B 235 -0.59 -0.63 -13.34
C ARG B 235 0.03 -1.10 -12.02
N VAL B 236 0.45 -0.17 -11.16
CA VAL B 236 1.07 -0.52 -9.89
C VAL B 236 0.41 0.19 -8.69
N PRO B 237 0.63 -0.32 -7.47
CA PRO B 237 0.04 0.24 -6.25
C PRO B 237 0.44 1.65 -5.79
N VAL B 238 0.14 2.62 -6.64
CA VAL B 238 0.40 4.03 -6.35
C VAL B 238 -0.91 4.68 -6.82
N PRO B 239 -1.61 5.40 -5.92
CA PRO B 239 -2.88 6.06 -6.26
C PRO B 239 -2.86 7.14 -7.34
N THR B 240 -1.68 7.61 -7.69
CA THR B 240 -1.52 8.60 -8.74
C THR B 240 -0.03 8.82 -8.93
N GLY B 241 0.37 9.06 -10.17
CA GLY B 241 1.77 9.27 -10.50
C GLY B 241 2.18 8.15 -11.42
N SER B 242 2.68 8.52 -12.60
CA SER B 242 3.09 7.54 -13.60
C SER B 242 4.38 7.93 -14.30
N VAL B 243 4.95 6.97 -15.03
CA VAL B 243 6.18 7.21 -15.75
C VAL B 243 6.16 6.43 -17.07
N THR B 244 6.56 7.09 -18.15
CA THR B 244 6.57 6.46 -19.47
C THR B 244 7.97 6.17 -20.00
N GLU B 245 8.16 4.93 -20.43
CA GLU B 245 9.43 4.49 -20.99
C GLU B 245 9.26 4.25 -22.48
N LEU B 246 10.09 4.90 -23.29
CA LEU B 246 10.03 4.72 -24.74
C LEU B 246 11.36 4.20 -25.25
N VAL B 247 11.37 2.97 -25.74
CA VAL B 247 12.58 2.37 -26.30
C VAL B 247 12.44 2.54 -27.80
N ALA B 248 13.26 3.40 -28.37
CA ALA B 248 13.16 3.67 -29.80
C ALA B 248 14.43 3.40 -30.59
N THR B 249 14.26 3.43 -31.90
CA THR B 249 15.34 3.24 -32.84
C THR B 249 15.30 4.51 -33.69
N LEU B 250 16.43 5.18 -33.82
CA LEU B 250 16.49 6.45 -34.55
C LEU B 250 17.17 6.42 -35.92
N GLU B 251 16.85 7.42 -36.73
CA GLU B 251 17.41 7.52 -38.07
C GLU B 251 18.79 8.15 -38.05
N LYS B 252 19.39 8.22 -36.87
CA LYS B 252 20.70 8.82 -36.70
C LYS B 252 21.25 8.38 -35.35
N ASP B 253 22.57 8.24 -35.24
CA ASP B 253 23.17 7.84 -33.98
C ASP B 253 23.27 9.02 -33.04
N VAL B 254 23.24 8.72 -31.74
CA VAL B 254 23.28 9.76 -30.73
C VAL B 254 24.04 9.32 -29.48
N THR B 255 24.19 10.25 -28.55
CA THR B 255 24.82 9.96 -27.27
C THR B 255 23.78 10.33 -26.22
N VAL B 256 24.00 9.91 -24.99
CA VAL B 256 23.07 10.22 -23.92
C VAL B 256 22.95 11.74 -23.77
N GLU B 257 24.09 12.44 -23.83
CA GLU B 257 24.12 13.90 -23.69
C GLU B 257 23.35 14.62 -24.79
N GLU B 258 23.41 14.09 -26.01
CA GLU B 258 22.68 14.72 -27.10
C GLU B 258 21.20 14.59 -26.83
N VAL B 259 20.76 13.37 -26.54
CA VAL B 259 19.35 13.11 -26.26
C VAL B 259 18.86 13.99 -25.11
N ASN B 260 19.57 13.95 -23.99
CA ASN B 260 19.20 14.76 -22.83
C ASN B 260 19.12 16.22 -23.20
N ALA B 261 20.13 16.70 -23.92
CA ALA B 261 20.19 18.09 -24.33
C ALA B 261 18.97 18.50 -25.15
N ALA B 262 18.61 17.68 -26.14
CA ALA B 262 17.47 17.96 -27.00
C ALA B 262 16.17 18.12 -26.21
N MET B 263 16.02 17.32 -25.15
CA MET B 263 14.83 17.38 -24.34
C MET B 263 14.83 18.68 -23.55
N LYS B 264 16.02 19.09 -23.11
CA LYS B 264 16.12 20.33 -22.35
C LYS B 264 15.80 21.48 -23.29
N ALA B 265 16.23 21.37 -24.54
CA ALA B 265 15.98 22.41 -25.52
C ALA B 265 14.49 22.51 -25.80
N ALA B 266 13.80 21.37 -25.77
CA ALA B 266 12.37 21.35 -26.04
C ALA B 266 11.51 21.69 -24.83
N ALA B 267 12.14 22.04 -23.72
CA ALA B 267 11.42 22.35 -22.48
C ALA B 267 10.57 23.63 -22.48
N ASN B 268 9.39 23.55 -21.87
CA ASN B 268 8.49 24.69 -21.75
C ASN B 268 7.52 24.43 -20.59
N ASP B 269 6.40 25.16 -20.55
CA ASP B 269 5.43 24.98 -19.46
C ASP B 269 4.77 23.60 -19.45
N SER B 270 4.69 22.96 -20.60
CA SER B 270 4.06 21.65 -20.70
C SER B 270 5.05 20.50 -20.66
N TYR B 271 6.29 20.78 -21.01
CA TYR B 271 7.31 19.75 -21.03
C TYR B 271 8.50 20.18 -20.20
N GLY B 272 8.58 19.66 -18.97
CA GLY B 272 9.67 20.00 -18.07
C GLY B 272 10.92 19.14 -18.20
N TYR B 273 11.96 19.51 -17.45
CA TYR B 273 13.22 18.77 -17.47
C TYR B 273 13.90 18.69 -16.11
N THR B 274 14.33 17.49 -15.72
CA THR B 274 15.03 17.28 -14.45
C THR B 274 16.23 16.37 -14.62
N GLU B 275 17.16 16.49 -13.68
CA GLU B 275 18.36 15.68 -13.63
C GLU B 275 18.48 15.20 -12.20
N ASP B 276 17.41 15.43 -11.45
CA ASP B 276 17.37 15.01 -10.06
C ASP B 276 16.78 13.61 -10.03
N PRO B 277 17.38 12.72 -9.21
CA PRO B 277 16.96 11.32 -9.04
C PRO B 277 15.61 11.26 -8.31
N ILE B 278 14.56 11.75 -8.95
CA ILE B 278 13.25 11.76 -8.31
C ILE B 278 12.50 10.45 -8.41
N VAL B 279 11.45 10.33 -7.60
CA VAL B 279 10.60 9.14 -7.65
C VAL B 279 9.16 9.58 -7.86
N SER B 280 8.29 8.61 -8.10
CA SER B 280 6.87 8.81 -8.31
C SER B 280 6.24 9.99 -7.51
N SER B 281 6.21 9.88 -6.20
CA SER B 281 5.60 10.91 -5.36
C SER B 281 6.03 12.33 -5.68
N ASP B 282 7.23 12.51 -6.21
CA ASP B 282 7.70 13.85 -6.51
C ASP B 282 6.94 14.54 -7.64
N ILE B 283 6.22 13.77 -8.45
CA ILE B 283 5.48 14.39 -9.52
C ILE B 283 3.99 14.59 -9.26
N VAL B 284 3.52 14.24 -8.07
CA VAL B 284 2.11 14.42 -7.75
C VAL B 284 1.75 15.90 -7.71
N GLY B 285 0.88 16.33 -8.61
CA GLY B 285 0.44 17.71 -8.63
C GLY B 285 1.21 18.71 -9.47
N ILE B 286 2.16 18.27 -10.28
CA ILE B 286 2.92 19.20 -11.11
C ILE B 286 2.03 19.75 -12.24
N SER B 287 2.51 20.81 -12.89
CA SER B 287 1.77 21.43 -13.98
C SER B 287 2.28 20.99 -15.33
N TYR B 288 3.47 20.40 -15.38
CA TYR B 288 4.03 19.91 -16.64
C TYR B 288 3.15 18.76 -17.10
N GLY B 289 2.86 18.69 -18.39
CA GLY B 289 2.06 17.57 -18.85
C GLY B 289 2.97 16.35 -18.92
N SER B 290 4.27 16.62 -18.93
CA SER B 290 5.28 15.59 -19.02
C SER B 290 6.56 16.16 -18.44
N LEU B 291 7.35 15.31 -17.78
CA LEU B 291 8.59 15.78 -17.19
C LEU B 291 9.72 14.81 -17.51
N PHE B 292 10.58 15.18 -18.47
CA PHE B 292 11.68 14.32 -18.86
C PHE B 292 12.65 14.08 -17.71
N ASP B 293 13.16 12.86 -17.62
CA ASP B 293 14.10 12.50 -16.56
C ASP B 293 15.43 12.08 -17.21
N ALA B 294 16.37 13.01 -17.27
CA ALA B 294 17.66 12.75 -17.88
C ALA B 294 18.47 11.62 -17.22
N THR B 295 18.24 11.39 -15.93
CA THR B 295 18.96 10.32 -15.24
C THR B 295 18.60 8.92 -15.74
N GLN B 296 17.46 8.78 -16.41
CA GLN B 296 17.04 7.47 -16.88
C GLN B 296 17.35 7.16 -18.34
N THR B 297 17.91 8.15 -19.03
CA THR B 297 18.24 8.00 -20.43
C THR B 297 19.23 6.89 -20.66
N LYS B 298 19.07 6.20 -21.79
CA LYS B 298 19.95 5.09 -22.15
C LYS B 298 20.19 5.12 -23.66
N VAL B 299 21.41 4.78 -24.05
CA VAL B 299 21.77 4.70 -25.47
C VAL B 299 22.74 3.54 -25.61
N GLN B 300 22.20 2.37 -25.91
CA GLN B 300 22.98 1.16 -26.06
C GLN B 300 23.49 0.99 -27.49
N THR B 301 24.78 0.74 -27.64
CA THR B 301 25.34 0.53 -28.95
C THR B 301 25.99 -0.85 -29.04
N VAL B 302 25.48 -1.64 -29.97
CA VAL B 302 25.98 -3.00 -30.18
C VAL B 302 26.10 -3.18 -31.68
N ASP B 303 27.34 -3.42 -32.12
CA ASP B 303 27.64 -3.61 -33.53
C ASP B 303 27.08 -2.50 -34.40
N GLY B 304 27.40 -1.26 -34.04
CA GLY B 304 26.96 -0.11 -34.80
C GLY B 304 25.47 0.19 -34.78
N ASN B 305 24.70 -0.58 -34.03
CA ASN B 305 23.26 -0.36 -33.95
C ASN B 305 22.88 0.21 -32.60
N GLN B 306 21.91 1.12 -32.60
CA GLN B 306 21.51 1.72 -31.35
C GLN B 306 20.05 1.55 -30.97
N LEU B 307 19.82 1.51 -29.66
CA LEU B 307 18.50 1.42 -29.07
C LEU B 307 18.51 2.54 -28.05
N VAL B 308 17.63 3.51 -28.21
CA VAL B 308 17.58 4.63 -27.29
C VAL B 308 16.38 4.54 -26.34
N LYS B 309 16.65 4.79 -25.07
CA LYS B 309 15.62 4.75 -24.04
C LYS B 309 15.53 6.11 -23.35
N VAL B 310 14.33 6.70 -23.39
CA VAL B 310 14.10 7.97 -22.74
C VAL B 310 12.88 7.81 -21.86
N VAL B 311 12.90 8.46 -20.71
CA VAL B 311 11.81 8.34 -19.75
C VAL B 311 11.22 9.69 -19.33
N SER B 312 9.91 9.72 -19.15
CA SER B 312 9.22 10.93 -18.72
C SER B 312 8.20 10.62 -17.64
N TRP B 313 8.21 11.40 -16.58
CA TRP B 313 7.27 11.22 -15.49
C TRP B 313 6.07 12.11 -15.77
N TYR B 314 4.94 11.80 -15.13
CA TYR B 314 3.75 12.64 -15.25
C TYR B 314 2.69 12.25 -14.24
N ASP B 315 2.05 13.25 -13.65
CA ASP B 315 0.97 12.98 -12.72
C ASP B 315 -0.24 12.70 -13.61
N ASN B 316 -0.55 11.41 -13.82
CA ASN B 316 -1.68 11.04 -14.65
C ASN B 316 -2.93 11.87 -14.36
N GLU B 317 -2.99 12.49 -13.19
CA GLU B 317 -4.13 13.32 -12.85
C GLU B 317 -3.88 14.81 -13.16
N MET B 318 -3.11 15.48 -12.31
CA MET B 318 -2.84 16.91 -12.49
C MET B 318 -2.09 17.29 -13.77
N SER B 319 -1.16 16.47 -14.21
CA SER B 319 -0.42 16.76 -15.44
C SER B 319 -1.41 16.86 -16.57
N TYR B 320 -2.23 15.81 -16.70
CA TYR B 320 -3.24 15.75 -17.73
C TYR B 320 -4.20 16.92 -17.62
N THR B 321 -4.62 17.23 -16.39
CA THR B 321 -5.54 18.33 -16.17
C THR B 321 -4.91 19.67 -16.57
N SER B 322 -3.66 19.89 -16.17
CA SER B 322 -3.00 21.15 -16.50
C SER B 322 -3.02 21.34 -18.02
N GLN B 323 -2.85 20.24 -18.74
CA GLN B 323 -2.87 20.31 -20.19
C GLN B 323 -4.25 20.70 -20.68
N LEU B 324 -5.29 20.04 -20.15
CA LEU B 324 -6.65 20.34 -20.54
C LEU B 324 -6.97 21.82 -20.32
N VAL B 325 -6.59 22.34 -19.16
CA VAL B 325 -6.84 23.75 -18.86
C VAL B 325 -6.09 24.69 -19.80
N ARG B 326 -4.89 24.32 -20.23
CA ARG B 326 -4.14 25.16 -21.15
C ARG B 326 -4.78 25.12 -22.54
N THR B 327 -5.22 23.94 -22.96
CA THR B 327 -5.85 23.82 -24.26
C THR B 327 -7.16 24.62 -24.28
N LEU B 328 -7.89 24.58 -23.17
CA LEU B 328 -9.16 25.31 -23.06
C LEU B 328 -8.97 26.80 -23.30
N GLU B 329 -8.17 27.43 -22.46
CA GLU B 329 -7.92 28.87 -22.55
C GLU B 329 -7.45 29.31 -23.94
N TYR B 330 -6.70 28.45 -24.63
CA TYR B 330 -6.20 28.78 -25.95
C TYR B 330 -7.28 28.61 -27.01
N PHE B 331 -7.92 27.45 -27.01
CA PHE B 331 -8.98 27.15 -27.97
C PHE B 331 -10.14 28.13 -27.85
N ALA B 332 -10.34 28.66 -26.65
CA ALA B 332 -11.41 29.62 -26.40
C ALA B 332 -11.02 30.97 -27.01
N LYS B 333 -9.74 31.29 -26.96
CA LYS B 333 -9.25 32.55 -27.50
C LYS B 333 -8.90 32.44 -28.98
N ILE B 334 -9.65 31.62 -29.70
CA ILE B 334 -9.42 31.45 -31.13
C ILE B 334 -10.76 31.57 -31.85
N VAL C 2 19.50 -37.47 1.85
CA VAL C 2 20.80 -37.75 1.17
C VAL C 2 21.71 -36.55 1.24
N VAL C 3 21.38 -35.52 0.46
CA VAL C 3 22.17 -34.30 0.43
C VAL C 3 21.86 -33.43 1.63
N LYS C 4 22.84 -33.25 2.51
CA LYS C 4 22.65 -32.42 3.68
C LYS C 4 23.23 -31.04 3.39
N VAL C 5 22.37 -30.03 3.49
CA VAL C 5 22.75 -28.65 3.21
C VAL C 5 22.92 -27.83 4.48
N GLY C 6 23.86 -26.90 4.43
CA GLY C 6 24.10 -26.02 5.56
C GLY C 6 23.78 -24.62 5.07
N ILE C 7 23.14 -23.80 5.91
CA ILE C 7 22.82 -22.44 5.48
C ILE C 7 23.55 -21.41 6.33
N ASN C 8 24.24 -20.50 5.67
CA ASN C 8 24.93 -19.44 6.38
C ASN C 8 24.26 -18.13 6.02
N GLY C 9 23.54 -17.55 6.97
CA GLY C 9 22.82 -16.33 6.72
C GLY C 9 21.36 -16.75 6.63
N PHE C 10 20.57 -16.41 7.63
CA PHE C 10 19.17 -16.80 7.66
C PHE C 10 18.25 -15.63 7.41
N GLY C 11 18.53 -14.91 6.33
CA GLY C 11 17.70 -13.78 5.97
C GLY C 11 16.60 -14.26 5.05
N ARG C 12 16.10 -13.37 4.20
CA ARG C 12 15.03 -13.77 3.30
C ARG C 12 15.39 -14.97 2.43
N ILE C 13 16.53 -14.92 1.73
CA ILE C 13 16.94 -16.03 0.88
C ILE C 13 17.18 -17.33 1.64
N GLY C 14 17.89 -17.22 2.76
CA GLY C 14 18.18 -18.39 3.57
C GLY C 14 16.95 -19.07 4.18
N ARG C 15 16.04 -18.28 4.74
CA ARG C 15 14.84 -18.83 5.35
C ARG C 15 13.93 -19.47 4.33
N LEU C 16 13.93 -18.93 3.12
CA LEU C 16 13.09 -19.47 2.07
C LEU C 16 13.70 -20.75 1.53
N ALA C 17 15.02 -20.77 1.38
CA ALA C 17 15.68 -21.96 0.88
C ALA C 17 15.35 -23.10 1.83
N PHE C 18 15.36 -22.80 3.13
CA PHE C 18 15.06 -23.77 4.16
C PHE C 18 13.64 -24.31 3.97
N ARG C 19 12.68 -23.41 3.84
CA ARG C 19 11.29 -23.79 3.64
C ARG C 19 11.16 -24.66 2.41
N ARG C 20 11.62 -24.12 1.28
CA ARG C 20 11.58 -24.80 0.00
C ARG C 20 12.15 -26.21 0.06
N ILE C 21 13.19 -26.40 0.86
CA ILE C 21 13.81 -27.71 0.98
C ILE C 21 12.92 -28.73 1.71
N GLN C 22 12.06 -28.23 2.61
CA GLN C 22 11.14 -29.12 3.34
C GLN C 22 10.27 -29.88 2.36
N ASN C 23 10.07 -29.31 1.17
CA ASN C 23 9.25 -29.96 0.17
C ASN C 23 10.08 -30.63 -0.93
N VAL C 24 11.39 -30.73 -0.72
CA VAL C 24 12.29 -31.36 -1.68
C VAL C 24 12.85 -32.64 -1.09
N GLU C 25 12.55 -33.76 -1.76
CA GLU C 25 13.00 -35.08 -1.34
C GLU C 25 14.47 -35.32 -1.65
N GLY C 26 15.19 -35.84 -0.67
CA GLY C 26 16.60 -36.11 -0.87
C GLY C 26 17.51 -34.95 -0.48
N VAL C 27 16.91 -33.91 0.09
CA VAL C 27 17.64 -32.72 0.52
C VAL C 27 17.13 -32.28 1.89
N GLU C 28 18.04 -32.15 2.85
CA GLU C 28 17.66 -31.75 4.20
C GLU C 28 18.66 -30.74 4.76
N VAL C 29 18.16 -29.73 5.47
CA VAL C 29 19.03 -28.72 6.08
C VAL C 29 19.37 -29.20 7.48
N THR C 30 20.65 -29.42 7.71
CA THR C 30 21.11 -29.93 8.99
C THR C 30 21.85 -28.92 9.86
N ARG C 31 22.11 -27.73 9.32
CA ARG C 31 22.83 -26.72 10.08
C ARG C 31 22.54 -25.31 9.57
N ILE C 32 22.19 -24.43 10.51
CA ILE C 32 21.90 -23.06 10.18
C ILE C 32 22.86 -22.20 11.00
N ASN C 33 23.46 -21.21 10.35
CA ASN C 33 24.39 -20.30 11.02
C ASN C 33 23.99 -18.85 10.73
N ASP C 34 23.70 -18.10 11.78
CA ASP C 34 23.30 -16.70 11.62
C ASP C 34 23.65 -15.96 12.90
N LEU C 35 24.03 -14.69 12.76
CA LEU C 35 24.39 -13.89 13.93
C LEU C 35 23.19 -13.50 14.79
N THR C 36 22.00 -13.59 14.20
CA THR C 36 20.76 -13.21 14.89
C THR C 36 20.26 -14.17 15.98
N ASP C 37 19.62 -13.60 17.00
CA ASP C 37 19.08 -14.38 18.11
C ASP C 37 18.09 -15.43 17.60
N PRO C 38 18.35 -16.71 17.93
CA PRO C 38 17.52 -17.86 17.53
C PRO C 38 16.00 -17.68 17.70
N ASN C 39 15.58 -16.98 18.75
CA ASN C 39 14.15 -16.80 18.97
C ASN C 39 13.54 -15.87 17.94
N MET C 40 14.32 -14.89 17.47
CA MET C 40 13.86 -13.94 16.46
C MET C 40 13.82 -14.68 15.13
N LEU C 41 14.80 -15.55 14.91
CA LEU C 41 14.85 -16.32 13.68
C LEU C 41 13.70 -17.33 13.64
N ALA C 42 13.47 -18.00 14.77
CA ALA C 42 12.39 -18.99 14.84
C ALA C 42 11.05 -18.31 14.52
N HIS C 43 10.88 -17.10 15.03
CA HIS C 43 9.64 -16.34 14.80
C HIS C 43 9.50 -15.98 13.32
N LEU C 44 10.60 -15.53 12.71
CA LEU C 44 10.60 -15.16 11.30
C LEU C 44 10.40 -16.37 10.39
N LEU C 45 10.73 -17.56 10.87
CA LEU C 45 10.55 -18.76 10.07
C LEU C 45 9.07 -19.16 10.11
N LYS C 46 8.46 -19.12 11.29
CA LYS C 46 7.05 -19.48 11.47
C LYS C 46 6.11 -18.54 10.74
N TYR C 47 6.33 -17.23 10.92
CA TYR C 47 5.49 -16.23 10.31
C TYR C 47 6.21 -15.45 9.23
N ASP C 48 5.55 -15.32 8.09
CA ASP C 48 6.11 -14.65 6.93
C ASP C 48 5.00 -13.89 6.18
N THR C 49 5.12 -12.57 6.18
CA THR C 49 4.15 -11.70 5.50
C THR C 49 3.83 -12.09 4.06
N THR C 50 4.86 -12.24 3.24
CA THR C 50 4.67 -12.57 1.83
C THR C 50 4.55 -14.06 1.45
N GLN C 51 5.30 -14.90 2.13
CA GLN C 51 5.27 -16.33 1.82
C GLN C 51 4.34 -17.16 2.72
N GLY C 52 3.65 -16.50 3.64
CA GLY C 52 2.72 -17.19 4.52
C GLY C 52 3.28 -17.99 5.68
N ARG C 53 2.37 -18.51 6.51
CA ARG C 53 2.74 -19.30 7.66
C ARG C 53 3.55 -20.50 7.27
N PHE C 54 4.44 -20.94 8.16
CA PHE C 54 5.27 -22.09 7.90
C PHE C 54 4.44 -23.36 7.81
N ASP C 55 4.74 -24.20 6.83
CA ASP C 55 4.01 -25.44 6.63
C ASP C 55 4.42 -26.46 7.70
N GLY C 56 3.92 -26.27 8.91
CA GLY C 56 4.26 -27.19 9.97
C GLY C 56 4.46 -26.56 11.33
N THR C 57 5.47 -27.04 12.04
CA THR C 57 5.75 -26.56 13.38
C THR C 57 7.21 -26.19 13.59
N VAL C 58 7.42 -25.07 14.27
CA VAL C 58 8.77 -24.61 14.56
C VAL C 58 8.87 -24.34 16.04
N GLU C 59 9.82 -25.01 16.68
CA GLU C 59 10.02 -24.83 18.13
C GLU C 59 11.49 -24.59 18.46
N VAL C 60 11.73 -23.62 19.32
CA VAL C 60 13.10 -23.30 19.73
C VAL C 60 13.56 -24.32 20.76
N LYS C 61 14.72 -24.92 20.52
CA LYS C 61 15.29 -25.91 21.42
C LYS C 61 16.71 -25.48 21.79
N GLU C 62 17.31 -26.19 22.76
CA GLU C 62 18.67 -25.88 23.18
C GLU C 62 19.67 -26.13 22.04
N GLY C 63 20.22 -25.06 21.47
CA GLY C 63 21.18 -25.20 20.40
C GLY C 63 20.60 -25.33 19.01
N GLY C 64 19.32 -25.00 18.85
CA GLY C 64 18.71 -25.09 17.54
C GLY C 64 17.20 -25.07 17.57
N PHE C 65 16.58 -25.55 16.50
CA PHE C 65 15.13 -25.59 16.42
C PHE C 65 14.71 -27.03 16.23
N GLU C 66 13.43 -27.30 16.47
CA GLU C 66 12.87 -28.62 16.20
C GLU C 66 11.77 -28.29 15.20
N VAL C 67 12.04 -28.55 13.93
CA VAL C 67 11.09 -28.26 12.86
C VAL C 67 10.43 -29.55 12.41
N ASN C 68 9.10 -29.59 12.47
CA ASN C 68 8.35 -30.78 12.09
C ASN C 68 8.96 -32.03 12.71
N GLY C 69 9.39 -31.94 13.97
CA GLY C 69 9.95 -33.10 14.63
C GLY C 69 11.45 -33.33 14.49
N GLN C 70 12.08 -32.72 13.48
CA GLN C 70 13.52 -32.87 13.28
C GLN C 70 14.31 -31.71 13.88
N PHE C 71 15.36 -32.03 14.63
CA PHE C 71 16.19 -31.01 15.24
C PHE C 71 17.14 -30.48 14.18
N VAL C 72 17.43 -29.18 14.27
CA VAL C 72 18.34 -28.53 13.35
C VAL C 72 19.26 -27.66 14.20
N LYS C 73 20.55 -27.77 13.97
CA LYS C 73 21.49 -26.98 14.76
C LYS C 73 21.52 -25.53 14.28
N VAL C 74 21.46 -24.60 15.22
CA VAL C 74 21.50 -23.18 14.88
C VAL C 74 22.62 -22.53 15.66
N SER C 75 23.71 -22.22 14.96
CA SER C 75 24.87 -21.59 15.57
C SER C 75 24.97 -20.13 15.16
N ALA C 76 25.88 -19.41 15.81
CA ALA C 76 26.08 -18.00 15.52
C ALA C 76 27.56 -17.63 15.44
N GLU C 77 28.29 -18.34 14.58
CA GLU C 77 29.72 -18.09 14.37
C GLU C 77 29.90 -16.98 13.35
N ARG C 78 30.75 -16.00 13.67
CA ARG C 78 30.98 -14.88 12.76
C ARG C 78 31.94 -15.20 11.62
N GLU C 79 32.89 -16.11 11.86
CA GLU C 79 33.87 -16.46 10.84
C GLU C 79 33.57 -17.85 10.26
N PRO C 80 33.37 -17.92 8.93
CA PRO C 80 33.07 -19.18 8.22
C PRO C 80 34.00 -20.32 8.60
N ALA C 81 35.22 -19.98 8.99
CA ALA C 81 36.21 -20.99 9.36
C ALA C 81 35.85 -21.67 10.68
N ASN C 82 34.99 -21.03 11.48
CA ASN C 82 34.60 -21.60 12.76
C ASN C 82 33.31 -22.40 12.79
N ILE C 83 32.78 -22.70 11.60
CA ILE C 83 31.56 -23.48 11.52
C ILE C 83 31.92 -24.90 11.15
N ASP C 84 31.72 -25.83 12.08
CA ASP C 84 32.04 -27.23 11.85
C ASP C 84 30.93 -27.98 11.13
N TRP C 85 30.64 -27.55 9.89
CA TRP C 85 29.59 -28.16 9.07
C TRP C 85 29.68 -29.68 9.02
N ALA C 86 30.92 -30.18 9.01
CA ALA C 86 31.16 -31.61 8.94
C ALA C 86 30.51 -32.38 10.09
N THR C 87 30.39 -31.72 11.24
CA THR C 87 29.79 -32.35 12.41
C THR C 87 28.35 -32.79 12.15
N ASP C 88 27.62 -31.95 11.42
CA ASP C 88 26.21 -32.20 11.12
C ASP C 88 25.98 -32.96 9.82
N GLY C 89 27.06 -33.24 9.11
CA GLY C 89 26.92 -33.96 7.85
C GLY C 89 26.72 -33.02 6.68
N VAL C 90 26.96 -31.72 6.92
CA VAL C 90 26.81 -30.73 5.86
C VAL C 90 27.89 -30.96 4.82
N GLU C 91 27.48 -31.24 3.59
CA GLU C 91 28.43 -31.48 2.52
C GLU C 91 28.47 -30.25 1.62
N ILE C 92 27.35 -29.54 1.54
CA ILE C 92 27.26 -28.35 0.71
C ILE C 92 26.73 -27.19 1.57
N VAL C 93 27.16 -25.98 1.25
CA VAL C 93 26.77 -24.80 2.01
C VAL C 93 26.16 -23.70 1.16
N LEU C 94 25.01 -23.19 1.59
CA LEU C 94 24.32 -22.10 0.90
C LEU C 94 24.79 -20.81 1.58
N GLU C 95 25.71 -20.11 0.93
CA GLU C 95 26.28 -18.86 1.43
C GLU C 95 25.39 -17.67 1.06
N ALA C 96 24.61 -17.18 2.02
CA ALA C 96 23.67 -16.08 1.78
C ALA C 96 23.82 -14.87 2.70
N THR C 97 24.96 -14.74 3.36
CA THR C 97 25.15 -13.61 4.27
C THR C 97 25.52 -12.36 3.47
N GLY C 98 26.00 -12.56 2.24
CA GLY C 98 26.40 -11.45 1.40
C GLY C 98 27.74 -10.86 1.81
N PHE C 99 28.43 -11.53 2.73
CA PHE C 99 29.73 -11.07 3.21
C PHE C 99 30.90 -11.95 2.77
N PHE C 100 30.62 -12.94 1.93
CA PHE C 100 31.65 -13.86 1.46
C PHE C 100 31.43 -14.18 -0.01
N ALA C 101 30.95 -13.18 -0.75
CA ALA C 101 30.66 -13.31 -2.17
C ALA C 101 31.91 -13.33 -3.04
N SER C 102 32.90 -14.13 -2.63
CA SER C 102 34.14 -14.27 -3.38
C SER C 102 34.69 -15.66 -3.12
N LYS C 103 35.30 -16.25 -4.14
CA LYS C 103 35.86 -17.60 -4.03
C LYS C 103 36.72 -17.83 -2.79
N GLU C 104 37.70 -16.97 -2.56
CA GLU C 104 38.58 -17.15 -1.41
C GLU C 104 37.86 -17.00 -0.08
N LYS C 105 36.81 -16.19 -0.04
CA LYS C 105 36.06 -16.03 1.19
C LYS C 105 35.11 -17.20 1.39
N ALA C 106 34.30 -17.48 0.38
CA ALA C 106 33.35 -18.59 0.45
C ALA C 106 34.07 -19.90 0.68
N GLU C 107 35.36 -19.92 0.37
CA GLU C 107 36.15 -21.13 0.54
C GLU C 107 36.49 -21.40 1.99
N GLN C 108 36.40 -20.38 2.83
CA GLN C 108 36.70 -20.53 4.25
C GLN C 108 35.76 -21.56 4.87
N HIS C 109 34.72 -21.91 4.13
CA HIS C 109 33.73 -22.90 4.56
C HIS C 109 34.27 -24.31 4.29
N ILE C 110 35.29 -24.39 3.46
CA ILE C 110 35.88 -25.68 3.11
C ILE C 110 37.11 -26.01 3.95
N HIS C 111 36.95 -26.98 4.84
CA HIS C 111 38.03 -27.42 5.70
C HIS C 111 37.71 -28.82 6.24
N GLU C 112 38.30 -29.20 7.37
CA GLU C 112 38.05 -30.53 7.94
C GLU C 112 36.63 -30.69 8.44
N ASN C 113 36.22 -29.80 9.34
CA ASN C 113 34.87 -29.83 9.85
C ASN C 113 34.06 -28.78 9.08
N GLY C 114 34.31 -28.71 7.78
CA GLY C 114 33.64 -27.76 6.93
C GLY C 114 32.93 -28.55 5.86
N ALA C 115 32.57 -27.89 4.77
CA ALA C 115 31.86 -28.56 3.69
C ALA C 115 32.83 -28.92 2.59
N LYS C 116 32.30 -29.35 1.47
CA LYS C 116 33.11 -29.73 0.33
C LYS C 116 32.77 -28.81 -0.82
N LYS C 117 31.60 -28.17 -0.73
CA LYS C 117 31.14 -27.24 -1.77
C LYS C 117 30.31 -26.08 -1.24
N VAL C 118 30.34 -24.97 -1.97
CA VAL C 118 29.59 -23.78 -1.59
C VAL C 118 28.88 -23.17 -2.79
N VAL C 119 27.71 -22.60 -2.53
CA VAL C 119 26.91 -21.92 -3.56
C VAL C 119 26.60 -20.54 -2.99
N ILE C 120 27.15 -19.49 -3.59
CA ILE C 120 26.85 -18.17 -3.08
C ILE C 120 25.65 -17.60 -3.82
N THR C 121 24.79 -16.88 -3.08
CA THR C 121 23.59 -16.28 -3.65
C THR C 121 23.83 -14.86 -4.13
N ALA C 122 24.89 -14.66 -4.91
CA ALA C 122 25.20 -13.33 -5.42
C ALA C 122 26.33 -13.44 -6.43
N PRO C 123 26.44 -12.47 -7.36
CA PRO C 123 27.53 -12.53 -8.35
C PRO C 123 28.77 -12.94 -7.56
N GLY C 124 29.32 -14.09 -7.91
CA GLY C 124 30.45 -14.65 -7.19
C GLY C 124 31.88 -14.15 -7.28
N GLY C 125 32.24 -13.48 -8.35
CA GLY C 125 33.61 -13.03 -8.49
C GLY C 125 34.18 -13.57 -9.79
N ASN C 126 35.49 -13.53 -9.94
CA ASN C 126 36.13 -13.99 -11.17
C ASN C 126 36.32 -15.49 -11.31
N ASP C 127 36.86 -16.13 -10.27
CA ASP C 127 37.11 -17.56 -10.31
C ASP C 127 35.88 -18.35 -9.85
N VAL C 128 34.71 -17.74 -9.98
CA VAL C 128 33.45 -18.38 -9.58
C VAL C 128 32.48 -18.41 -10.74
N LYS C 129 31.94 -19.59 -11.02
CA LYS C 129 30.98 -19.74 -12.09
C LYS C 129 29.57 -19.34 -11.68
N THR C 130 28.86 -18.70 -12.59
CA THR C 130 27.49 -18.27 -12.37
C THR C 130 26.58 -19.34 -12.97
N VAL C 131 25.55 -19.76 -12.22
CA VAL C 131 24.66 -20.80 -12.73
C VAL C 131 23.16 -20.54 -12.56
N VAL C 132 22.43 -20.68 -13.65
CA VAL C 132 20.98 -20.53 -13.66
C VAL C 132 20.49 -21.92 -14.08
N PHE C 133 20.08 -22.72 -13.10
CA PHE C 133 19.63 -24.07 -13.37
C PHE C 133 18.67 -24.15 -14.55
N ASN C 134 18.87 -25.19 -15.36
CA ASN C 134 18.07 -25.46 -16.55
C ASN C 134 18.37 -24.60 -17.77
N THR C 135 19.39 -23.76 -17.69
CA THR C 135 19.78 -22.98 -18.86
C THR C 135 21.27 -23.10 -19.10
N ASN C 136 22.05 -23.32 -18.04
CA ASN C 136 23.49 -23.47 -18.21
C ASN C 136 24.21 -24.18 -17.06
N HIS C 137 23.52 -25.05 -16.32
CA HIS C 137 24.18 -25.77 -15.23
C HIS C 137 25.05 -26.89 -15.80
N ASP C 138 24.92 -27.12 -17.10
CA ASP C 138 25.70 -28.14 -17.77
C ASP C 138 27.18 -27.74 -17.81
N ILE C 139 27.51 -26.53 -17.36
CA ILE C 139 28.91 -26.10 -17.35
C ILE C 139 29.60 -26.57 -16.06
N LEU C 140 28.85 -27.26 -15.20
CA LEU C 140 29.41 -27.76 -13.95
C LEU C 140 30.03 -29.14 -14.16
N ASP C 141 31.33 -29.24 -13.90
CA ASP C 141 32.05 -30.49 -14.08
C ASP C 141 31.98 -31.32 -12.80
N GLY C 142 31.68 -30.65 -11.69
CA GLY C 142 31.57 -31.35 -10.42
C GLY C 142 32.82 -31.24 -9.55
N THR C 143 33.81 -30.48 -10.02
CA THR C 143 35.04 -30.32 -9.26
C THR C 143 35.21 -28.88 -8.81
N GLU C 144 34.21 -28.05 -9.06
CA GLU C 144 34.28 -26.67 -8.66
C GLU C 144 34.03 -26.66 -7.16
N THR C 145 34.59 -25.69 -6.46
CA THR C 145 34.42 -25.60 -5.01
C THR C 145 33.36 -24.56 -4.64
N VAL C 146 33.42 -23.42 -5.32
CA VAL C 146 32.48 -22.33 -5.08
C VAL C 146 31.82 -21.90 -6.38
N ILE C 147 30.51 -21.73 -6.34
CA ILE C 147 29.77 -21.28 -7.49
C ILE C 147 28.75 -20.24 -7.08
N SER C 148 28.13 -19.60 -8.06
CA SER C 148 27.13 -18.57 -7.80
C SER C 148 25.81 -18.93 -8.45
N GLY C 149 24.71 -18.69 -7.74
CA GLY C 149 23.41 -18.99 -8.30
C GLY C 149 22.83 -17.78 -9.00
N ALA C 150 23.69 -16.81 -9.29
CA ALA C 150 23.29 -15.57 -9.95
C ALA C 150 22.35 -14.74 -9.07
N SER C 151 21.56 -13.88 -9.70
CA SER C 151 20.62 -13.02 -8.97
C SER C 151 19.19 -13.42 -9.30
N CYS C 152 18.24 -12.87 -8.57
CA CYS C 152 16.84 -13.16 -8.79
C CYS C 152 16.40 -12.76 -10.19
N THR C 153 16.91 -11.63 -10.67
CA THR C 153 16.54 -11.17 -12.01
C THR C 153 17.18 -12.03 -13.10
N THR C 154 18.41 -12.46 -12.85
CA THR C 154 19.13 -13.28 -13.81
C THR C 154 18.40 -14.61 -14.05
N ASN C 155 17.87 -15.20 -12.98
CA ASN C 155 17.16 -16.47 -13.12
C ASN C 155 15.85 -16.31 -13.85
N CYS C 156 15.39 -15.08 -13.98
CA CYS C 156 14.15 -14.81 -14.68
C CYS C 156 14.48 -14.52 -16.14
N LEU C 157 15.44 -13.63 -16.34
CA LEU C 157 15.85 -13.23 -17.68
C LEU C 157 16.52 -14.32 -18.51
N ALA C 158 17.39 -15.10 -17.89
CA ALA C 158 18.14 -16.15 -18.59
C ALA C 158 17.37 -17.06 -19.56
N PRO C 159 16.46 -17.90 -19.05
CA PRO C 159 15.72 -18.80 -19.95
C PRO C 159 15.01 -18.10 -21.09
N MET C 160 14.34 -16.99 -20.78
CA MET C 160 13.63 -16.23 -21.80
C MET C 160 14.62 -15.72 -22.83
N ALA C 161 15.71 -15.12 -22.34
CA ALA C 161 16.74 -14.57 -23.20
C ALA C 161 17.43 -15.64 -24.07
N LYS C 162 17.66 -16.80 -23.49
CA LYS C 162 18.31 -17.88 -24.23
C LYS C 162 17.35 -18.50 -25.25
N ALA C 163 16.06 -18.44 -24.97
CA ALA C 163 15.06 -18.97 -25.88
C ALA C 163 15.08 -18.15 -27.17
N LEU C 164 15.24 -16.84 -27.02
CA LEU C 164 15.30 -15.95 -28.18
C LEU C 164 16.59 -16.14 -28.95
N GLN C 165 17.68 -16.38 -28.23
CA GLN C 165 18.97 -16.57 -28.87
C GLN C 165 19.00 -17.86 -29.66
N ASP C 166 18.65 -18.95 -29.01
CA ASP C 166 18.65 -20.25 -29.68
C ASP C 166 17.62 -20.38 -30.80
N ASN C 167 16.57 -19.59 -30.74
CA ASN C 167 15.53 -19.67 -31.76
C ASN C 167 15.60 -18.65 -32.90
N PHE C 168 16.08 -17.45 -32.63
CA PHE C 168 16.11 -16.44 -33.68
C PHE C 168 17.39 -15.63 -33.77
N GLY C 169 18.22 -15.71 -32.74
CA GLY C 169 19.46 -14.95 -32.72
C GLY C 169 19.20 -13.54 -32.22
N VAL C 170 19.87 -13.16 -31.14
CA VAL C 170 19.68 -11.83 -30.57
C VAL C 170 20.76 -10.84 -31.01
N LYS C 171 20.33 -9.68 -31.48
CA LYS C 171 21.22 -8.60 -31.89
C LYS C 171 21.55 -7.83 -30.61
N GLN C 172 20.55 -7.14 -30.09
CA GLN C 172 20.70 -6.38 -28.85
C GLN C 172 19.30 -6.23 -28.22
N GLY C 173 19.27 -5.74 -26.98
CA GLY C 173 18.00 -5.56 -26.31
C GLY C 173 18.14 -4.83 -24.99
N LEU C 174 17.03 -4.25 -24.56
CA LEU C 174 17.00 -3.52 -23.30
C LEU C 174 15.92 -4.11 -22.39
N MET C 175 16.31 -4.36 -21.14
CA MET C 175 15.40 -4.92 -20.17
C MET C 175 14.91 -3.88 -19.15
N THR C 176 13.69 -4.09 -18.68
CA THR C 176 13.08 -3.25 -17.66
C THR C 176 12.25 -4.18 -16.77
N THR C 177 12.59 -4.24 -15.48
CA THR C 177 11.84 -5.08 -14.57
C THR C 177 10.98 -4.23 -13.66
N ILE C 178 9.68 -4.48 -13.67
CA ILE C 178 8.78 -3.78 -12.77
C ILE C 178 8.91 -4.73 -11.56
N HIS C 179 9.79 -4.33 -10.65
CA HIS C 179 10.18 -5.11 -9.47
C HIS C 179 9.53 -4.72 -8.13
N ALA C 180 9.36 -5.71 -7.26
CA ALA C 180 8.79 -5.47 -5.94
C ALA C 180 9.85 -4.72 -5.15
N TYR C 181 9.44 -3.95 -4.15
CA TYR C 181 10.43 -3.25 -3.34
C TYR C 181 11.15 -4.29 -2.51
N THR C 182 12.38 -4.01 -2.12
CA THR C 182 13.14 -4.97 -1.34
C THR C 182 13.71 -4.39 -0.07
N GLY C 183 14.36 -5.25 0.70
CA GLY C 183 14.94 -4.85 1.97
C GLY C 183 15.95 -3.71 1.96
N ASP C 184 16.56 -3.40 0.82
CA ASP C 184 17.55 -2.32 0.78
C ASP C 184 16.93 -0.93 0.59
N GLN C 185 15.62 -0.87 0.43
CA GLN C 185 14.94 0.40 0.28
C GLN C 185 14.45 0.82 1.65
N MET C 186 14.34 2.12 1.89
CA MET C 186 13.89 2.65 3.17
C MET C 186 12.36 2.53 3.28
N ILE C 187 11.86 2.21 4.47
CA ILE C 187 10.42 2.09 4.61
C ILE C 187 9.80 3.49 4.49
N LEU C 188 10.56 4.50 4.93
CA LEU C 188 10.14 5.89 4.86
C LEU C 188 11.36 6.68 4.41
N ASP C 189 11.15 7.87 3.85
CA ASP C 189 12.25 8.71 3.39
C ASP C 189 13.32 8.92 4.44
N GLY C 190 14.57 8.72 4.07
CA GLY C 190 15.67 8.89 5.00
C GLY C 190 17.01 8.57 4.37
N PRO C 191 18.13 8.85 5.06
CA PRO C 191 19.45 8.58 4.51
C PRO C 191 19.68 7.10 4.20
N HIS C 192 19.98 6.79 2.95
CA HIS C 192 20.24 5.41 2.57
C HIS C 192 21.72 5.16 2.84
N ARG C 193 22.02 4.04 3.49
CA ARG C 193 23.40 3.69 3.83
C ARG C 193 24.34 3.71 2.63
N GLY C 194 23.88 3.23 1.48
CA GLY C 194 24.72 3.19 0.29
C GLY C 194 24.78 4.49 -0.49
N GLY C 195 24.25 5.56 0.07
CA GLY C 195 24.27 6.83 -0.64
C GLY C 195 23.30 6.98 -1.79
N ASP C 196 22.57 5.90 -2.12
CA ASP C 196 21.61 5.91 -3.21
C ASP C 196 20.42 6.83 -2.90
N LEU C 197 20.27 7.89 -3.70
CA LEU C 197 19.20 8.86 -3.49
C LEU C 197 17.78 8.34 -3.78
N ARG C 198 17.67 7.28 -4.58
CA ARG C 198 16.37 6.71 -4.88
C ARG C 198 15.95 5.63 -3.89
N ARG C 199 16.91 4.83 -3.43
CA ARG C 199 16.59 3.80 -2.46
C ARG C 199 16.33 4.43 -1.08
N ALA C 200 16.58 5.72 -0.97
CA ALA C 200 16.37 6.46 0.28
C ALA C 200 14.90 6.81 0.47
N ARG C 201 14.11 6.59 -0.57
CA ARG C 201 12.69 6.93 -0.54
C ARG C 201 11.77 5.78 -0.12
N ALA C 202 10.67 6.14 0.52
CA ALA C 202 9.66 5.16 0.97
C ALA C 202 9.39 4.19 -0.16
N GLY C 203 9.91 2.98 -0.04
CA GLY C 203 9.75 1.98 -1.07
C GLY C 203 8.37 1.39 -1.25
N ALA C 204 7.51 1.55 -0.26
CA ALA C 204 6.16 1.00 -0.35
C ALA C 204 5.18 2.08 -0.71
N ALA C 205 5.70 3.23 -1.14
CA ALA C 205 4.84 4.35 -1.49
C ALA C 205 5.29 5.08 -2.77
N ASN C 206 6.15 4.46 -3.56
CA ASN C 206 6.65 5.10 -4.77
C ASN C 206 7.01 4.15 -5.90
N ILE C 207 7.13 4.71 -7.11
CA ILE C 207 7.61 3.96 -8.26
C ILE C 207 9.07 4.45 -8.13
N VAL C 208 10.02 3.54 -7.96
CA VAL C 208 11.40 3.97 -7.78
C VAL C 208 12.37 3.44 -8.82
N PRO C 209 12.85 4.31 -9.72
CA PRO C 209 13.79 3.86 -10.75
C PRO C 209 15.01 3.30 -10.04
N ASN C 210 15.59 2.24 -10.58
CA ASN C 210 16.79 1.70 -9.96
C ASN C 210 17.59 0.87 -10.92
N SER C 211 18.90 1.01 -10.82
CA SER C 211 19.85 0.30 -11.66
C SER C 211 19.93 -1.17 -11.31
N THR C 212 20.28 -1.98 -12.30
CA THR C 212 20.41 -3.43 -12.15
C THR C 212 21.66 -3.88 -12.89
N GLY C 213 22.00 -5.17 -12.79
CA GLY C 213 23.18 -5.67 -13.47
C GLY C 213 22.97 -6.98 -14.19
N ALA C 214 21.76 -7.53 -14.11
CA ALA C 214 21.46 -8.81 -14.74
C ALA C 214 21.66 -8.77 -16.25
N ALA C 215 21.21 -7.69 -16.88
CA ALA C 215 21.34 -7.56 -18.33
C ALA C 215 22.79 -7.40 -18.76
N LYS C 216 23.54 -6.54 -18.07
CA LYS C 216 24.93 -6.29 -18.39
C LYS C 216 25.87 -7.45 -18.10
N ALA C 217 25.42 -8.41 -17.30
CA ALA C 217 26.25 -9.57 -16.94
C ALA C 217 25.60 -10.88 -17.36
N ILE C 218 24.68 -10.80 -18.31
CA ILE C 218 23.97 -11.97 -18.80
C ILE C 218 24.93 -12.91 -19.52
N GLY C 219 26.07 -12.37 -19.94
CA GLY C 219 27.07 -13.16 -20.64
C GLY C 219 27.74 -14.23 -19.82
N LEU C 220 27.71 -14.08 -18.49
CA LEU C 220 28.33 -15.08 -17.61
C LEU C 220 27.48 -16.34 -17.57
N VAL C 221 26.27 -16.25 -18.10
CA VAL C 221 25.35 -17.38 -18.14
C VAL C 221 25.07 -17.78 -19.59
N ILE C 222 24.90 -16.80 -20.46
CA ILE C 222 24.63 -17.04 -21.88
C ILE C 222 25.70 -16.29 -22.67
N PRO C 223 26.86 -16.92 -22.87
CA PRO C 223 28.02 -16.38 -23.60
C PRO C 223 27.77 -15.59 -24.88
N GLU C 224 26.92 -16.12 -25.76
CA GLU C 224 26.61 -15.46 -27.03
C GLU C 224 25.99 -14.08 -26.84
N LEU C 225 25.36 -13.88 -25.68
CA LEU C 225 24.71 -12.61 -25.38
C LEU C 225 25.60 -11.59 -24.69
N ASN C 226 26.83 -11.97 -24.38
CA ASN C 226 27.75 -11.05 -23.69
C ASN C 226 27.69 -9.63 -24.28
N GLY C 227 27.44 -8.66 -23.40
CA GLY C 227 27.37 -7.27 -23.81
C GLY C 227 26.27 -6.83 -24.76
N LYS C 228 25.32 -7.71 -25.05
CA LYS C 228 24.24 -7.37 -25.98
C LYS C 228 22.97 -6.92 -25.27
N LEU C 229 22.97 -7.03 -23.94
CA LEU C 229 21.82 -6.65 -23.14
C LEU C 229 22.14 -5.68 -22.03
N ASP C 230 21.25 -4.72 -21.81
CA ASP C 230 21.39 -3.75 -20.73
C ASP C 230 20.00 -3.46 -20.20
N GLY C 231 19.91 -3.16 -18.91
CA GLY C 231 18.62 -2.91 -18.33
C GLY C 231 18.58 -2.01 -17.12
N ALA C 232 17.40 -1.96 -16.51
CA ALA C 232 17.15 -1.15 -15.34
C ALA C 232 15.84 -1.64 -14.76
N ALA C 233 15.45 -1.10 -13.60
CA ALA C 233 14.22 -1.52 -12.96
C ALA C 233 13.38 -0.37 -12.41
N GLN C 234 12.13 -0.68 -12.14
CA GLN C 234 11.19 0.27 -11.57
C GLN C 234 10.61 -0.44 -10.36
N ARG C 235 11.06 -0.09 -9.16
CA ARG C 235 10.55 -0.72 -7.94
C ARG C 235 9.16 -0.14 -7.69
N VAL C 236 8.17 -1.00 -7.46
CA VAL C 236 6.81 -0.54 -7.21
C VAL C 236 6.29 -1.08 -5.88
N PRO C 237 5.21 -0.50 -5.35
CA PRO C 237 4.62 -0.96 -4.07
C PRO C 237 3.96 -2.33 -3.95
N VAL C 238 4.76 -3.37 -4.05
CA VAL C 238 4.32 -4.73 -3.91
C VAL C 238 5.46 -5.40 -3.09
N PRO C 239 5.10 -6.06 -1.96
CA PRO C 239 6.07 -6.73 -1.09
C PRO C 239 6.87 -7.86 -1.73
N THR C 240 6.33 -8.46 -2.78
CA THR C 240 7.06 -9.52 -3.51
C THR C 240 6.28 -9.81 -4.78
N GLY C 241 6.99 -10.19 -5.83
CA GLY C 241 6.35 -10.48 -7.09
C GLY C 241 6.91 -9.51 -8.12
N SER C 242 7.43 -10.05 -9.23
CA SER C 242 8.03 -9.23 -10.26
C SER C 242 7.80 -9.74 -11.68
N VAL C 243 8.06 -8.86 -12.64
CA VAL C 243 7.89 -9.18 -14.04
C VAL C 243 8.98 -8.48 -14.87
N THR C 244 9.61 -9.23 -15.78
CA THR C 244 10.68 -8.68 -16.62
C THR C 244 10.27 -8.43 -18.08
N GLU C 245 10.48 -7.21 -18.54
CA GLU C 245 10.15 -6.85 -19.90
C GLU C 245 11.45 -6.71 -20.72
N LEU C 246 11.48 -7.39 -21.86
CA LEU C 246 12.67 -7.32 -22.72
C LEU C 246 12.30 -6.88 -24.14
N VAL C 247 12.93 -5.82 -24.62
CA VAL C 247 12.66 -5.36 -25.97
C VAL C 247 13.96 -5.58 -26.73
N ALA C 248 13.87 -6.31 -27.84
CA ALA C 248 15.07 -6.58 -28.60
C ALA C 248 14.84 -6.65 -30.09
N THR C 249 15.96 -6.74 -30.80
CA THR C 249 15.94 -6.86 -32.24
C THR C 249 16.55 -8.25 -32.44
N LEU C 250 16.04 -9.00 -33.41
CA LEU C 250 16.52 -10.35 -33.66
C LEU C 250 17.16 -10.50 -35.04
N GLU C 251 17.79 -11.66 -35.28
CA GLU C 251 18.43 -11.92 -36.56
C GLU C 251 17.38 -12.31 -37.62
N LYS C 252 16.27 -12.85 -37.16
CA LYS C 252 15.19 -13.27 -38.07
C LYS C 252 13.90 -12.51 -37.83
N ASP C 253 13.05 -12.48 -38.84
CA ASP C 253 11.76 -11.84 -38.69
C ASP C 253 10.90 -12.90 -38.00
N VAL C 254 10.04 -12.47 -37.09
CA VAL C 254 9.20 -13.41 -36.38
C VAL C 254 7.79 -12.86 -36.22
N THR C 255 6.90 -13.70 -35.70
CA THR C 255 5.52 -13.29 -35.46
C THR C 255 5.26 -13.54 -33.98
N VAL C 256 4.15 -13.02 -33.46
CA VAL C 256 3.81 -13.23 -32.07
C VAL C 256 3.72 -14.73 -31.77
N GLU C 257 2.93 -15.45 -32.58
CA GLU C 257 2.72 -16.89 -32.40
C GLU C 257 4.03 -17.67 -32.39
N GLU C 258 4.92 -17.31 -33.31
CA GLU C 258 6.20 -17.97 -33.44
C GLU C 258 7.04 -17.82 -32.17
N VAL C 259 7.04 -16.62 -31.62
CA VAL C 259 7.78 -16.34 -30.40
C VAL C 259 7.19 -17.13 -29.23
N ASN C 260 5.88 -17.03 -29.04
CA ASN C 260 5.24 -17.75 -27.94
C ASN C 260 5.49 -19.24 -28.06
N ALA C 261 5.30 -19.79 -29.26
CA ALA C 261 5.53 -21.21 -29.49
C ALA C 261 6.95 -21.60 -29.09
N ALA C 262 7.92 -20.76 -29.44
CA ALA C 262 9.30 -21.03 -29.09
C ALA C 262 9.47 -21.07 -27.58
N MET C 263 8.77 -20.17 -26.89
CA MET C 263 8.85 -20.11 -25.45
C MET C 263 8.27 -21.36 -24.84
N LYS C 264 7.10 -21.76 -25.33
CA LYS C 264 6.41 -22.94 -24.84
C LYS C 264 7.29 -24.16 -25.02
N ALA C 265 7.96 -24.25 -26.18
CA ALA C 265 8.82 -25.39 -26.46
C ALA C 265 10.00 -25.43 -25.48
N ALA C 266 10.41 -24.26 -24.99
CA ALA C 266 11.53 -24.18 -24.07
C ALA C 266 11.11 -24.28 -22.60
N ALA C 267 9.83 -24.55 -22.37
CA ALA C 267 9.30 -24.66 -21.01
C ALA C 267 9.81 -25.91 -20.28
N ASN C 268 9.92 -25.82 -18.96
CA ASN C 268 10.37 -26.92 -18.12
C ASN C 268 10.17 -26.55 -16.64
N ASP C 269 10.80 -27.27 -15.72
CA ASP C 269 10.60 -26.95 -14.31
C ASP C 269 11.08 -25.55 -13.90
N SER C 270 12.07 -25.01 -14.59
CA SER C 270 12.59 -23.69 -14.26
C SER C 270 11.93 -22.59 -15.07
N TYR C 271 11.50 -22.93 -16.27
CA TYR C 271 10.88 -21.94 -17.14
C TYR C 271 9.45 -22.35 -17.46
N GLY C 272 8.50 -21.60 -16.91
CA GLY C 272 7.12 -21.92 -17.15
C GLY C 272 6.54 -21.21 -18.34
N TYR C 273 5.32 -21.58 -18.69
CA TYR C 273 4.63 -20.99 -19.82
C TYR C 273 3.18 -20.77 -19.41
N THR C 274 2.61 -19.64 -19.79
CA THR C 274 1.21 -19.38 -19.44
C THR C 274 0.53 -18.42 -20.40
N GLU C 275 -0.73 -18.72 -20.72
CA GLU C 275 -1.50 -17.84 -21.59
C GLU C 275 -2.65 -17.20 -20.82
N ASP C 276 -2.71 -17.41 -19.50
CA ASP C 276 -3.76 -16.80 -18.70
C ASP C 276 -3.32 -15.37 -18.36
N PRO C 277 -4.25 -14.41 -18.38
CA PRO C 277 -3.95 -13.00 -18.08
C PRO C 277 -3.71 -12.80 -16.59
N ILE C 278 -2.67 -13.43 -16.06
CA ILE C 278 -2.39 -13.32 -14.64
C ILE C 278 -1.92 -11.95 -14.19
N VAL C 279 -1.79 -11.84 -12.87
CA VAL C 279 -1.39 -10.61 -12.21
C VAL C 279 -0.24 -10.99 -11.25
N SER C 280 0.49 -10.00 -10.74
CA SER C 280 1.63 -10.31 -9.87
C SER C 280 1.39 -11.19 -8.65
N SER C 281 0.27 -11.00 -7.95
CA SER C 281 0.04 -11.83 -6.76
C SER C 281 -0.14 -13.32 -7.09
N ASP C 282 -0.52 -13.61 -8.33
CA ASP C 282 -0.72 -15.00 -8.78
C ASP C 282 0.60 -15.70 -8.95
N ILE C 283 1.67 -14.93 -8.86
CA ILE C 283 3.01 -15.44 -9.04
C ILE C 283 3.73 -15.68 -7.73
N VAL C 284 3.22 -15.10 -6.65
CA VAL C 284 3.87 -15.26 -5.35
C VAL C 284 3.93 -16.71 -4.90
N GLY C 285 5.13 -17.17 -4.58
CA GLY C 285 5.29 -18.53 -4.10
C GLY C 285 5.51 -19.64 -5.11
N ILE C 286 5.57 -19.32 -6.40
CA ILE C 286 5.78 -20.34 -7.42
C ILE C 286 7.20 -20.88 -7.43
N SER C 287 7.35 -22.08 -7.99
CA SER C 287 8.64 -22.74 -8.06
C SER C 287 9.40 -22.53 -9.35
N TYR C 288 8.75 -21.94 -10.34
CA TYR C 288 9.42 -21.66 -11.60
C TYR C 288 10.48 -20.59 -11.32
N GLY C 289 11.60 -20.65 -12.01
CA GLY C 289 12.61 -19.64 -11.82
C GLY C 289 12.17 -18.43 -12.62
N SER C 290 11.30 -18.67 -13.59
CA SER C 290 10.77 -17.64 -14.48
C SER C 290 9.51 -18.20 -15.15
N LEU C 291 8.53 -17.34 -15.41
CA LEU C 291 7.29 -17.76 -16.04
C LEU C 291 6.95 -16.85 -17.21
N PHE C 292 7.10 -17.37 -18.43
CA PHE C 292 6.80 -16.59 -19.63
C PHE C 292 5.30 -16.35 -19.75
N ASP C 293 4.93 -15.13 -20.12
CA ASP C 293 3.54 -14.74 -20.28
C ASP C 293 3.29 -14.44 -21.76
N ALA C 294 2.59 -15.35 -22.43
CA ALA C 294 2.31 -15.18 -23.84
C ALA C 294 1.35 -14.04 -24.16
N THR C 295 0.58 -13.60 -23.16
CA THR C 295 -0.39 -12.53 -23.37
C THR C 295 0.25 -11.17 -23.48
N GLN C 296 1.55 -11.08 -23.19
CA GLN C 296 2.21 -9.78 -23.25
C GLN C 296 3.21 -9.66 -24.39
N THR C 297 3.28 -10.68 -25.23
CA THR C 297 4.20 -10.66 -26.36
C THR C 297 3.82 -9.60 -27.40
N LYS C 298 4.82 -8.91 -27.90
CA LYS C 298 4.64 -7.88 -28.92
C LYS C 298 5.70 -8.01 -29.99
N VAL C 299 5.30 -7.98 -31.25
CA VAL C 299 6.24 -8.03 -32.36
C VAL C 299 5.80 -6.90 -33.29
N GLN C 300 6.52 -5.78 -33.21
CA GLN C 300 6.20 -4.60 -33.99
C GLN C 300 6.97 -4.59 -35.30
N THR C 301 6.24 -4.31 -36.39
CA THR C 301 6.86 -4.26 -37.70
C THR C 301 6.59 -2.91 -38.34
N VAL C 302 7.64 -2.11 -38.46
CA VAL C 302 7.55 -0.79 -39.05
C VAL C 302 8.57 -0.67 -40.17
N ASP C 303 8.06 -0.64 -41.40
CA ASP C 303 8.88 -0.53 -42.60
C ASP C 303 9.92 -1.64 -42.75
N GLY C 304 9.51 -2.87 -42.44
CA GLY C 304 10.42 -4.00 -42.57
C GLY C 304 11.29 -4.33 -41.36
N ASN C 305 11.36 -3.40 -40.41
CA ASN C 305 12.17 -3.62 -39.21
C ASN C 305 11.30 -4.09 -38.07
N GLN C 306 11.83 -5.02 -37.27
CA GLN C 306 11.07 -5.55 -36.14
C GLN C 306 11.68 -5.30 -34.77
N LEU C 307 10.79 -5.10 -33.82
CA LEU C 307 11.13 -4.86 -32.43
C LEU C 307 10.29 -5.90 -31.69
N VAL C 308 10.97 -6.82 -31.01
CA VAL C 308 10.29 -7.88 -30.28
C VAL C 308 10.30 -7.63 -28.77
N LYS C 309 9.15 -7.85 -28.14
CA LYS C 309 8.98 -7.66 -26.71
C LYS C 309 8.40 -8.90 -26.06
N VAL C 310 9.16 -9.49 -25.14
CA VAL C 310 8.71 -10.67 -24.42
C VAL C 310 8.71 -10.35 -22.92
N VAL C 311 7.84 -11.02 -22.18
CA VAL C 311 7.71 -10.76 -20.75
C VAL C 311 7.62 -12.03 -19.90
N SER C 312 8.23 -11.99 -18.72
CA SER C 312 8.20 -13.12 -17.78
C SER C 312 7.96 -12.64 -16.36
N TRP C 313 7.08 -13.34 -15.66
CA TRP C 313 6.77 -13.00 -14.28
C TRP C 313 7.76 -13.77 -13.41
N TYR C 314 7.82 -13.43 -12.13
CA TYR C 314 8.68 -14.16 -11.21
C TYR C 314 8.63 -13.62 -9.80
N ASP C 315 8.68 -14.55 -8.84
CA ASP C 315 8.69 -14.15 -7.45
C ASP C 315 10.15 -13.94 -7.08
N ASN C 316 10.59 -12.69 -7.07
CA ASN C 316 11.97 -12.36 -6.74
C ASN C 316 12.47 -13.10 -5.51
N GLU C 317 11.56 -13.61 -4.69
CA GLU C 317 11.96 -14.37 -3.52
C GLU C 317 11.94 -15.86 -3.80
N MET C 318 10.74 -16.43 -3.85
CA MET C 318 10.58 -17.87 -4.07
C MET C 318 11.04 -18.46 -5.41
N SER C 319 10.98 -17.70 -6.49
CA SER C 319 11.43 -18.25 -7.78
C SER C 319 12.93 -18.45 -7.73
N TYR C 320 13.62 -17.44 -7.20
CA TYR C 320 15.05 -17.48 -7.08
C TYR C 320 15.49 -18.53 -6.06
N THR C 321 14.72 -18.69 -4.99
CA THR C 321 15.04 -19.67 -3.96
C THR C 321 14.93 -21.06 -4.57
N SER C 322 13.88 -21.26 -5.36
CA SER C 322 13.66 -22.55 -5.99
C SER C 322 14.83 -22.90 -6.88
N GLN C 323 15.35 -21.90 -7.59
CA GLN C 323 16.49 -22.12 -8.47
C GLN C 323 17.72 -22.51 -7.66
N LEU C 324 17.96 -21.80 -6.57
CA LEU C 324 19.09 -22.06 -5.71
C LEU C 324 19.14 -23.50 -5.22
N VAL C 325 18.02 -24.04 -4.77
CA VAL C 325 18.02 -25.41 -4.27
C VAL C 325 18.12 -26.41 -5.41
N ARG C 326 17.62 -26.05 -6.60
CA ARG C 326 17.74 -26.96 -7.73
C ARG C 326 19.23 -27.08 -8.01
N THR C 327 19.93 -25.94 -7.98
CA THR C 327 21.37 -25.92 -8.23
C THR C 327 22.15 -26.60 -7.11
N LEU C 328 21.77 -26.33 -5.87
CA LEU C 328 22.43 -26.93 -4.71
C LEU C 328 22.44 -28.45 -4.81
N GLU C 329 21.29 -29.02 -5.12
CA GLU C 329 21.14 -30.47 -5.23
C GLU C 329 22.00 -31.07 -6.34
N TYR C 330 21.95 -30.46 -7.52
CA TYR C 330 22.72 -30.92 -8.66
C TYR C 330 24.20 -30.87 -8.36
N PHE C 331 24.68 -29.68 -7.97
CA PHE C 331 26.08 -29.48 -7.64
C PHE C 331 26.59 -30.53 -6.64
N ALA C 332 25.84 -30.75 -5.57
CA ALA C 332 26.24 -31.73 -4.56
C ALA C 332 26.33 -33.16 -5.11
N LYS C 333 25.37 -33.54 -5.94
CA LYS C 333 25.35 -34.88 -6.52
C LYS C 333 26.34 -35.04 -7.67
N ILE C 334 26.55 -33.96 -8.42
CA ILE C 334 27.48 -33.98 -9.55
C ILE C 334 28.80 -34.62 -9.15
N VAL D 2 14.10 37.91 15.95
CA VAL D 2 13.78 36.54 15.45
C VAL D 2 14.53 35.48 16.25
N VAL D 3 13.82 34.39 16.58
CA VAL D 3 14.41 33.29 17.32
C VAL D 3 15.26 32.48 16.36
N LYS D 4 16.56 32.38 16.63
CA LYS D 4 17.46 31.63 15.76
C LYS D 4 17.67 30.22 16.29
N VAL D 5 17.09 29.28 15.57
CA VAL D 5 17.12 27.86 15.91
C VAL D 5 18.22 27.03 15.24
N GLY D 6 18.71 26.04 15.98
CA GLY D 6 19.72 25.14 15.46
C GLY D 6 19.15 23.73 15.53
N ILE D 7 19.25 22.96 14.45
CA ILE D 7 18.72 21.60 14.46
C ILE D 7 19.84 20.56 14.48
N ASN D 8 19.73 19.58 15.37
CA ASN D 8 20.73 18.52 15.47
C ASN D 8 19.98 17.21 15.18
N GLY D 9 20.16 16.71 13.97
CA GLY D 9 19.49 15.49 13.54
C GLY D 9 18.54 15.89 12.44
N PHE D 10 18.90 15.58 11.20
CA PHE D 10 18.06 15.97 10.08
C PHE D 10 17.22 14.83 9.52
N GLY D 11 16.57 14.09 10.42
CA GLY D 11 15.70 12.98 10.05
C GLY D 11 14.32 13.52 9.68
N ARG D 12 13.29 12.68 9.75
CA ARG D 12 11.95 13.15 9.40
C ARG D 12 11.55 14.36 10.27
N ILE D 13 11.78 14.26 11.57
CA ILE D 13 11.46 15.34 12.48
C ILE D 13 12.25 16.64 12.21
N GLY D 14 13.57 16.53 12.14
CA GLY D 14 14.38 17.70 11.90
C GLY D 14 14.11 18.42 10.59
N ARG D 15 13.93 17.65 9.52
CA ARG D 15 13.67 18.26 8.22
C ARG D 15 12.31 18.93 8.19
N LEU D 16 11.31 18.30 8.82
CA LEU D 16 9.97 18.88 8.83
C LEU D 16 9.88 20.09 9.76
N ALA D 17 10.71 20.09 10.79
CA ALA D 17 10.72 21.22 11.71
C ALA D 17 11.24 22.38 10.88
N PHE D 18 12.26 22.07 10.07
CA PHE D 18 12.89 23.05 9.20
C PHE D 18 11.89 23.62 8.19
N ARG D 19 11.04 22.77 7.61
CA ARG D 19 10.09 23.28 6.62
C ARG D 19 9.05 24.15 7.33
N ARG D 20 8.55 23.67 8.46
CA ARG D 20 7.54 24.39 9.24
C ARG D 20 8.00 25.80 9.65
N ILE D 21 9.26 25.91 10.03
CA ILE D 21 9.84 27.18 10.45
C ILE D 21 9.79 28.22 9.30
N GLN D 22 9.88 27.76 8.07
CA GLN D 22 9.86 28.67 6.93
C GLN D 22 8.51 29.39 6.84
N ASN D 23 7.52 28.88 7.57
CA ASN D 23 6.19 29.48 7.57
C ASN D 23 5.87 30.13 8.91
N VAL D 24 6.88 30.30 9.75
CA VAL D 24 6.71 30.93 11.04
C VAL D 24 7.63 32.13 11.04
N GLU D 25 7.04 33.32 11.10
CA GLU D 25 7.75 34.59 11.06
C GLU D 25 8.87 34.87 12.06
N GLY D 26 8.59 34.73 13.35
CA GLY D 26 9.64 35.02 14.31
C GLY D 26 10.71 33.96 14.50
N VAL D 27 10.77 32.97 13.61
CA VAL D 27 11.76 31.92 13.75
C VAL D 27 12.45 31.56 12.45
N GLU D 28 13.72 31.18 12.58
CA GLU D 28 14.53 30.76 11.45
C GLU D 28 15.65 29.83 11.91
N VAL D 29 16.06 28.92 11.02
CA VAL D 29 17.14 27.98 11.32
C VAL D 29 18.41 28.51 10.68
N THR D 30 19.49 28.53 11.45
CA THR D 30 20.76 29.03 10.95
C THR D 30 21.90 28.02 11.04
N ARG D 31 21.61 26.84 11.57
CA ARG D 31 22.64 25.82 11.68
C ARG D 31 22.01 24.43 11.76
N ILE D 32 22.45 23.54 10.87
CA ILE D 32 21.97 22.17 10.84
C ILE D 32 23.18 21.29 11.13
N ASN D 33 23.01 20.30 11.99
CA ASN D 33 24.09 19.38 12.30
C ASN D 33 23.58 17.96 12.16
N ASP D 34 24.21 17.20 11.28
CA ASP D 34 23.81 15.82 11.04
C ASP D 34 25.01 15.08 10.43
N LEU D 35 25.16 13.80 10.77
CA LEU D 35 26.29 13.02 10.26
C LEU D 35 26.16 12.53 8.83
N THR D 36 25.05 12.88 8.17
CA THR D 36 24.82 12.43 6.79
C THR D 36 25.47 13.35 5.77
N ASP D 37 25.91 12.77 4.66
CA ASP D 37 26.51 13.54 3.58
C ASP D 37 25.52 14.64 3.21
N PRO D 38 26.00 15.89 3.13
CA PRO D 38 25.15 17.05 2.79
C PRO D 38 24.27 16.87 1.56
N ASN D 39 24.83 16.33 0.48
CA ASN D 39 24.07 16.13 -0.75
C ASN D 39 22.84 15.27 -0.51
N MET D 40 23.02 14.18 0.22
CA MET D 40 21.92 13.28 0.55
C MET D 40 20.82 14.09 1.26
N LEU D 41 21.20 14.82 2.29
CA LEU D 41 20.25 15.63 3.05
C LEU D 41 19.52 16.64 2.18
N ALA D 42 20.27 17.39 1.38
CA ALA D 42 19.67 18.39 0.51
C ALA D 42 18.59 17.73 -0.34
N HIS D 43 18.89 16.55 -0.87
CA HIS D 43 17.93 15.83 -1.70
C HIS D 43 16.66 15.51 -0.90
N LEU D 44 16.83 14.92 0.28
CA LEU D 44 15.69 14.57 1.12
C LEU D 44 14.89 15.79 1.60
N LEU D 45 15.49 16.97 1.51
CA LEU D 45 14.80 18.18 1.93
C LEU D 45 13.95 18.72 0.78
N LYS D 46 14.47 18.61 -0.44
CA LYS D 46 13.75 19.07 -1.62
C LYS D 46 12.58 18.15 -1.96
N TYR D 47 12.81 16.85 -1.77
CA TYR D 47 11.79 15.85 -2.07
C TYR D 47 11.34 15.07 -0.84
N ASP D 48 10.03 14.94 -0.69
CA ASP D 48 9.45 14.25 0.44
C ASP D 48 8.22 13.46 -0.02
N THR D 49 8.25 12.15 0.18
CA THR D 49 7.13 11.29 -0.24
C THR D 49 5.77 11.70 0.29
N THR D 50 5.69 12.10 1.56
CA THR D 50 4.42 12.48 2.17
C THR D 50 4.15 13.97 2.35
N GLN D 51 5.15 14.73 2.77
CA GLN D 51 4.94 16.16 2.99
C GLN D 51 5.10 17.00 1.71
N GLY D 52 5.28 16.34 0.58
CA GLY D 52 5.41 17.02 -0.70
C GLY D 52 6.72 17.68 -1.06
N ARG D 53 6.74 18.32 -2.22
CA ARG D 53 7.91 19.02 -2.71
C ARG D 53 8.19 20.23 -1.82
N PHE D 54 9.47 20.53 -1.59
CA PHE D 54 9.85 21.66 -0.77
C PHE D 54 9.28 22.96 -1.37
N ASP D 55 8.73 23.81 -0.50
CA ASP D 55 8.15 25.06 -0.97
C ASP D 55 9.26 26.08 -1.22
N GLY D 56 9.84 26.03 -2.41
CA GLY D 56 10.90 26.95 -2.75
C GLY D 56 12.10 26.30 -3.43
N THR D 57 13.30 26.74 -3.06
CA THR D 57 14.51 26.22 -3.67
C THR D 57 15.59 25.81 -2.67
N VAL D 58 16.30 24.73 -2.99
CA VAL D 58 17.37 24.22 -2.15
C VAL D 58 18.61 23.87 -2.99
N GLU D 59 19.77 24.38 -2.58
CA GLU D 59 21.01 24.11 -3.31
C GLU D 59 22.16 23.81 -2.36
N VAL D 60 23.01 22.86 -2.74
CA VAL D 60 24.17 22.54 -1.90
C VAL D 60 25.24 23.60 -2.16
N LYS D 61 25.72 24.22 -1.09
CA LYS D 61 26.74 25.25 -1.17
C LYS D 61 27.92 24.90 -0.29
N GLU D 62 29.01 25.66 -0.44
CA GLU D 62 30.19 25.41 0.36
C GLU D 62 29.88 25.63 1.83
N GLY D 63 29.91 24.54 2.61
CA GLY D 63 29.66 24.64 4.03
C GLY D 63 28.20 24.55 4.47
N GLY D 64 27.28 24.33 3.53
CA GLY D 64 25.87 24.23 3.89
C GLY D 64 24.95 24.32 2.70
N PHE D 65 23.74 24.83 2.91
CA PHE D 65 22.77 24.97 1.84
C PHE D 65 22.33 26.42 1.71
N GLU D 66 21.72 26.71 0.56
CA GLU D 66 21.14 28.01 0.31
C GLU D 66 19.66 27.63 0.15
N VAL D 67 18.84 28.00 1.11
CA VAL D 67 17.42 27.67 1.06
C VAL D 67 16.60 28.94 0.92
N ASN D 68 15.88 29.05 -0.19
CA ASN D 68 15.08 30.24 -0.46
C ASN D 68 15.93 31.50 -0.36
N GLY D 69 17.12 31.46 -0.96
CA GLY D 69 18.01 32.61 -0.96
C GLY D 69 18.77 32.86 0.33
N GLN D 70 18.59 32.01 1.32
CA GLN D 70 19.29 32.18 2.61
C GLN D 70 20.25 31.02 2.89
N PHE D 71 21.46 31.37 3.32
CA PHE D 71 22.47 30.36 3.62
C PHE D 71 22.23 29.74 4.99
N VAL D 72 22.43 28.43 5.06
CA VAL D 72 22.26 27.72 6.30
C VAL D 72 23.47 26.81 6.41
N LYS D 73 24.22 26.99 7.49
CA LYS D 73 25.41 26.17 7.71
C LYS D 73 24.97 24.77 8.08
N VAL D 74 25.66 23.77 7.52
CA VAL D 74 25.36 22.37 7.82
C VAL D 74 26.66 21.66 8.18
N SER D 75 26.81 21.32 9.46
CA SER D 75 28.01 20.63 9.88
C SER D 75 27.68 19.18 10.16
N ALA D 76 28.70 18.41 10.54
CA ALA D 76 28.54 17.00 10.84
C ALA D 76 29.32 16.61 12.10
N GLU D 77 29.14 17.38 13.16
CA GLU D 77 29.82 17.12 14.43
C GLU D 77 29.21 15.93 15.17
N ARG D 78 30.05 14.97 15.52
CA ARG D 78 29.60 13.79 16.25
C ARG D 78 29.23 14.17 17.69
N GLU D 79 29.98 15.09 18.28
CA GLU D 79 29.71 15.52 19.66
C GLU D 79 29.19 16.93 19.78
N PRO D 80 28.10 17.09 20.55
CA PRO D 80 27.47 18.40 20.76
C PRO D 80 28.46 19.42 21.30
N ALA D 81 29.46 18.95 22.03
CA ALA D 81 30.46 19.84 22.61
C ALA D 81 31.23 20.60 21.52
N ASN D 82 31.33 20.00 20.34
CA ASN D 82 32.06 20.60 19.23
C ASN D 82 31.21 21.35 18.22
N ILE D 83 30.06 21.83 18.64
CA ILE D 83 29.20 22.57 17.74
C ILE D 83 29.08 24.01 18.21
N ASP D 84 29.77 24.91 17.52
CA ASP D 84 29.76 26.34 17.84
C ASP D 84 28.43 26.99 17.43
N TRP D 85 27.33 26.62 18.09
CA TRP D 85 26.01 27.17 17.76
C TRP D 85 25.95 28.70 17.85
N ALA D 86 26.72 29.25 18.78
CA ALA D 86 26.78 30.70 19.00
C ALA D 86 27.22 31.43 17.75
N THR D 87 28.21 30.87 17.06
CA THR D 87 28.75 31.43 15.83
C THR D 87 27.65 31.82 14.84
N ASP D 88 26.64 30.97 14.74
CA ASP D 88 25.54 31.19 13.81
C ASP D 88 24.36 31.91 14.44
N GLY D 89 24.53 32.33 15.70
CA GLY D 89 23.48 33.04 16.39
C GLY D 89 22.41 32.15 17.00
N VAL D 90 22.58 30.84 16.93
CA VAL D 90 21.61 29.89 17.48
C VAL D 90 21.47 30.08 18.98
N GLU D 91 20.25 30.38 19.42
CA GLU D 91 19.99 30.57 20.86
C GLU D 91 19.32 29.33 21.43
N ILE D 92 18.59 28.61 20.59
CA ILE D 92 17.89 27.41 21.03
C ILE D 92 18.12 26.25 20.05
N VAL D 93 18.42 25.07 20.60
CA VAL D 93 18.68 23.88 19.80
C VAL D 93 17.57 22.81 19.86
N LEU D 94 17.28 22.17 18.73
CA LEU D 94 16.28 21.09 18.68
C LEU D 94 17.05 19.78 18.54
N GLU D 95 17.26 19.10 19.67
CA GLU D 95 17.98 17.84 19.72
C GLU D 95 17.08 16.68 19.28
N ALA D 96 17.21 16.27 18.02
CA ALA D 96 16.37 15.20 17.48
C ALA D 96 17.12 14.00 16.90
N THR D 97 18.38 13.81 17.31
CA THR D 97 19.17 12.69 16.81
C THR D 97 18.78 11.41 17.53
N GLY D 98 18.34 11.57 18.78
CA GLY D 98 17.95 10.43 19.59
C GLY D 98 19.07 9.90 20.46
N PHE D 99 20.27 10.46 20.30
CA PHE D 99 21.44 10.02 21.06
C PHE D 99 21.81 10.88 22.27
N PHE D 100 21.01 11.90 22.56
CA PHE D 100 21.28 12.78 23.69
C PHE D 100 19.98 13.09 24.43
N ALA D 101 19.20 12.03 24.69
CA ALA D 101 17.91 12.17 25.35
C ALA D 101 17.89 12.47 26.86
N SER D 102 19.05 12.63 27.48
CA SER D 102 19.07 12.94 28.92
C SER D 102 19.42 14.41 29.16
N LYS D 103 19.10 14.91 30.34
CA LYS D 103 19.40 16.29 30.67
C LYS D 103 20.91 16.53 30.60
N GLU D 104 21.69 15.62 31.18
CA GLU D 104 23.13 15.77 31.18
C GLU D 104 23.70 15.75 29.76
N LYS D 105 23.24 14.80 28.95
CA LYS D 105 23.71 14.69 27.57
C LYS D 105 23.24 15.86 26.71
N ALA D 106 22.00 16.29 26.92
CA ALA D 106 21.44 17.39 26.16
C ALA D 106 22.12 18.72 26.47
N GLU D 107 22.51 18.93 27.72
CA GLU D 107 23.16 20.19 28.08
C GLU D 107 24.51 20.39 27.40
N GLN D 108 25.05 19.34 26.79
CA GLN D 108 26.33 19.46 26.11
C GLN D 108 26.29 20.49 24.98
N HIS D 109 25.08 20.88 24.59
CA HIS D 109 24.87 21.87 23.53
C HIS D 109 25.01 23.24 24.15
N ILE D 110 24.85 23.29 25.46
CA ILE D 110 24.91 24.55 26.18
C ILE D 110 26.27 24.80 26.82
N HIS D 111 27.21 25.27 26.01
CA HIS D 111 28.55 25.63 26.47
C HIS D 111 28.76 27.13 26.18
N GLU D 112 30.00 27.59 26.21
CA GLU D 112 30.31 29.02 26.01
C GLU D 112 30.07 29.44 24.59
N ASN D 113 30.75 28.77 23.66
CA ASN D 113 30.55 29.02 22.22
C ASN D 113 29.45 28.07 21.71
N GLY D 114 28.34 28.05 22.43
CA GLY D 114 27.25 27.14 22.07
C GLY D 114 25.87 27.73 22.15
N ALA D 115 24.87 26.91 22.49
CA ALA D 115 23.49 27.36 22.56
C ALA D 115 23.05 27.59 24.00
N LYS D 116 21.94 28.31 24.16
CA LYS D 116 21.41 28.63 25.47
C LYS D 116 20.38 27.62 25.97
N LYS D 117 19.46 27.22 25.09
CA LYS D 117 18.41 26.27 25.44
C LYS D 117 18.31 25.09 24.47
N VAL D 118 17.90 23.94 25.01
CA VAL D 118 17.73 22.74 24.21
C VAL D 118 16.36 22.12 24.39
N VAL D 119 15.77 21.68 23.28
CA VAL D 119 14.47 21.02 23.30
C VAL D 119 14.69 19.66 22.67
N ILE D 120 14.53 18.60 23.44
CA ILE D 120 14.71 17.26 22.92
C ILE D 120 13.37 16.74 22.42
N THR D 121 13.40 15.88 21.41
CA THR D 121 12.17 15.32 20.85
C THR D 121 11.88 13.99 21.51
N ALA D 122 12.79 13.55 22.36
CA ALA D 122 12.65 12.28 23.07
C ALA D 122 11.81 12.51 24.31
N PRO D 123 11.49 11.42 25.03
CA PRO D 123 10.69 11.63 26.24
C PRO D 123 11.56 12.23 27.31
N GLY D 124 10.94 12.92 28.23
CA GLY D 124 11.69 13.55 29.29
C GLY D 124 11.36 12.81 30.58
N GLY D 125 11.49 13.44 31.74
CA GLY D 125 11.14 12.75 32.97
C GLY D 125 11.62 13.22 34.33
N ASN D 126 12.91 13.03 34.60
CA ASN D 126 13.45 13.44 35.89
C ASN D 126 13.69 14.95 35.93
N ASP D 127 14.82 15.40 35.41
CA ASP D 127 15.16 16.82 35.43
C ASP D 127 14.88 17.46 34.07
N VAL D 128 13.85 16.95 33.40
CA VAL D 128 13.44 17.47 32.09
C VAL D 128 11.91 17.51 31.97
N LYS D 129 11.36 18.73 31.89
CA LYS D 129 9.91 18.91 31.78
C LYS D 129 9.37 18.56 30.40
N THR D 130 8.30 17.78 30.37
CA THR D 130 7.67 17.39 29.13
C THR D 130 6.62 18.44 28.82
N VAL D 131 6.67 19.00 27.62
CA VAL D 131 5.75 20.05 27.24
C VAL D 131 4.96 19.87 25.94
N VAL D 132 3.63 19.97 26.05
CA VAL D 132 2.75 19.87 24.91
C VAL D 132 2.17 21.28 24.75
N PHE D 133 2.75 22.06 23.85
CA PHE D 133 2.28 23.43 23.65
C PHE D 133 0.76 23.59 23.65
N ASN D 134 0.31 24.68 24.26
CA ASN D 134 -1.11 25.04 24.40
C ASN D 134 -1.90 24.13 25.33
N THR D 135 -1.18 23.28 26.04
CA THR D 135 -1.83 22.38 27.00
C THR D 135 -1.16 22.57 28.35
N ASN D 136 0.17 22.51 28.37
CA ASN D 136 0.91 22.71 29.61
C ASN D 136 2.18 23.53 29.50
N HIS D 137 2.33 24.34 28.45
CA HIS D 137 3.54 25.17 28.35
C HIS D 137 3.57 26.26 29.42
N ASP D 138 2.50 26.31 30.21
CA ASP D 138 2.41 27.28 31.29
C ASP D 138 3.31 26.81 32.44
N ILE D 139 3.81 25.58 32.37
CA ILE D 139 4.67 25.08 33.45
C ILE D 139 6.13 25.51 33.28
N LEU D 140 6.40 26.23 32.20
CA LEU D 140 7.76 26.72 31.96
C LEU D 140 7.94 28.11 32.52
N ASP D 141 9.07 28.34 33.21
CA ASP D 141 9.34 29.65 33.77
C ASP D 141 10.51 30.30 33.03
N GLY D 142 11.10 29.56 32.11
CA GLY D 142 12.22 30.09 31.35
C GLY D 142 13.61 29.77 31.88
N THR D 143 13.70 29.41 33.16
CA THR D 143 14.99 29.10 33.76
C THR D 143 15.49 27.71 33.37
N GLU D 144 14.57 26.85 32.94
CA GLU D 144 14.91 25.48 32.54
C GLU D 144 15.97 25.51 31.43
N THR D 145 16.84 24.49 31.44
CA THR D 145 17.90 24.40 30.44
C THR D 145 17.46 23.45 29.31
N VAL D 146 16.94 22.28 29.70
CA VAL D 146 16.50 21.28 28.75
C VAL D 146 15.06 20.85 29.00
N ILE D 147 14.23 20.85 27.95
CA ILE D 147 12.85 20.41 28.08
C ILE D 147 12.54 19.48 26.91
N SER D 148 11.48 18.70 27.08
CA SER D 148 11.03 17.75 26.06
C SER D 148 9.72 18.24 25.46
N GLY D 149 9.55 17.98 24.17
CA GLY D 149 8.33 18.41 23.50
C GLY D 149 7.35 17.26 23.39
N ALA D 150 7.55 16.25 24.23
CA ALA D 150 6.68 15.07 24.24
C ALA D 150 6.86 14.26 22.97
N SER D 151 5.92 13.35 22.74
CA SER D 151 5.97 12.50 21.56
C SER D 151 4.82 12.85 20.62
N CYS D 152 4.89 12.34 19.39
CA CYS D 152 3.84 12.61 18.42
C CYS D 152 2.49 12.22 19.02
N THR D 153 2.43 11.06 19.67
CA THR D 153 1.17 10.59 20.25
C THR D 153 0.63 11.46 21.38
N THR D 154 1.52 11.90 22.27
CA THR D 154 1.11 12.72 23.41
C THR D 154 0.55 14.08 23.00
N ASN D 155 1.19 14.70 22.00
CA ASN D 155 0.72 16.01 21.54
C ASN D 155 -0.68 15.92 20.94
N CYS D 156 -1.10 14.72 20.61
CA CYS D 156 -2.42 14.52 20.06
C CYS D 156 -3.41 14.27 21.19
N LEU D 157 -3.06 13.33 22.05
CA LEU D 157 -3.88 12.95 23.18
C LEU D 157 -4.12 14.05 24.22
N ALA D 158 -3.04 14.65 24.73
CA ALA D 158 -3.13 15.69 25.76
C ALA D 158 -4.26 16.72 25.68
N PRO D 159 -4.34 17.50 24.58
CA PRO D 159 -5.41 18.49 24.48
C PRO D 159 -6.81 17.90 24.59
N MET D 160 -6.96 16.68 24.06
CA MET D 160 -8.25 15.99 24.10
C MET D 160 -8.57 15.54 25.53
N ALA D 161 -7.65 14.80 26.14
CA ALA D 161 -7.83 14.31 27.49
C ALA D 161 -8.00 15.48 28.45
N LYS D 162 -7.27 16.56 28.19
CA LYS D 162 -7.33 17.76 29.01
C LYS D 162 -8.76 18.31 29.07
N ALA D 163 -9.38 18.45 27.91
CA ALA D 163 -10.75 18.95 27.81
C ALA D 163 -11.70 18.07 28.61
N LEU D 164 -11.54 16.75 28.48
CA LEU D 164 -12.39 15.83 29.22
C LEU D 164 -12.22 16.03 30.73
N GLN D 165 -10.98 16.27 31.14
CA GLN D 165 -10.70 16.46 32.55
C GLN D 165 -11.29 17.78 33.07
N ASP D 166 -10.91 18.89 32.45
CA ASP D 166 -11.39 20.21 32.87
C ASP D 166 -12.90 20.38 32.89
N ASN D 167 -13.60 19.73 31.97
CA ASN D 167 -15.05 19.87 31.88
C ASN D 167 -15.88 18.85 32.67
N PHE D 168 -15.47 17.58 32.65
CA PHE D 168 -16.24 16.54 33.33
C PHE D 168 -15.47 15.73 34.39
N GLY D 169 -14.15 15.72 34.30
CA GLY D 169 -13.36 14.96 35.25
C GLY D 169 -13.24 13.54 34.74
N VAL D 170 -12.02 13.04 34.62
CA VAL D 170 -11.80 11.69 34.12
C VAL D 170 -11.52 10.71 35.25
N LYS D 171 -12.12 9.53 35.18
CA LYS D 171 -11.89 8.50 36.18
C LYS D 171 -10.73 7.66 35.66
N GLN D 172 -10.90 7.12 34.46
CA GLN D 172 -9.88 6.30 33.82
C GLN D 172 -10.21 6.13 32.34
N GLY D 173 -9.24 5.66 31.56
CA GLY D 173 -9.48 5.48 30.15
C GLY D 173 -8.42 4.68 29.43
N LEU D 174 -8.84 4.06 28.33
CA LEU D 174 -7.96 3.26 27.51
C LEU D 174 -7.91 3.89 26.15
N MET D 175 -6.71 3.97 25.61
CA MET D 175 -6.47 4.61 24.33
C MET D 175 -5.88 3.64 23.31
N THR D 176 -6.25 3.84 22.06
CA THR D 176 -5.73 3.04 20.98
C THR D 176 -5.47 4.00 19.82
N THR D 177 -4.27 3.95 19.26
CA THR D 177 -3.96 4.79 18.14
C THR D 177 -3.82 3.94 16.87
N ILE D 178 -4.60 4.27 15.84
CA ILE D 178 -4.49 3.59 14.56
C ILE D 178 -3.45 4.52 13.94
N HIS D 179 -2.21 4.08 14.02
CA HIS D 179 -1.02 4.81 13.62
C HIS D 179 -0.38 4.42 12.30
N ALA D 180 0.21 5.39 11.61
CA ALA D 180 0.90 5.11 10.35
C ALA D 180 2.15 4.31 10.71
N TYR D 181 2.73 3.61 9.75
CA TYR D 181 3.96 2.86 10.05
C TYR D 181 5.11 3.87 10.12
N THR D 182 6.13 3.57 10.93
CA THR D 182 7.26 4.50 11.06
C THR D 182 8.60 3.90 10.64
N GLY D 183 9.64 4.72 10.71
CA GLY D 183 10.98 4.30 10.34
C GLY D 183 11.60 3.19 11.16
N ASP D 184 11.09 2.91 12.35
CA ASP D 184 11.65 1.85 13.17
C ASP D 184 11.10 0.47 12.77
N GLN D 185 10.16 0.44 11.83
CA GLN D 185 9.63 -0.83 11.37
C GLN D 185 10.39 -1.27 10.13
N MET D 186 10.47 -2.58 9.93
CA MET D 186 11.14 -3.17 8.78
C MET D 186 10.29 -3.03 7.51
N ILE D 187 10.92 -2.71 6.39
CA ILE D 187 10.18 -2.59 5.14
C ILE D 187 9.76 -3.99 4.68
N LEU D 188 10.53 -5.00 5.10
CA LEU D 188 10.22 -6.40 4.79
C LEU D 188 10.68 -7.21 5.97
N ASP D 189 10.00 -8.34 6.20
CA ASP D 189 10.32 -9.22 7.32
C ASP D 189 11.81 -9.53 7.47
N GLY D 190 12.37 -9.10 8.59
CA GLY D 190 13.77 -9.33 8.87
C GLY D 190 14.06 -9.12 10.35
N PRO D 191 15.29 -9.42 10.80
CA PRO D 191 15.63 -9.25 12.22
C PRO D 191 15.57 -7.78 12.64
N HIS D 192 14.64 -7.44 13.52
CA HIS D 192 14.56 -6.07 13.99
C HIS D 192 15.69 -5.91 15.01
N ARG D 193 16.53 -4.90 14.82
CA ARG D 193 17.66 -4.71 15.72
C ARG D 193 17.34 -4.48 17.19
N GLY D 194 16.10 -4.09 17.47
CA GLY D 194 15.69 -3.89 18.85
C GLY D 194 15.12 -5.17 19.44
N GLY D 195 15.14 -6.25 18.65
CA GLY D 195 14.62 -7.53 19.12
C GLY D 195 13.10 -7.60 19.15
N ASP D 196 12.42 -6.58 18.65
CA ASP D 196 10.96 -6.56 18.64
C ASP D 196 10.41 -7.40 17.49
N LEU D 197 9.68 -8.45 17.85
CA LEU D 197 9.11 -9.38 16.87
C LEU D 197 7.96 -8.80 16.02
N ARG D 198 7.43 -7.65 16.40
CA ARG D 198 6.36 -7.08 15.61
C ARG D 198 6.88 -5.99 14.68
N ARG D 199 7.87 -5.23 15.15
CA ARG D 199 8.45 -4.19 14.32
C ARG D 199 9.41 -4.82 13.33
N ALA D 200 9.52 -6.15 13.42
CA ALA D 200 10.37 -6.94 12.55
C ALA D 200 9.61 -7.29 11.27
N ARG D 201 8.30 -7.09 11.31
CA ARG D 201 7.45 -7.40 10.17
C ARG D 201 7.25 -6.23 9.20
N ALA D 202 7.02 -6.58 7.93
CA ALA D 202 6.81 -5.58 6.87
C ALA D 202 5.76 -4.55 7.32
N GLY D 203 6.24 -3.32 7.55
CA GLY D 203 5.36 -2.26 8.03
C GLY D 203 4.25 -1.79 7.12
N ALA D 204 4.45 -1.87 5.80
CA ALA D 204 3.44 -1.40 4.88
C ALA D 204 2.55 -2.51 4.31
N ALA D 205 2.56 -3.68 4.94
CA ALA D 205 1.75 -4.79 4.47
C ALA D 205 1.09 -5.54 5.63
N ASN D 206 0.95 -4.87 6.77
CA ASN D 206 0.37 -5.50 7.96
C ASN D 206 -0.28 -4.51 8.90
N ILE D 207 -1.18 -5.02 9.71
CA ILE D 207 -1.79 -4.22 10.77
C ILE D 207 -0.85 -4.76 11.86
N VAL D 208 -0.09 -3.87 12.50
CA VAL D 208 0.87 -4.32 13.50
C VAL D 208 0.71 -3.75 14.90
N PRO D 209 0.39 -4.60 15.88
CA PRO D 209 0.23 -4.14 17.26
C PRO D 209 1.54 -3.52 17.73
N ASN D 210 1.47 -2.42 18.49
CA ASN D 210 2.67 -1.77 18.98
C ASN D 210 2.40 -1.01 20.28
N SER D 211 3.35 -1.07 21.20
CA SER D 211 3.19 -0.40 22.49
C SER D 211 3.69 1.05 22.47
N THR D 212 2.89 1.94 23.06
CA THR D 212 3.22 3.36 23.14
C THR D 212 3.31 3.72 24.63
N GLY D 213 3.93 4.85 24.93
CA GLY D 213 4.04 5.24 26.32
C GLY D 213 3.24 6.50 26.60
N ALA D 214 2.67 7.06 25.54
CA ALA D 214 1.88 8.28 25.64
C ALA D 214 0.95 8.29 26.84
N ALA D 215 0.00 7.37 26.84
CA ALA D 215 -0.99 7.27 27.91
C ALA D 215 -0.42 7.14 29.32
N LYS D 216 0.66 6.39 29.48
CA LYS D 216 1.27 6.20 30.79
C LYS D 216 1.90 7.49 31.32
N ALA D 217 2.79 8.08 30.54
CA ALA D 217 3.48 9.31 30.93
C ALA D 217 2.66 10.59 30.67
N ILE D 218 1.37 10.43 30.40
CA ILE D 218 0.53 11.59 30.14
C ILE D 218 0.41 12.42 31.41
N GLY D 219 0.71 11.80 32.55
CA GLY D 219 0.63 12.48 33.82
C GLY D 219 1.68 13.58 33.90
N LEU D 220 2.80 13.36 33.19
CA LEU D 220 3.89 14.32 33.12
C LEU D 220 3.39 15.63 32.50
N VAL D 221 2.36 15.52 31.68
CA VAL D 221 1.79 16.69 31.02
C VAL D 221 0.51 17.15 31.71
N ILE D 222 -0.27 16.21 32.24
CA ILE D 222 -1.50 16.53 32.97
C ILE D 222 -1.48 15.72 34.26
N PRO D 223 -0.85 16.27 35.32
CA PRO D 223 -0.71 15.66 36.65
C PRO D 223 -1.94 14.95 37.21
N GLU D 224 -3.11 15.55 37.02
CA GLU D 224 -4.36 14.97 37.52
C GLU D 224 -4.63 13.57 36.95
N LEU D 225 -4.31 13.39 35.67
CA LEU D 225 -4.55 12.13 34.98
C LEU D 225 -3.46 11.08 35.21
N ASN D 226 -2.51 11.38 36.09
CA ASN D 226 -1.43 10.44 36.37
C ASN D 226 -1.96 9.06 36.75
N GLY D 227 -1.49 8.03 36.04
CA GLY D 227 -1.93 6.67 36.32
C GLY D 227 -3.35 6.35 35.90
N LYS D 228 -4.09 7.36 35.44
CA LYS D 228 -5.48 7.18 35.04
C LYS D 228 -5.66 6.70 33.60
N LEU D 229 -4.61 6.81 32.78
CA LEU D 229 -4.70 6.39 31.39
C LEU D 229 -3.61 5.39 31.03
N ASP D 230 -3.90 4.59 30.00
CA ASP D 230 -2.99 3.59 29.48
C ASP D 230 -3.44 3.29 28.06
N GLY D 231 -2.56 2.74 27.25
CA GLY D 231 -2.96 2.46 25.88
C GLY D 231 -1.93 1.77 25.03
N ALA D 232 -2.24 1.66 23.75
CA ALA D 232 -1.37 1.00 22.80
C ALA D 232 -1.66 1.49 21.39
N ALA D 233 -1.06 0.85 20.40
CA ALA D 233 -1.25 1.25 19.01
C ALA D 233 -1.34 0.09 18.02
N GLN D 234 -1.86 0.40 16.85
CA GLN D 234 -1.98 -0.56 15.76
C GLN D 234 -1.39 0.19 14.58
N ARG D 235 -0.17 -0.19 14.18
CA ARG D 235 0.50 0.42 13.04
C ARG D 235 -0.20 -0.12 11.79
N VAL D 236 -0.53 0.76 10.86
CA VAL D 236 -1.22 0.33 9.64
C VAL D 236 -0.55 0.89 8.40
N PRO D 237 -0.83 0.29 7.23
CA PRO D 237 -0.28 0.69 5.93
C PRO D 237 -0.61 2.07 5.38
N VAL D 238 -0.11 3.10 6.07
CA VAL D 238 -0.27 4.50 5.67
C VAL D 238 1.07 5.13 6.04
N PRO D 239 1.76 5.74 5.06
CA PRO D 239 3.07 6.37 5.30
C PRO D 239 3.11 7.50 6.33
N THR D 240 1.94 8.09 6.60
CA THR D 240 1.84 9.15 7.59
C THR D 240 0.36 9.49 7.80
N GLY D 241 0.04 10.00 8.99
CA GLY D 241 -1.34 10.31 9.30
C GLY D 241 -1.80 9.28 10.29
N SER D 242 -2.35 9.72 11.42
CA SER D 242 -2.80 8.79 12.45
C SER D 242 -4.09 9.27 13.11
N VAL D 243 -4.64 8.44 13.99
CA VAL D 243 -5.89 8.78 14.67
C VAL D 243 -5.89 8.14 16.06
N THR D 244 -6.22 8.91 17.08
CA THR D 244 -6.25 8.39 18.45
C THR D 244 -7.66 8.29 19.02
N GLU D 245 -8.01 7.10 19.50
CA GLU D 245 -9.32 6.87 20.09
C GLU D 245 -9.21 6.69 21.60
N LEU D 246 -9.84 7.59 22.36
CA LEU D 246 -9.81 7.47 23.81
C LEU D 246 -11.18 6.96 24.30
N VAL D 247 -11.16 5.98 25.21
CA VAL D 247 -12.37 5.42 25.78
C VAL D 247 -12.24 5.58 27.28
N ALA D 248 -13.13 6.36 27.89
CA ALA D 248 -13.05 6.61 29.32
C ALA D 248 -14.38 6.66 30.07
N THR D 249 -14.27 6.77 31.39
CA THR D 249 -15.41 6.90 32.30
C THR D 249 -15.23 8.27 32.94
N LEU D 250 -16.31 9.02 33.06
CA LEU D 250 -16.23 10.36 33.62
C LEU D 250 -16.82 10.54 35.02
N GLU D 251 -16.51 11.69 35.63
CA GLU D 251 -17.00 11.99 36.97
C GLU D 251 -18.50 12.29 36.93
N LYS D 252 -18.99 12.71 35.77
CA LYS D 252 -20.41 13.04 35.61
C LYS D 252 -20.94 12.53 34.27
N ASP D 253 -22.26 12.53 34.12
CA ASP D 253 -22.86 12.07 32.88
C ASP D 253 -22.76 13.16 31.81
N VAL D 254 -22.73 12.74 30.55
CA VAL D 254 -22.62 13.67 29.43
C VAL D 254 -23.42 13.17 28.23
N THR D 255 -23.48 14.02 27.21
CA THR D 255 -24.18 13.69 25.98
C THR D 255 -23.21 13.96 24.84
N VAL D 256 -23.48 13.41 23.67
CA VAL D 256 -22.59 13.64 22.55
C VAL D 256 -22.42 15.15 22.34
N GLU D 257 -23.52 15.88 22.29
CA GLU D 257 -23.49 17.34 22.09
C GLU D 257 -22.61 18.02 23.13
N GLU D 258 -22.79 17.64 24.39
CA GLU D 258 -22.01 18.18 25.51
C GLU D 258 -20.51 18.02 25.24
N VAL D 259 -20.10 16.78 24.99
CA VAL D 259 -18.70 16.46 24.72
C VAL D 259 -18.15 17.23 23.51
N ASN D 260 -18.80 17.09 22.36
CA ASN D 260 -18.33 17.81 21.17
C ASN D 260 -18.23 19.31 21.44
N ALA D 261 -19.30 19.90 21.99
CA ALA D 261 -19.32 21.32 22.29
C ALA D 261 -18.12 21.74 23.15
N ALA D 262 -17.79 20.91 24.13
CA ALA D 262 -16.67 21.18 25.03
C ALA D 262 -15.35 21.15 24.26
N MET D 263 -15.22 20.18 23.37
CA MET D 263 -14.00 20.07 22.57
C MET D 263 -13.89 21.32 21.71
N LYS D 264 -15.01 21.70 21.09
CA LYS D 264 -15.02 22.90 20.25
C LYS D 264 -14.60 24.12 21.05
N ALA D 265 -15.02 24.18 22.31
CA ALA D 265 -14.67 25.31 23.16
C ALA D 265 -13.17 25.36 23.44
N ALA D 266 -12.54 24.20 23.54
CA ALA D 266 -11.09 24.14 23.83
C ALA D 266 -10.22 24.30 22.59
N ALA D 267 -10.84 24.53 21.44
CA ALA D 267 -10.10 24.67 20.20
C ALA D 267 -9.22 25.90 20.11
N ASN D 268 -8.06 25.73 19.51
CA ASN D 268 -7.10 26.80 19.32
C ASN D 268 -6.16 26.38 18.19
N ASP D 269 -4.95 26.91 18.12
CA ASP D 269 -4.05 26.54 17.02
C ASP D 269 -3.47 25.14 17.13
N SER D 270 -3.34 24.65 18.36
CA SER D 270 -2.78 23.32 18.59
C SER D 270 -3.85 22.24 18.61
N TYR D 271 -5.09 22.65 18.81
CA TYR D 271 -6.21 21.71 18.87
C TYR D 271 -7.37 22.16 18.02
N GLY D 272 -7.45 21.65 16.79
CA GLY D 272 -8.52 22.01 15.89
C GLY D 272 -9.77 21.20 16.15
N TYR D 273 -10.88 21.62 15.54
CA TYR D 273 -12.17 20.94 15.71
C TYR D 273 -12.85 20.81 14.36
N THR D 274 -13.34 19.62 14.06
CA THR D 274 -14.02 19.42 12.79
C THR D 274 -15.26 18.54 12.92
N GLU D 275 -16.18 18.69 11.97
CA GLU D 275 -17.40 17.91 11.96
C GLU D 275 -17.61 17.26 10.61
N ASP D 276 -16.60 17.34 9.75
CA ASP D 276 -16.67 16.72 8.43
C ASP D 276 -16.13 15.31 8.55
N PRO D 277 -16.76 14.34 7.88
CA PRO D 277 -16.33 12.94 7.90
C PRO D 277 -15.01 12.83 7.14
N ILE D 278 -13.95 13.47 7.65
CA ILE D 278 -12.68 13.41 6.96
C ILE D 278 -12.04 12.04 7.07
N VAL D 279 -10.94 11.87 6.39
CA VAL D 279 -10.28 10.60 6.43
C VAL D 279 -8.77 10.84 6.59
N SER D 280 -8.03 9.78 6.86
CA SER D 280 -6.58 9.85 7.07
C SER D 280 -5.77 10.86 6.24
N SER D 281 -5.76 10.71 4.93
CA SER D 281 -4.97 11.62 4.10
C SER D 281 -5.36 13.09 4.22
N ASP D 282 -6.52 13.37 4.83
CA ASP D 282 -6.97 14.75 4.97
C ASP D 282 -6.23 15.57 6.03
N ILE D 283 -5.47 14.91 6.90
CA ILE D 283 -4.74 15.63 7.93
C ILE D 283 -3.24 15.60 7.72
N VAL D 284 -2.82 15.07 6.58
CA VAL D 284 -1.39 15.02 6.27
C VAL D 284 -0.91 16.43 6.01
N GLY D 285 0.08 16.87 6.78
CA GLY D 285 0.61 18.21 6.61
C GLY D 285 -0.06 19.30 7.43
N ILE D 286 -1.07 18.95 8.23
CA ILE D 286 -1.76 19.94 9.03
C ILE D 286 -0.85 20.47 10.14
N SER D 287 -1.12 21.71 10.55
CA SER D 287 -0.32 22.33 11.59
C SER D 287 -0.95 22.22 12.97
N TYR D 288 -2.11 21.56 13.08
CA TYR D 288 -2.75 21.36 14.38
C TYR D 288 -1.97 20.25 15.06
N GLY D 289 -1.85 20.31 16.39
CA GLY D 289 -1.14 19.27 17.09
C GLY D 289 -2.10 18.10 17.28
N SER D 290 -3.39 18.40 17.14
CA SER D 290 -4.44 17.40 17.32
C SER D 290 -5.71 17.98 16.69
N LEU D 291 -6.49 17.15 16.01
CA LEU D 291 -7.72 17.62 15.39
C LEU D 291 -8.91 16.78 15.81
N PHE D 292 -9.68 17.29 16.76
CA PHE D 292 -10.85 16.57 17.26
C PHE D 292 -11.88 16.31 16.17
N ASP D 293 -12.37 15.09 16.10
CA ASP D 293 -13.37 14.74 15.10
C ASP D 293 -14.68 14.47 15.84
N ALA D 294 -15.62 15.40 15.71
CA ALA D 294 -16.91 15.26 16.39
C ALA D 294 -17.82 14.19 15.80
N THR D 295 -17.47 13.65 14.65
CA THR D 295 -18.32 12.63 14.04
C THR D 295 -18.05 11.23 14.57
N GLN D 296 -17.01 11.08 15.38
CA GLN D 296 -16.70 9.76 15.92
C GLN D 296 -17.00 9.63 17.42
N THR D 297 -17.54 10.68 17.99
CA THR D 297 -17.86 10.66 19.42
C THR D 297 -19.00 9.71 19.78
N LYS D 298 -18.82 9.00 20.90
CA LYS D 298 -19.82 8.06 21.39
C LYS D 298 -19.99 8.19 22.88
N VAL D 299 -21.24 8.23 23.31
CA VAL D 299 -21.54 8.26 24.72
C VAL D 299 -22.48 7.07 24.88
N GLN D 300 -21.96 5.95 25.34
CA GLN D 300 -22.78 4.77 25.50
C GLN D 300 -23.28 4.69 26.93
N THR D 301 -24.60 4.67 27.08
CA THR D 301 -25.22 4.58 28.40
C THR D 301 -25.90 3.23 28.52
N VAL D 302 -25.44 2.42 29.45
CA VAL D 302 -26.00 1.10 29.66
C VAL D 302 -26.25 0.89 31.15
N ASP D 303 -27.52 0.67 31.47
CA ASP D 303 -27.93 0.43 32.85
C ASP D 303 -27.45 1.55 33.79
N GLY D 304 -27.49 2.79 33.31
CA GLY D 304 -27.07 3.92 34.11
C GLY D 304 -25.59 4.32 34.05
N ASN D 305 -24.72 3.42 33.59
CA ASN D 305 -23.31 3.73 33.51
C ASN D 305 -22.92 4.17 32.10
N GLN D 306 -21.89 4.99 31.99
CA GLN D 306 -21.48 5.47 30.68
C GLN D 306 -20.03 5.25 30.31
N LEU D 307 -19.82 5.00 29.02
CA LEU D 307 -18.49 4.86 28.45
C LEU D 307 -18.47 5.97 27.41
N VAL D 308 -17.45 6.82 27.47
CA VAL D 308 -17.36 7.93 26.53
C VAL D 308 -16.20 7.70 25.56
N LYS D 309 -16.47 7.94 24.28
CA LYS D 309 -15.44 7.75 23.27
C LYS D 309 -15.17 9.02 22.47
N VAL D 310 -13.93 9.51 22.55
CA VAL D 310 -13.52 10.69 21.81
C VAL D 310 -12.33 10.36 20.93
N VAL D 311 -12.35 10.86 19.70
CA VAL D 311 -11.30 10.59 18.74
C VAL D 311 -10.67 11.85 18.11
N SER D 312 -9.35 11.86 18.00
CA SER D 312 -8.63 12.98 17.41
C SER D 312 -7.64 12.52 16.36
N TRP D 313 -7.62 13.22 15.22
CA TRP D 313 -6.68 12.90 14.16
C TRP D 313 -5.41 13.70 14.39
N TYR D 314 -4.35 13.26 13.74
CA TYR D 314 -3.08 13.98 13.82
C TYR D 314 -2.06 13.40 12.86
N ASP D 315 -1.31 14.29 12.23
CA ASP D 315 -0.27 13.85 11.33
C ASP D 315 0.90 13.57 12.25
N ASN D 316 1.17 12.30 12.52
CA ASN D 316 2.27 11.93 13.40
C ASN D 316 3.57 12.64 13.05
N GLU D 317 3.63 13.27 11.87
CA GLU D 317 4.82 14.01 11.46
C GLU D 317 4.65 15.54 11.59
N MET D 318 3.90 16.16 10.68
CA MET D 318 3.74 17.61 10.73
C MET D 318 3.00 18.18 11.95
N SER D 319 2.07 17.43 12.53
CA SER D 319 1.37 17.93 13.71
C SER D 319 2.37 18.00 14.86
N TYR D 320 3.13 16.93 15.04
CA TYR D 320 4.13 16.86 16.07
C TYR D 320 5.18 17.95 15.79
N THR D 321 5.59 18.02 14.52
CA THR D 321 6.58 19.01 14.10
C THR D 321 6.10 20.44 14.37
N SER D 322 4.82 20.69 14.12
CA SER D 322 4.26 22.02 14.34
C SER D 322 4.30 22.37 15.83
N GLN D 323 4.00 21.39 16.67
CA GLN D 323 4.02 21.59 18.12
C GLN D 323 5.44 21.88 18.64
N LEU D 324 6.44 21.21 18.07
CA LEU D 324 7.82 21.42 18.50
C LEU D 324 8.27 22.83 18.14
N VAL D 325 7.94 23.27 16.94
CA VAL D 325 8.30 24.62 16.51
C VAL D 325 7.64 25.65 17.44
N ARG D 326 6.35 25.45 17.74
CA ARG D 326 5.62 26.35 18.63
C ARG D 326 6.20 26.34 20.05
N THR D 327 6.85 25.25 20.43
CA THR D 327 7.46 25.13 21.76
C THR D 327 8.87 25.73 21.72
N LEU D 328 9.53 25.64 20.58
CA LEU D 328 10.88 26.17 20.42
C LEU D 328 10.82 27.69 20.50
N GLU D 329 9.92 28.28 19.72
CA GLU D 329 9.77 29.72 19.69
C GLU D 329 9.47 30.27 21.10
N TYR D 330 8.46 29.71 21.75
CA TYR D 330 8.07 30.15 23.09
C TYR D 330 9.21 30.03 24.09
N PHE D 331 9.77 28.84 24.20
CA PHE D 331 10.86 28.59 25.13
C PHE D 331 12.02 29.55 24.87
N ALA D 332 12.21 29.92 23.61
CA ALA D 332 13.29 30.81 23.24
C ALA D 332 13.05 32.22 23.77
N LYS D 333 11.81 32.70 23.70
CA LYS D 333 11.50 34.04 24.15
C LYS D 333 11.09 34.19 25.61
N ILE D 334 10.82 33.08 26.28
CA ILE D 334 10.48 33.14 27.70
C ILE D 334 11.81 32.87 28.39
N ALA D 335 12.80 32.54 27.57
CA ALA D 335 14.15 32.21 28.03
C ALA D 335 14.80 33.22 28.94
N LYS D 336 15.27 32.71 30.07
CA LYS D 336 15.96 33.51 31.07
C LYS D 336 17.32 32.83 31.27
N LEU D 337 18.40 33.59 31.11
CA LEU D 337 19.75 33.05 31.27
C LEU D 337 19.97 32.42 32.64
N GLU D 338 20.35 31.15 32.64
CA GLU D 338 20.59 30.38 33.86
C GLU D 338 21.76 30.94 34.69
#